data_7RDH
#
_entry.id   7RDH
#
_cell.length_a   69.916
_cell.length_b   240.845
_cell.length_c   70.704
_cell.angle_alpha   90.000
_cell.angle_beta   117.304
_cell.angle_gamma   90.000
#
_symmetry.space_group_name_H-M   'P 1 21 1'
#
loop_
_entity.id
_entity.type
_entity.pdbx_description
1 polymer 'Hemagglutinin HA1 chain'
2 polymer 'Hemagglutinin HA2 chain'
3 polymer 'De novo designed protein H3mb'
4 branched 2-acetamido-2-deoxy-beta-D-glucopyranose-(1-4)-2-acetamido-2-deoxy-beta-D-glucopyranose
5 branched beta-D-mannopyranose-(1-4)-2-acetamido-2-deoxy-beta-D-glucopyranose-(1-4)-2-acetamido-2-deoxy-beta-D-glucopyranose
6 non-polymer 2-acetamido-2-deoxy-beta-D-glucopyranose
7 water water
#
loop_
_entity_poly.entity_id
_entity_poly.type
_entity_poly.pdbx_seq_one_letter_code
_entity_poly.pdbx_strand_id
1 'polypeptide(L)'
;ADPGATLCLGHHAVPNGTLVKTITDDQIEVTNATELVQSSSTGKICNNPHRILDGIDCTLIDALLGDPHCDVFQNETWDL
FVERSKAFSNCYPYDVPDYASLRSLVASSGTLEFITEGFTWTGVTQNGGSNACKRGPGSGFFSRLNWLTKSGSTYPVLNV
TMPNNDNFDKLYIWGVHHPSTNQEQTSLYVQASGRVTVSTRRSQQTIIPNIGSRPWVRGLSSRISIYWTIVKPGDVLVIN
SNGNLIAPRGYFKMRTGKSSIMRSDAPIDTCISECITPNGSIPNDKPFQNVNKITYGACPKYVKQNTLKLATGMRNVPEK
QTR
;
A,C,E
2 'polypeptide(L)'
;GLFGAIAGFIENGWEGMIDGWYGFRHQNSEGTGQAADLKSTQAAIDQINGKLNRVIEKTNEKFHQIEKEFSEVEGRIQDL
EKYVEDTKIDLWSYNAELLVALENQHTIDLTDSEMNKLFEKTGRQLRENAEDMGNGCFKIYHKCDNACIESIRNGTYDHD
VYRDEALNNRFQIKGVSGGGGLNDIFEAQKIEWHERLVPRGSPGSGYIPEAPRDGQAYVRKDGEWVLLSTFLGHHHHHH
;
B,D,F
3 'polypeptide(L)' MSHHHHHHHHSENLYFQSGGSQHEKFLEWMLRKIEEAIKRGNKISAEFLINLAKNFIHVLGDDEIRRRLERLERQLH G,H
#
loop_
_chem_comp.id
_chem_comp.type
_chem_comp.name
_chem_comp.formula
BMA D-saccharide, beta linking beta-D-mannopyranose 'C6 H12 O6'
NAG D-saccharide, beta linking 2-acetamido-2-deoxy-beta-D-glucopyranose 'C8 H15 N O6'
#
# COMPACT_ATOMS: atom_id res chain seq x y z
N PRO A 3 63.05 13.71 -18.71
CA PRO A 3 62.01 14.63 -19.19
C PRO A 3 60.61 14.03 -19.06
N GLY A 4 59.61 14.82 -19.43
CA GLY A 4 58.22 14.41 -19.30
C GLY A 4 57.64 14.70 -17.93
N ALA A 5 56.38 14.33 -17.77
CA ALA A 5 55.66 14.53 -16.53
C ALA A 5 54.60 13.47 -16.38
N THR A 6 54.08 13.33 -15.17
CA THR A 6 53.00 12.41 -14.86
C THR A 6 51.82 13.21 -14.32
N LEU A 7 50.64 12.96 -14.85
CA LEU A 7 49.40 13.61 -14.41
C LEU A 7 48.43 12.53 -13.98
N CYS A 8 48.14 12.47 -12.69
CA CYS A 8 47.31 11.42 -12.12
C CYS A 8 45.95 11.98 -11.73
N LEU A 9 44.89 11.27 -12.11
CA LEU A 9 43.53 11.58 -11.70
C LEU A 9 43.17 10.75 -10.48
N GLY A 10 42.35 11.33 -9.61
CA GLY A 10 41.96 10.63 -8.40
C GLY A 10 40.73 11.26 -7.79
N HIS A 11 40.30 10.67 -6.67
CA HIS A 11 39.13 11.13 -5.95
C HIS A 11 39.44 11.11 -4.46
N HIS A 12 38.60 11.75 -3.67
CA HIS A 12 38.89 11.86 -2.25
C HIS A 12 38.45 10.60 -1.51
N ALA A 13 38.88 10.52 -0.25
CA ALA A 13 38.51 9.42 0.63
C ALA A 13 38.49 9.96 2.06
N VAL A 14 37.85 9.19 2.95
CA VAL A 14 37.73 9.60 4.34
C VAL A 14 38.25 8.48 5.23
N PRO A 15 38.71 8.78 6.45
CA PRO A 15 39.18 7.70 7.33
C PRO A 15 38.07 6.75 7.76
N ASN A 16 36.91 7.28 8.16
CA ASN A 16 35.80 6.47 8.65
C ASN A 16 34.59 6.72 7.76
N GLY A 17 34.32 5.78 6.84
CA GLY A 17 33.15 5.84 6.01
C GLY A 17 31.91 5.37 6.75
N THR A 18 30.80 5.29 6.02
CA THR A 18 29.53 4.82 6.55
C THR A 18 28.98 3.74 5.65
N LEU A 19 28.41 2.69 6.25
CA LEU A 19 27.85 1.58 5.51
C LEU A 19 26.40 1.88 5.12
N VAL A 20 26.06 1.56 3.87
CA VAL A 20 24.71 1.73 3.35
C VAL A 20 24.31 0.48 2.58
N LYS A 21 23.01 0.38 2.28
CA LYS A 21 22.46 -0.71 1.49
C LYS A 21 22.28 -0.25 0.04
N THR A 22 22.50 -1.17 -0.89
CA THR A 22 22.24 -0.90 -2.30
C THR A 22 21.38 -2.01 -2.89
N ILE A 23 21.24 -2.01 -4.21
CA ILE A 23 20.50 -3.09 -4.87
C ILE A 23 21.33 -4.37 -4.88
N THR A 24 22.65 -4.24 -5.06
CA THR A 24 23.52 -5.40 -5.24
C THR A 24 24.34 -5.74 -3.98
N ASP A 25 24.49 -4.81 -3.05
CA ASP A 25 25.28 -5.04 -1.84
C ASP A 25 24.47 -4.63 -0.62
N ASP A 26 24.51 -5.48 0.42
CA ASP A 26 23.76 -5.20 1.64
C ASP A 26 24.49 -4.19 2.52
N GLN A 27 25.82 -4.19 2.49
CA GLN A 27 26.62 -3.24 3.27
C GLN A 27 27.80 -2.82 2.40
N ILE A 28 27.79 -1.58 1.94
CA ILE A 28 28.89 -1.03 1.16
C ILE A 28 29.25 0.33 1.74
N GLU A 29 30.54 0.65 1.73
CA GLU A 29 31.04 1.83 2.42
C GLU A 29 31.10 3.02 1.48
N VAL A 30 30.47 4.13 1.90
CA VAL A 30 30.49 5.39 1.18
C VAL A 30 31.11 6.43 2.10
N THR A 31 31.36 7.62 1.55
CA THR A 31 32.04 8.65 2.32
C THR A 31 31.14 9.24 3.40
N ASN A 32 29.85 9.47 3.10
CA ASN A 32 28.93 9.96 4.12
C ASN A 32 27.51 9.56 3.73
N ALA A 33 26.64 9.50 4.73
CA ALA A 33 25.24 9.19 4.51
C ALA A 33 24.41 9.95 5.54
N THR A 34 23.09 9.98 5.30
CA THR A 34 22.17 10.68 6.18
C THR A 34 21.04 9.74 6.59
N GLU A 35 20.49 10.00 7.78
CA GLU A 35 19.41 9.18 8.29
C GLU A 35 18.07 9.67 7.73
N LEU A 36 17.26 8.74 7.24
CA LEU A 36 15.95 9.06 6.69
C LEU A 36 14.79 8.67 7.60
N VAL A 37 15.05 8.00 8.71
CA VAL A 37 14.01 7.56 9.64
C VAL A 37 14.20 8.29 10.96
N GLN A 38 13.19 9.06 11.34
CA GLN A 38 13.17 9.70 12.66
C GLN A 38 12.77 8.67 13.71
N SER A 39 13.68 8.37 14.62
CA SER A 39 13.46 7.29 15.59
C SER A 39 13.39 7.76 17.04
N SER A 40 13.54 9.06 17.31
CA SER A 40 13.54 9.57 18.68
C SER A 40 12.55 10.71 18.85
N SER A 41 12.04 10.84 20.07
CA SER A 41 11.15 11.92 20.45
C SER A 41 11.64 12.56 21.75
N THR A 42 11.28 13.83 21.94
CA THR A 42 11.62 14.50 23.20
C THR A 42 10.81 13.94 24.36
N GLY A 43 9.61 13.42 24.09
CA GLY A 43 8.73 12.93 25.12
C GLY A 43 7.64 13.90 25.53
N LYS A 44 7.56 15.06 24.89
CA LYS A 44 6.60 16.11 25.25
C LYS A 44 5.81 16.52 24.02
N ILE A 45 4.57 16.93 24.25
CA ILE A 45 3.68 17.41 23.19
C ILE A 45 3.79 18.92 23.14
N CYS A 46 4.11 19.47 21.97
CA CYS A 46 4.19 20.90 21.80
C CYS A 46 2.80 21.51 21.65
N ASN A 47 2.58 22.64 22.32
CA ASN A 47 1.29 23.30 22.31
C ASN A 47 1.05 24.15 21.07
N ASN A 48 1.98 24.16 20.12
CA ASN A 48 1.86 24.91 18.89
C ASN A 48 2.45 24.10 17.75
N PRO A 49 1.95 24.30 16.51
CA PRO A 49 0.91 25.25 16.10
C PRO A 49 -0.52 24.77 16.37
N HIS A 50 -0.67 23.49 16.68
CA HIS A 50 -2.00 22.92 16.90
C HIS A 50 -2.50 23.27 18.30
N ARG A 51 -3.79 23.63 18.39
CA ARG A 51 -4.40 23.95 19.67
C ARG A 51 -4.67 22.65 20.42
N ILE A 52 -3.91 22.42 21.48
CA ILE A 52 -3.99 21.18 22.26
C ILE A 52 -4.82 21.43 23.51
N LEU A 53 -5.87 20.63 23.69
CA LEU A 53 -6.71 20.69 24.88
C LEU A 53 -6.48 19.42 25.70
N ASP A 54 -5.91 19.57 26.89
CA ASP A 54 -5.61 18.44 27.76
C ASP A 54 -6.80 18.14 28.65
N GLY A 55 -7.24 16.87 28.65
CA GLY A 55 -8.39 16.44 29.42
C GLY A 55 -8.11 16.09 30.86
N ILE A 56 -6.84 15.90 31.22
CA ILE A 56 -6.37 15.65 32.57
C ILE A 56 -7.07 14.40 33.12
N ASP A 57 -8.23 14.57 33.74
CA ASP A 57 -8.97 13.50 34.38
C ASP A 57 -10.30 13.21 33.70
N CYS A 58 -10.55 13.83 32.55
CA CYS A 58 -11.81 13.69 31.84
C CYS A 58 -11.59 13.09 30.46
N THR A 59 -12.49 12.18 30.08
CA THR A 59 -12.57 11.77 28.69
C THR A 59 -13.45 12.75 27.92
N LEU A 60 -13.37 12.68 26.59
CA LEU A 60 -14.16 13.57 25.76
C LEU A 60 -15.65 13.38 26.00
N ILE A 61 -16.07 12.13 26.21
CA ILE A 61 -17.50 11.84 26.37
C ILE A 61 -18.01 12.39 27.70
N ASP A 62 -17.22 12.30 28.76
CA ASP A 62 -17.65 12.83 30.05
C ASP A 62 -17.80 14.34 30.02
N ALA A 63 -16.88 15.03 29.34
CA ALA A 63 -17.02 16.47 29.17
C ALA A 63 -18.21 16.80 28.26
N LEU A 64 -18.52 15.94 27.30
CA LEU A 64 -19.71 16.13 26.48
C LEU A 64 -20.97 16.04 27.35
N LEU A 65 -21.09 14.97 28.14
CA LEU A 65 -22.26 14.78 28.98
C LEU A 65 -22.35 15.82 30.09
N GLY A 66 -21.22 16.13 30.73
CA GLY A 66 -21.22 17.06 31.84
C GLY A 66 -20.91 16.42 33.18
N ASP A 67 -19.91 15.54 33.20
CA ASP A 67 -19.44 14.96 34.44
C ASP A 67 -18.95 16.09 35.35
N PRO A 68 -19.24 16.03 36.67
CA PRO A 68 -18.90 17.14 37.57
C PRO A 68 -17.49 17.70 37.41
N HIS A 69 -16.47 16.89 37.65
CA HIS A 69 -15.09 17.39 37.58
C HIS A 69 -14.68 17.80 36.17
N CYS A 70 -15.60 17.77 35.20
CA CYS A 70 -15.33 18.21 33.85
C CYS A 70 -16.02 19.53 33.52
N ASP A 71 -16.60 20.21 34.52
CA ASP A 71 -17.33 21.45 34.25
C ASP A 71 -16.45 22.54 33.63
N VAL A 72 -15.13 22.40 33.69
CA VAL A 72 -14.24 23.39 33.09
C VAL A 72 -14.24 23.30 31.57
N PHE A 73 -14.59 22.13 31.01
CA PHE A 73 -14.49 21.90 29.58
C PHE A 73 -15.75 22.33 28.82
N GLN A 74 -16.56 23.21 29.38
CA GLN A 74 -17.76 23.67 28.70
C GLN A 74 -17.39 24.70 27.62
N ASN A 75 -18.03 24.58 26.46
CA ASN A 75 -17.85 25.50 25.34
C ASN A 75 -16.38 25.60 24.92
N GLU A 76 -15.69 24.46 24.91
CA GLU A 76 -14.29 24.42 24.56
C GLU A 76 -14.09 23.93 23.13
N THR A 77 -13.02 24.40 22.50
CA THR A 77 -12.63 24.00 21.15
C THR A 77 -11.21 23.44 21.19
N TRP A 78 -10.86 22.68 20.15
CA TRP A 78 -9.54 22.08 20.09
C TRP A 78 -9.19 21.72 18.65
N ASP A 79 -7.90 21.57 18.41
CA ASP A 79 -7.38 20.88 17.24
C ASP A 79 -7.04 19.42 17.53
N LEU A 80 -6.46 19.16 18.70
CA LEU A 80 -6.20 17.80 19.14
C LEU A 80 -6.57 17.69 20.61
N PHE A 81 -7.56 16.84 20.91
CA PHE A 81 -7.94 16.53 22.29
C PHE A 81 -7.06 15.40 22.80
N VAL A 82 -6.49 15.58 23.98
CA VAL A 82 -5.60 14.59 24.58
C VAL A 82 -6.33 13.95 25.75
N GLU A 83 -6.58 12.65 25.64
CA GLU A 83 -7.17 11.87 26.72
C GLU A 83 -6.04 11.18 27.49
N ARG A 84 -6.09 11.28 28.82
CA ARG A 84 -5.09 10.67 29.68
C ARG A 84 -5.60 9.33 30.21
N SER A 85 -4.65 8.53 30.70
CA SER A 85 -5.00 7.21 31.21
C SER A 85 -5.54 7.25 32.63
N LYS A 86 -5.27 8.32 33.36
CA LYS A 86 -5.81 8.50 34.71
C LYS A 86 -7.26 8.96 34.72
N ALA A 87 -7.87 9.18 33.55
CA ALA A 87 -9.24 9.65 33.48
C ALA A 87 -10.20 8.68 34.16
N PHE A 88 -11.18 9.24 34.87
CA PHE A 88 -12.18 8.45 35.58
C PHE A 88 -13.54 9.12 35.45
N SER A 89 -14.59 8.31 35.57
CA SER A 89 -15.95 8.81 35.62
C SER A 89 -16.41 8.91 37.07
N ASN A 90 -17.09 10.00 37.39
CA ASN A 90 -17.53 10.26 38.76
C ASN A 90 -18.95 10.82 38.76
N CYS A 91 -19.83 10.18 37.99
CA CYS A 91 -21.23 10.59 37.95
C CYS A 91 -22.13 9.37 37.87
N TYR A 92 -23.30 9.52 37.26
CA TYR A 92 -24.22 8.40 37.14
C TYR A 92 -23.63 7.34 36.21
N PRO A 93 -23.64 6.06 36.59
CA PRO A 93 -23.09 5.02 35.72
C PRO A 93 -23.87 4.93 34.41
N TYR A 94 -23.13 4.99 33.30
CA TYR A 94 -23.74 5.05 31.97
C TYR A 94 -22.96 4.16 31.02
N ASP A 95 -23.57 3.88 29.87
CA ASP A 95 -22.90 3.24 28.76
C ASP A 95 -23.42 3.85 27.47
N VAL A 96 -22.56 3.87 26.46
CA VAL A 96 -22.94 4.44 25.16
C VAL A 96 -22.88 3.35 24.10
N PRO A 97 -24.03 2.86 23.62
CA PRO A 97 -24.01 1.99 22.45
C PRO A 97 -23.35 2.70 21.27
N ASP A 98 -22.35 2.03 20.68
CA ASP A 98 -21.48 2.65 19.68
C ASP A 98 -20.75 3.85 20.27
N TYR A 99 -20.06 3.61 21.39
CA TYR A 99 -19.27 4.64 22.04
C TYR A 99 -18.22 5.21 21.10
N ALA A 100 -17.57 4.34 20.32
CA ALA A 100 -16.48 4.77 19.46
C ALA A 100 -16.94 5.78 18.42
N SER A 101 -18.13 5.57 17.86
CA SER A 101 -18.61 6.49 16.83
C SER A 101 -18.92 7.87 17.43
N LEU A 102 -19.54 7.91 18.60
CA LEU A 102 -19.83 9.19 19.23
C LEU A 102 -18.55 9.93 19.60
N ARG A 103 -17.60 9.22 20.21
CA ARG A 103 -16.30 9.82 20.52
C ARG A 103 -15.63 10.36 19.26
N SER A 104 -15.64 9.57 18.18
CA SER A 104 -14.97 9.96 16.94
C SER A 104 -15.64 11.18 16.31
N LEU A 105 -16.97 11.21 16.28
CA LEU A 105 -17.64 12.32 15.62
C LEU A 105 -17.51 13.60 16.43
N VAL A 106 -17.53 13.50 17.76
CA VAL A 106 -17.33 14.69 18.57
C VAL A 106 -15.89 15.19 18.46
N ALA A 107 -14.92 14.28 18.40
CA ALA A 107 -13.53 14.69 18.22
C ALA A 107 -13.30 15.33 16.86
N SER A 108 -13.96 14.81 15.82
CA SER A 108 -13.80 15.40 14.49
C SER A 108 -14.51 16.73 14.39
N SER A 109 -15.60 16.93 15.13
CA SER A 109 -16.26 18.22 15.16
C SER A 109 -15.37 19.28 15.80
N GLY A 110 -14.68 18.93 16.88
CA GLY A 110 -13.69 19.82 17.46
C GLY A 110 -14.22 20.91 18.37
N THR A 111 -15.46 20.82 18.81
CA THR A 111 -16.03 21.86 19.66
C THR A 111 -17.07 21.24 20.58
N LEU A 112 -17.18 21.82 21.78
CA LEU A 112 -18.22 21.47 22.74
C LEU A 112 -19.18 22.64 22.96
N GLU A 113 -19.24 23.57 22.02
CA GLU A 113 -20.15 24.71 22.11
C GLU A 113 -21.59 24.23 22.23
N PHE A 114 -22.22 24.51 23.36
CA PHE A 114 -23.56 24.04 23.67
C PHE A 114 -24.52 25.22 23.78
N ILE A 115 -25.62 25.14 23.03
CA ILE A 115 -26.66 26.16 23.07
C ILE A 115 -27.91 25.54 23.70
N THR A 116 -28.42 26.20 24.73
CA THR A 116 -29.60 25.73 25.44
C THR A 116 -30.86 26.11 24.68
N GLU A 117 -31.76 25.14 24.49
CA GLU A 117 -33.05 25.38 23.87
C GLU A 117 -34.16 25.21 24.90
N GLY A 118 -35.19 26.03 24.75
CA GLY A 118 -36.28 26.03 25.70
C GLY A 118 -37.29 24.92 25.52
N PHE A 119 -36.85 23.68 25.75
CA PHE A 119 -37.78 22.55 25.71
C PHE A 119 -38.85 22.74 26.78
N THR A 120 -40.11 22.51 26.39
CA THR A 120 -41.25 22.74 27.27
C THR A 120 -41.78 21.38 27.72
N TRP A 121 -41.48 21.01 28.96
CA TRP A 121 -41.92 19.74 29.53
C TRP A 121 -43.06 20.04 30.49
N THR A 122 -44.29 19.96 29.99
CA THR A 122 -45.47 20.28 30.78
C THR A 122 -45.98 19.03 31.46
N GLY A 123 -45.98 19.04 32.79
CA GLY A 123 -46.53 17.95 33.57
C GLY A 123 -45.55 16.93 34.10
N VAL A 124 -44.26 17.26 34.18
CA VAL A 124 -43.25 16.36 34.72
C VAL A 124 -42.35 17.15 35.68
N THR A 125 -41.69 16.41 36.57
CA THR A 125 -40.73 17.00 37.49
C THR A 125 -39.34 17.02 36.82
N GLN A 126 -38.74 18.19 36.77
CA GLN A 126 -37.47 18.39 36.09
C GLN A 126 -36.30 18.38 37.06
N ASN A 127 -35.09 18.39 36.50
CA ASN A 127 -33.85 18.59 37.24
C ASN A 127 -33.66 17.56 38.34
N GLY A 128 -33.91 16.29 38.02
CA GLY A 128 -33.65 15.24 38.97
C GLY A 128 -32.16 14.99 39.15
N GLY A 129 -31.79 14.53 40.35
CA GLY A 129 -30.40 14.31 40.69
C GLY A 129 -30.19 12.96 41.33
N SER A 130 -28.92 12.67 41.62
CA SER A 130 -28.54 11.39 42.20
C SER A 130 -27.29 11.58 43.04
N ASN A 131 -27.14 10.72 44.06
CA ASN A 131 -26.00 10.87 44.95
CA ASN A 131 -26.01 10.80 44.98
C ASN A 131 -24.71 10.33 44.34
N ALA A 132 -24.79 9.45 43.35
CA ALA A 132 -23.57 9.00 42.69
C ALA A 132 -22.95 10.07 41.81
N CYS A 133 -23.61 11.22 41.66
CA CYS A 133 -23.16 12.32 40.81
C CYS A 133 -23.20 13.62 41.62
N LYS A 134 -22.44 13.64 42.71
CA LYS A 134 -22.55 14.75 43.65
C LYS A 134 -22.08 16.05 42.98
N ARG A 135 -22.89 17.10 43.11
CA ARG A 135 -22.53 18.45 42.68
C ARG A 135 -22.73 19.38 43.87
N GLY A 136 -21.64 19.74 44.54
CA GLY A 136 -21.71 20.54 45.75
C GLY A 136 -22.21 19.74 46.93
N PRO A 137 -23.01 20.39 47.78
CA PRO A 137 -23.48 19.69 49.00
C PRO A 137 -24.53 18.63 48.72
N GLY A 138 -25.28 18.74 47.63
CA GLY A 138 -26.38 17.85 47.35
C GLY A 138 -26.14 16.97 46.12
N SER A 139 -27.18 16.19 45.83
CA SER A 139 -27.15 15.32 44.67
C SER A 139 -27.14 16.14 43.38
N GLY A 140 -26.69 15.52 42.31
CA GLY A 140 -26.66 16.20 41.02
C GLY A 140 -26.78 15.28 39.83
N PHE A 141 -26.46 15.80 38.65
CA PHE A 141 -26.63 15.05 37.41
C PHE A 141 -25.75 15.70 36.34
N PHE A 142 -25.73 15.09 35.17
CA PHE A 142 -24.99 15.65 34.04
C PHE A 142 -25.53 17.04 33.71
N SER A 143 -24.62 18.00 33.58
CA SER A 143 -25.03 19.39 33.36
C SER A 143 -25.77 19.59 32.05
N ARG A 144 -25.59 18.70 31.07
CA ARG A 144 -26.20 18.84 29.76
C ARG A 144 -27.43 17.96 29.57
N LEU A 145 -27.87 17.26 30.60
CA LEU A 145 -29.02 16.37 30.53
C LEU A 145 -30.03 16.76 31.61
N ASN A 146 -31.29 16.41 31.36
CA ASN A 146 -32.39 16.76 32.24
C ASN A 146 -33.11 15.48 32.66
N TRP A 147 -33.07 15.16 33.94
CA TRP A 147 -33.72 13.96 34.45
C TRP A 147 -35.19 14.27 34.70
N LEU A 148 -36.06 13.74 33.84
CA LEU A 148 -37.50 13.95 33.96
C LEU A 148 -38.10 12.78 34.72
N THR A 149 -38.86 13.08 35.78
CA THR A 149 -39.55 12.07 36.56
C THR A 149 -41.02 12.41 36.71
N LYS A 150 -41.72 11.69 37.58
CA LYS A 150 -43.16 11.89 37.72
C LYS A 150 -43.46 13.24 38.37
N SER A 151 -44.59 13.82 37.99
CA SER A 151 -45.14 15.01 38.64
C SER A 151 -46.48 14.63 39.25
N GLY A 152 -46.59 14.73 40.57
CA GLY A 152 -47.76 14.23 41.24
C GLY A 152 -47.79 12.71 41.25
N SER A 153 -48.58 12.11 40.36
CA SER A 153 -48.61 10.66 40.25
C SER A 153 -48.88 10.19 38.81
N THR A 154 -48.55 11.01 37.82
CA THR A 154 -48.78 10.66 36.43
C THR A 154 -47.56 11.04 35.60
N TYR A 155 -47.30 10.25 34.56
CA TYR A 155 -46.26 10.55 33.56
C TYR A 155 -46.92 10.57 32.19
N PRO A 156 -47.23 11.75 31.65
CA PRO A 156 -47.91 11.82 30.36
C PRO A 156 -47.01 11.36 29.23
N VAL A 157 -47.63 11.11 28.08
CA VAL A 157 -46.87 10.82 26.87
C VAL A 157 -46.23 12.13 26.41
N LEU A 158 -44.97 12.33 26.77
CA LEU A 158 -44.28 13.56 26.41
C LEU A 158 -44.05 13.61 24.92
N ASN A 159 -44.45 14.73 24.31
CA ASN A 159 -44.45 14.91 22.86
C ASN A 159 -43.96 16.33 22.58
N VAL A 160 -42.67 16.48 22.27
CA VAL A 160 -42.05 17.78 22.09
C VAL A 160 -41.35 17.82 20.74
N THR A 161 -41.46 18.95 20.05
CA THR A 161 -40.83 19.14 18.75
C THR A 161 -39.89 20.35 18.81
N MET A 162 -38.80 20.26 18.06
CA MET A 162 -37.82 21.33 18.00
C MET A 162 -37.29 21.45 16.57
N PRO A 163 -37.51 22.58 15.90
CA PRO A 163 -37.02 22.75 14.54
C PRO A 163 -35.59 23.28 14.49
N ASN A 164 -34.90 22.92 13.41
CA ASN A 164 -33.56 23.43 13.13
C ASN A 164 -33.72 24.51 12.05
N ASN A 165 -33.80 25.77 12.49
CA ASN A 165 -33.93 26.90 11.59
C ASN A 165 -32.61 27.61 11.34
N ASP A 166 -31.50 26.98 11.65
CA ASP A 166 -30.17 27.53 11.42
C ASP A 166 -29.59 26.96 10.13
N ASN A 167 -28.38 27.38 9.79
CA ASN A 167 -27.68 26.91 8.61
C ASN A 167 -26.60 25.87 8.94
N PHE A 168 -26.70 25.25 10.12
CA PHE A 168 -25.74 24.24 10.54
C PHE A 168 -26.48 23.08 11.19
N ASP A 169 -25.77 21.96 11.34
CA ASP A 169 -26.35 20.77 11.94
C ASP A 169 -26.41 20.91 13.46
N LYS A 170 -27.40 20.26 14.06
CA LYS A 170 -27.56 20.23 15.51
C LYS A 170 -27.34 18.81 16.03
N LEU A 171 -26.52 18.68 17.06
CA LEU A 171 -26.30 17.40 17.73
C LEU A 171 -27.06 17.41 19.05
N TYR A 172 -27.98 16.48 19.22
CA TYR A 172 -28.75 16.34 20.45
C TYR A 172 -28.30 15.06 21.15
N ILE A 173 -27.92 15.19 22.41
CA ILE A 173 -27.55 14.06 23.27
C ILE A 173 -28.70 13.83 24.24
N TRP A 174 -29.19 12.60 24.30
CA TRP A 174 -30.26 12.24 25.22
C TRP A 174 -29.96 10.87 25.80
N GLY A 175 -30.84 10.40 26.68
CA GLY A 175 -30.57 9.16 27.37
C GLY A 175 -31.84 8.42 27.76
N VAL A 176 -31.64 7.16 28.13
CA VAL A 176 -32.70 6.26 28.55
C VAL A 176 -32.25 5.62 29.85
N HIS A 177 -33.07 5.76 30.90
CA HIS A 177 -32.73 5.24 32.22
C HIS A 177 -33.21 3.80 32.36
N HIS A 178 -32.28 2.90 32.69
CA HIS A 178 -32.60 1.51 32.97
C HIS A 178 -32.59 1.32 34.47
N PRO A 179 -33.75 1.24 35.14
CA PRO A 179 -33.75 1.05 36.60
C PRO A 179 -33.35 -0.35 37.00
N SER A 180 -33.24 -0.60 38.31
CA SER A 180 -32.81 -1.89 38.82
C SER A 180 -33.95 -2.75 39.35
N THR A 181 -35.05 -2.14 39.77
CA THR A 181 -36.20 -2.88 40.30
C THR A 181 -37.48 -2.33 39.70
N ASN A 182 -38.53 -3.17 39.70
CA ASN A 182 -39.83 -2.72 39.23
C ASN A 182 -40.40 -1.63 40.14
N GLN A 183 -40.09 -1.68 41.44
CA GLN A 183 -40.52 -0.64 42.35
C GLN A 183 -39.91 0.71 41.97
N GLU A 184 -38.62 0.71 41.64
CA GLU A 184 -37.96 1.94 41.18
C GLU A 184 -38.62 2.46 39.90
N GLN A 185 -38.86 1.56 38.94
CA GLN A 185 -39.49 1.95 37.69
C GLN A 185 -40.86 2.60 37.93
N THR A 186 -41.69 1.97 38.76
CA THR A 186 -43.03 2.49 39.00
C THR A 186 -43.01 3.77 39.82
N SER A 187 -42.09 3.87 40.77
CA SER A 187 -42.01 5.08 41.60
C SER A 187 -41.44 6.26 40.82
N LEU A 188 -40.65 6.01 39.78
CA LEU A 188 -40.10 7.11 39.02
C LEU A 188 -40.98 7.51 37.83
N TYR A 189 -41.52 6.53 37.09
CA TYR A 189 -42.18 6.83 35.82
C TYR A 189 -43.58 6.22 35.72
N VAL A 190 -44.16 5.76 36.82
CA VAL A 190 -45.54 5.29 36.89
C VAL A 190 -45.73 4.01 36.07
N GLN A 191 -45.59 4.12 34.75
CA GLN A 191 -45.82 2.97 33.87
C GLN A 191 -44.84 1.85 34.18
N ALA A 192 -45.25 0.61 33.89
CA ALA A 192 -44.42 -0.54 34.17
C ALA A 192 -43.29 -0.68 33.16
N SER A 193 -43.49 -0.19 31.93
CA SER A 193 -42.47 -0.25 30.90
C SER A 193 -42.42 1.09 30.19
N GLY A 194 -41.23 1.68 30.10
CA GLY A 194 -41.06 2.94 29.41
C GLY A 194 -40.86 2.76 27.92
N ARG A 195 -40.65 3.89 27.24
CA ARG A 195 -40.37 3.93 25.81
C ARG A 195 -39.95 5.32 25.40
N VAL A 196 -38.86 5.41 24.63
CA VAL A 196 -38.34 6.68 24.14
C VAL A 196 -38.21 6.58 22.63
N THR A 197 -38.76 7.58 21.92
CA THR A 197 -38.70 7.62 20.46
C THR A 197 -38.23 8.99 20.04
N VAL A 198 -37.05 9.05 19.42
CA VAL A 198 -36.48 10.29 18.91
C VAL A 198 -36.39 10.16 17.39
N SER A 199 -37.02 11.10 16.68
CA SER A 199 -37.16 10.94 15.24
C SER A 199 -36.96 12.26 14.51
N THR A 200 -36.48 12.13 13.27
CA THR A 200 -36.43 13.21 12.31
C THR A 200 -37.38 12.87 11.16
N ARG A 201 -37.25 13.57 10.03
CA ARG A 201 -38.12 13.29 8.90
C ARG A 201 -37.71 12.01 8.17
N ARG A 202 -36.42 11.62 8.24
CA ARG A 202 -35.95 10.44 7.53
C ARG A 202 -35.21 9.46 8.43
N SER A 203 -35.31 9.61 9.76
CA SER A 203 -34.68 8.68 10.68
C SER A 203 -35.49 8.62 11.97
N GLN A 204 -35.40 7.49 12.67
CA GLN A 204 -36.11 7.29 13.92
C GLN A 204 -35.36 6.28 14.77
N GLN A 205 -35.44 6.45 16.08
CA GLN A 205 -34.81 5.54 17.03
C GLN A 205 -35.73 5.37 18.21
N THR A 206 -36.09 4.12 18.50
CA THR A 206 -36.95 3.79 19.64
C THR A 206 -36.21 2.85 20.58
N ILE A 207 -36.12 3.24 21.84
CA ILE A 207 -35.44 2.47 22.88
C ILE A 207 -36.47 2.07 23.94
N ILE A 208 -36.44 0.81 24.32
CA ILE A 208 -37.27 0.25 25.37
C ILE A 208 -36.37 -0.02 26.58
N PRO A 209 -36.67 0.52 27.76
CA PRO A 209 -35.81 0.29 28.92
C PRO A 209 -35.77 -1.18 29.31
N ASN A 210 -34.68 -1.55 29.98
CA ASN A 210 -34.45 -2.92 30.42
C ASN A 210 -34.25 -2.91 31.92
N ILE A 211 -35.12 -3.58 32.64
CA ILE A 211 -35.11 -3.60 34.09
C ILE A 211 -34.29 -4.79 34.57
N GLY A 212 -33.38 -4.54 35.50
CA GLY A 212 -32.51 -5.58 36.03
C GLY A 212 -31.36 -5.03 36.83
N SER A 213 -30.71 -5.90 37.60
CA SER A 213 -29.60 -5.48 38.46
C SER A 213 -28.30 -5.58 37.68
N ARG A 214 -27.55 -4.48 37.67
CA ARG A 214 -26.19 -4.37 37.17
C ARG A 214 -25.21 -4.33 38.34
N PRO A 215 -23.91 -4.50 38.07
CA PRO A 215 -22.93 -4.38 39.16
C PRO A 215 -22.98 -3.01 39.79
N TRP A 216 -22.54 -2.95 41.05
CA TRP A 216 -22.64 -1.72 41.85
C TRP A 216 -21.55 -0.74 41.42
N VAL A 217 -21.96 0.39 40.85
CA VAL A 217 -21.05 1.46 40.46
C VAL A 217 -21.48 2.69 41.22
N ARG A 218 -20.65 3.13 42.16
CA ARG A 218 -20.92 4.31 42.99
C ARG A 218 -22.27 4.21 43.68
N GLY A 219 -22.59 3.00 44.15
CA GLY A 219 -23.78 2.77 44.95
C GLY A 219 -25.04 2.42 44.19
N LEU A 220 -24.98 2.33 42.86
CA LEU A 220 -26.19 2.17 42.05
C LEU A 220 -26.07 0.93 41.16
N SER A 221 -27.20 0.26 40.98
N SER A 221 -27.19 0.24 40.98
CA SER A 221 -27.34 -0.85 40.04
CA SER A 221 -27.30 -0.86 40.05
C SER A 221 -28.09 -0.45 38.78
C SER A 221 -28.09 -0.48 38.80
N SER A 222 -28.63 0.77 38.73
N SER A 222 -28.62 0.73 38.74
CA SER A 222 -29.30 1.29 37.55
CA SER A 222 -29.28 1.22 37.54
C SER A 222 -28.29 1.92 36.60
C SER A 222 -28.24 1.81 36.58
N ARG A 223 -28.68 2.06 35.35
CA ARG A 223 -27.81 2.58 34.31
C ARG A 223 -28.52 3.64 33.49
N ILE A 224 -27.75 4.30 32.64
CA ILE A 224 -28.29 5.20 31.62
C ILE A 224 -27.59 4.89 30.31
N SER A 225 -28.37 4.72 29.25
CA SER A 225 -27.85 4.53 27.90
C SER A 225 -27.93 5.86 27.16
N ILE A 226 -26.82 6.26 26.56
CA ILE A 226 -26.70 7.56 25.89
C ILE A 226 -26.87 7.36 24.39
N TYR A 227 -27.67 8.23 23.78
CA TYR A 227 -27.89 8.20 22.34
C TYR A 227 -27.80 9.62 21.80
N TRP A 228 -27.47 9.72 20.51
N TRP A 228 -27.48 9.70 20.51
CA TRP A 228 -27.34 11.00 19.85
CA TRP A 228 -27.32 10.97 19.82
C TRP A 228 -28.24 11.05 18.63
C TRP A 228 -28.25 11.05 18.61
N THR A 229 -28.55 12.27 18.20
CA THR A 229 -29.36 12.50 17.02
C THR A 229 -28.89 13.78 16.34
N ILE A 230 -28.65 13.71 15.03
CA ILE A 230 -28.22 14.86 14.26
C ILE A 230 -29.42 15.36 13.46
N VAL A 231 -29.74 16.64 13.61
CA VAL A 231 -30.83 17.29 12.90
C VAL A 231 -30.23 18.27 11.90
N LYS A 232 -30.57 18.08 10.63
CA LYS A 232 -30.07 18.93 9.55
C LYS A 232 -30.88 20.21 9.44
N PRO A 233 -30.33 21.25 8.82
CA PRO A 233 -31.11 22.47 8.59
C PRO A 233 -32.38 22.18 7.82
N GLY A 234 -33.50 22.72 8.31
CA GLY A 234 -34.79 22.48 7.74
C GLY A 234 -35.53 21.28 8.30
N ASP A 235 -34.83 20.38 8.99
CA ASP A 235 -35.44 19.20 9.56
C ASP A 235 -35.96 19.53 10.97
N VAL A 236 -36.62 18.56 11.59
CA VAL A 236 -37.26 18.76 12.89
C VAL A 236 -36.99 17.54 13.77
N LEU A 237 -36.62 17.80 15.02
CA LEU A 237 -36.44 16.76 16.03
C LEU A 237 -37.75 16.56 16.79
N VAL A 238 -38.16 15.32 16.95
CA VAL A 238 -39.36 14.99 17.70
C VAL A 238 -39.01 13.98 18.78
N ILE A 239 -39.36 14.31 20.02
CA ILE A 239 -39.15 13.44 21.18
C ILE A 239 -40.52 13.02 21.69
N ASN A 240 -40.75 11.70 21.73
CA ASN A 240 -42.01 11.13 22.21
C ASN A 240 -41.66 10.00 23.18
N SER A 241 -41.95 10.19 24.45
CA SER A 241 -41.54 9.23 25.47
C SER A 241 -42.62 9.08 26.52
N ASN A 242 -42.85 7.84 26.94
CA ASN A 242 -43.80 7.56 28.02
C ASN A 242 -43.13 7.02 29.27
N GLY A 243 -41.80 7.16 29.38
CA GLY A 243 -41.09 6.75 30.57
C GLY A 243 -39.60 6.63 30.40
N ASN A 244 -38.85 6.93 31.47
CA ASN A 244 -37.41 6.71 31.58
C ASN A 244 -36.60 7.66 30.71
N LEU A 245 -37.18 8.79 30.29
CA LEU A 245 -36.49 9.70 29.38
C LEU A 245 -35.51 10.58 30.14
N ILE A 246 -34.26 10.55 29.73
CA ILE A 246 -33.26 11.55 30.13
C ILE A 246 -33.17 12.55 28.99
N ALA A 247 -33.82 13.69 29.16
CA ALA A 247 -34.07 14.57 28.03
C ALA A 247 -32.86 15.46 27.76
N PRO A 248 -32.68 15.89 26.52
CA PRO A 248 -31.63 16.88 26.24
C PRO A 248 -32.05 18.26 26.72
N ARG A 249 -31.04 19.08 27.02
CA ARG A 249 -31.25 20.46 27.41
C ARG A 249 -30.98 21.45 26.28
N GLY A 250 -30.59 20.96 25.12
CA GLY A 250 -30.17 21.81 24.03
C GLY A 250 -29.38 21.01 23.02
N TYR A 251 -28.55 21.73 22.25
CA TYR A 251 -27.80 21.09 21.18
C TYR A 251 -26.34 21.54 21.20
N PHE A 252 -25.50 20.74 20.54
CA PHE A 252 -24.12 21.08 20.27
C PHE A 252 -23.98 21.46 18.80
N LYS A 253 -23.22 22.52 18.53
CA LYS A 253 -23.01 22.95 17.15
C LYS A 253 -21.94 22.07 16.50
N MET A 254 -22.24 21.57 15.31
N MET A 254 -22.22 21.59 15.30
CA MET A 254 -21.33 20.70 14.57
CA MET A 254 -21.32 20.68 14.60
C MET A 254 -20.47 21.51 13.62
C MET A 254 -20.49 21.45 13.58
N ARG A 255 -19.19 21.15 13.56
CA ARG A 255 -18.26 21.76 12.62
C ARG A 255 -17.43 20.67 11.94
N THR A 256 -16.78 21.04 10.85
CA THR A 256 -15.86 20.17 10.14
C THR A 256 -14.52 20.86 10.02
N GLY A 257 -13.45 20.08 10.20
CA GLY A 257 -12.10 20.62 10.09
C GLY A 257 -11.03 19.61 10.43
N LYS A 258 -9.88 20.09 10.88
CA LYS A 258 -8.72 19.24 11.13
C LYS A 258 -8.65 18.76 12.58
N SER A 259 -9.79 18.70 13.27
CA SER A 259 -9.80 18.32 14.66
C SER A 259 -9.82 16.81 14.81
N SER A 260 -9.24 16.32 15.91
CA SER A 260 -9.16 14.89 16.18
C SER A 260 -8.90 14.70 17.67
N ILE A 261 -8.56 13.46 18.04
CA ILE A 261 -8.31 13.09 19.43
C ILE A 261 -7.17 12.09 19.46
N MET A 262 -6.44 12.07 20.58
CA MET A 262 -5.29 11.19 20.71
C MET A 262 -5.14 10.78 22.17
N ARG A 263 -4.88 9.50 22.40
CA ARG A 263 -4.58 8.98 23.72
C ARG A 263 -3.08 9.05 23.94
N SER A 264 -2.67 9.78 24.98
CA SER A 264 -1.25 9.93 25.27
C SER A 264 -1.09 10.33 26.72
N ASP A 265 0.06 9.96 27.30
CA ASP A 265 0.44 10.37 28.64
C ASP A 265 1.64 11.29 28.63
N ALA A 266 1.96 11.86 27.48
CA ALA A 266 3.10 12.77 27.42
C ALA A 266 2.70 14.13 27.98
N PRO A 267 3.59 14.79 28.73
CA PRO A 267 3.28 16.13 29.23
C PRO A 267 3.36 17.16 28.12
N ILE A 268 2.56 18.21 28.26
N ILE A 268 2.56 18.21 28.27
CA ILE A 268 2.53 19.29 27.29
CA ILE A 268 2.53 19.31 27.31
C ILE A 268 3.65 20.28 27.61
C ILE A 268 3.67 20.27 27.62
N ASP A 269 4.25 20.86 26.58
CA ASP A 269 5.34 21.80 26.73
C ASP A 269 5.14 22.96 25.76
N THR A 270 5.87 24.05 26.00
CA THR A 270 5.82 25.23 25.14
C THR A 270 6.87 25.09 24.06
N CYS A 271 6.45 24.63 22.88
CA CYS A 271 7.34 24.50 21.73
C CYS A 271 6.49 24.47 20.47
N ILE A 272 7.14 24.38 19.31
CA ILE A 272 6.47 24.33 18.02
C ILE A 272 6.86 23.03 17.33
N SER A 273 5.87 22.24 16.96
CA SER A 273 6.11 20.98 16.24
C SER A 273 4.85 20.61 15.48
N GLU A 274 5.00 20.36 14.18
CA GLU A 274 3.84 20.05 13.34
C GLU A 274 3.32 18.64 13.59
N CYS A 275 4.17 17.72 14.03
CA CYS A 275 3.82 16.31 14.13
C CYS A 275 3.78 15.86 15.58
N ILE A 276 2.66 15.27 15.99
CA ILE A 276 2.43 14.79 17.35
C ILE A 276 2.17 13.30 17.30
N THR A 277 2.74 12.57 18.26
CA THR A 277 2.47 11.16 18.49
C THR A 277 2.18 10.97 19.97
N PRO A 278 1.59 9.84 20.36
CA PRO A 278 1.47 9.55 21.80
C PRO A 278 2.80 9.55 22.54
N ASN A 279 3.91 9.33 21.85
CA ASN A 279 5.22 9.39 22.49
C ASN A 279 5.74 10.81 22.63
N GLY A 280 5.10 11.78 21.99
CA GLY A 280 5.53 13.17 22.01
C GLY A 280 5.56 13.76 20.62
N SER A 281 6.01 15.02 20.56
CA SER A 281 6.14 15.69 19.28
C SER A 281 7.46 15.31 18.62
N ILE A 282 7.41 15.12 17.30
CA ILE A 282 8.61 14.72 16.56
C ILE A 282 8.86 15.67 15.40
N PRO A 283 10.11 15.82 14.96
CA PRO A 283 10.39 16.65 13.78
C PRO A 283 10.00 15.95 12.48
N ASN A 284 9.72 16.77 11.47
CA ASN A 284 9.27 16.29 10.17
C ASN A 284 10.32 16.52 9.08
N ASP A 285 11.60 16.59 9.45
CA ASP A 285 12.64 16.80 8.45
C ASP A 285 12.92 15.53 7.66
N LYS A 286 12.87 14.37 8.31
CA LYS A 286 13.08 13.11 7.65
C LYS A 286 11.75 12.60 7.07
N PRO A 287 11.77 11.95 5.91
CA PRO A 287 10.51 11.51 5.30
C PRO A 287 9.82 10.37 6.04
N PHE A 288 10.53 9.63 6.89
CA PHE A 288 9.97 8.46 7.55
C PHE A 288 10.22 8.54 9.05
N GLN A 289 9.49 7.72 9.80
CA GLN A 289 9.60 7.70 11.25
C GLN A 289 9.25 6.32 11.77
N ASN A 290 9.83 5.98 12.92
CA ASN A 290 9.67 4.68 13.57
C ASN A 290 9.21 4.85 15.02
N VAL A 291 8.54 5.96 15.32
CA VAL A 291 8.15 6.26 16.70
C VAL A 291 6.80 5.62 17.01
N ASN A 292 5.77 5.97 16.25
CA ASN A 292 4.43 5.47 16.51
C ASN A 292 3.60 5.55 15.25
N LYS A 293 2.76 4.53 15.03
CA LYS A 293 1.85 4.55 13.90
C LYS A 293 0.72 5.55 14.10
N ILE A 294 0.47 5.96 15.34
CA ILE A 294 -0.53 6.98 15.64
C ILE A 294 0.14 8.34 15.53
N THR A 295 -0.31 9.15 14.56
CA THR A 295 0.28 10.45 14.29
C THR A 295 -0.82 11.48 14.08
N TYR A 296 -0.44 12.75 14.23
CA TYR A 296 -1.34 13.87 13.95
C TYR A 296 -0.52 15.02 13.40
N GLY A 297 -0.96 15.57 12.28
CA GLY A 297 -0.32 16.72 11.67
C GLY A 297 0.52 16.37 10.47
N ALA A 298 1.41 17.30 10.12
CA ALA A 298 2.37 17.10 9.03
C ALA A 298 3.47 16.17 9.52
N CYS A 299 3.33 14.88 9.22
CA CYS A 299 4.13 13.85 9.85
C CYS A 299 4.89 13.04 8.81
N PRO A 300 6.08 12.55 9.16
CA PRO A 300 6.72 11.52 8.34
C PRO A 300 5.91 10.25 8.40
N LYS A 301 5.98 9.47 7.32
CA LYS A 301 5.22 8.23 7.23
C LYS A 301 5.86 7.15 8.10
N TYR A 302 5.02 6.37 8.76
CA TYR A 302 5.53 5.33 9.65
C TYR A 302 6.06 4.15 8.86
N VAL A 303 7.23 3.66 9.29
CA VAL A 303 7.85 2.48 8.69
C VAL A 303 8.26 1.53 9.81
N LYS A 304 8.49 0.27 9.44
CA LYS A 304 8.95 -0.71 10.41
C LYS A 304 10.45 -0.59 10.68
N GLN A 305 11.22 -0.13 9.70
CA GLN A 305 12.66 -0.02 9.87
C GLN A 305 12.99 1.08 10.87
N ASN A 306 13.99 0.83 11.71
CA ASN A 306 14.46 1.84 12.65
C ASN A 306 15.61 2.68 12.10
N THR A 307 16.22 2.26 10.98
CA THR A 307 17.28 3.04 10.36
C THR A 307 17.29 2.78 8.86
N LEU A 308 17.43 3.86 8.10
CA LEU A 308 17.58 3.79 6.64
C LEU A 308 18.55 4.88 6.23
N LYS A 309 19.76 4.50 5.83
CA LYS A 309 20.81 5.45 5.53
C LYS A 309 20.86 5.71 4.03
N LEU A 310 20.72 6.98 3.65
CA LEU A 310 20.77 7.42 2.26
C LEU A 310 22.18 7.93 1.99
N ALA A 311 22.85 7.32 1.01
CA ALA A 311 24.23 7.68 0.69
C ALA A 311 24.29 9.08 0.09
N THR A 312 25.14 9.92 0.66
CA THR A 312 25.35 11.28 0.16
C THR A 312 26.78 11.49 -0.35
N GLY A 313 27.48 10.41 -0.68
CA GLY A 313 28.84 10.51 -1.17
C GLY A 313 29.23 9.28 -1.95
N MET A 314 30.43 9.33 -2.52
CA MET A 314 30.94 8.28 -3.39
C MET A 314 31.44 7.10 -2.56
N ARG A 315 31.85 6.05 -3.26
CA ARG A 315 32.45 4.88 -2.61
C ARG A 315 33.72 5.30 -1.88
N ASN A 316 33.80 4.94 -0.60
CA ASN A 316 34.98 5.22 0.21
C ASN A 316 35.98 4.09 0.02
N VAL A 317 37.05 4.36 -0.73
CA VAL A 317 38.06 3.34 -1.02
C VAL A 317 39.40 3.79 -0.42
N PRO A 318 39.68 3.45 0.84
CA PRO A 318 40.94 3.83 1.51
C PRO A 318 42.17 3.14 0.92
N GLY B 1 31.30 0.00 -9.50
CA GLY B 1 30.49 0.88 -10.33
C GLY B 1 30.38 0.41 -11.76
N LEU B 2 29.41 0.97 -12.49
CA LEU B 2 29.21 0.60 -13.88
C LEU B 2 30.32 1.09 -14.78
N PHE B 3 31.07 2.12 -14.36
CA PHE B 3 32.06 2.75 -15.22
C PHE B 3 33.49 2.36 -14.88
N GLY B 4 33.71 1.66 -13.78
CA GLY B 4 35.00 1.06 -13.52
C GLY B 4 36.12 2.01 -13.17
N ALA B 5 35.81 3.26 -12.82
CA ALA B 5 36.85 4.20 -12.40
C ALA B 5 37.07 4.06 -10.90
N ILE B 6 36.11 4.53 -10.09
CA ILE B 6 36.20 4.38 -8.65
C ILE B 6 36.14 2.90 -8.29
N ALA B 7 37.09 2.45 -7.48
CA ALA B 7 37.27 1.03 -7.16
C ALA B 7 37.47 0.20 -8.42
N GLY B 8 38.06 0.81 -9.45
CA GLY B 8 38.36 0.13 -10.70
C GLY B 8 39.80 0.33 -11.12
N PHE B 9 40.02 1.01 -12.25
CA PHE B 9 41.40 1.31 -12.63
C PHE B 9 42.01 2.38 -11.74
N ILE B 10 41.20 3.14 -11.01
CA ILE B 10 41.70 4.00 -9.94
C ILE B 10 41.88 3.14 -8.69
N GLU B 11 43.11 3.06 -8.19
CA GLU B 11 43.42 2.10 -7.14
C GLU B 11 42.68 2.44 -5.85
N ASN B 12 42.75 3.69 -5.41
CA ASN B 12 42.08 4.11 -4.18
C ASN B 12 41.95 5.62 -4.18
N GLY B 13 41.26 6.13 -3.16
CA GLY B 13 41.08 7.55 -3.01
C GLY B 13 42.25 8.24 -2.35
N TRP B 14 42.18 9.56 -2.30
CA TRP B 14 43.21 10.41 -1.71
C TRP B 14 42.64 11.07 -0.47
N GLU B 15 43.03 10.59 0.71
CA GLU B 15 42.59 11.24 1.95
C GLU B 15 43.17 12.63 2.10
N GLY B 16 44.21 12.97 1.36
CA GLY B 16 44.76 14.32 1.38
C GLY B 16 43.94 15.34 0.61
N MET B 17 43.02 14.88 -0.24
N MET B 17 43.02 14.88 -0.24
CA MET B 17 42.17 15.79 -0.99
CA MET B 17 42.14 15.77 -0.99
C MET B 17 41.03 16.25 -0.09
C MET B 17 41.02 16.24 -0.07
N ILE B 18 41.10 17.50 0.36
CA ILE B 18 40.12 18.05 1.29
C ILE B 18 39.33 19.21 0.72
N ASP B 19 39.75 19.78 -0.42
CA ASP B 19 39.07 20.92 -1.02
C ASP B 19 38.28 20.53 -2.27
N GLY B 20 38.05 19.24 -2.47
CA GLY B 20 37.26 18.78 -3.61
C GLY B 20 37.00 17.30 -3.50
N TRP B 21 36.23 16.79 -4.46
CA TRP B 21 35.92 15.37 -4.54
C TRP B 21 36.77 14.64 -5.58
N TYR B 22 37.05 15.28 -6.70
CA TYR B 22 37.93 14.75 -7.72
C TYR B 22 39.02 15.78 -7.99
N GLY B 23 40.18 15.32 -8.47
CA GLY B 23 41.23 16.27 -8.74
C GLY B 23 42.41 15.63 -9.43
N PHE B 24 43.47 16.43 -9.57
CA PHE B 24 44.69 16.05 -10.26
C PHE B 24 45.85 16.03 -9.27
N ARG B 25 46.74 15.05 -9.46
CA ARG B 25 48.05 15.03 -8.85
C ARG B 25 49.07 14.97 -9.96
N HIS B 26 50.09 15.82 -9.90
CA HIS B 26 51.07 15.93 -10.97
C HIS B 26 52.47 15.79 -10.40
N GLN B 27 53.36 15.29 -11.26
CA GLN B 27 54.78 15.10 -10.93
C GLN B 27 55.58 15.54 -12.14
N ASN B 28 56.33 16.63 -11.98
CA ASN B 28 57.12 17.18 -13.08
C ASN B 28 58.48 17.60 -12.54
N SER B 29 59.23 18.33 -13.39
CA SER B 29 60.57 18.76 -13.03
C SER B 29 60.58 19.63 -11.77
N GLU B 30 59.53 20.41 -11.56
CA GLU B 30 59.45 21.27 -10.38
C GLU B 30 59.03 20.52 -9.12
N GLY B 31 58.59 19.26 -9.24
CA GLY B 31 58.18 18.51 -8.07
C GLY B 31 56.78 17.93 -8.17
N THR B 32 56.11 17.78 -7.04
CA THR B 32 54.79 17.18 -6.98
C THR B 32 53.75 18.24 -6.60
N GLY B 33 52.51 17.96 -6.96
CA GLY B 33 51.43 18.89 -6.64
C GLY B 33 50.08 18.24 -6.74
N GLN B 34 49.09 18.90 -6.13
CA GLN B 34 47.73 18.40 -6.09
C GLN B 34 46.77 19.58 -6.15
N ALA B 35 45.70 19.42 -6.92
CA ALA B 35 44.69 20.47 -7.04
C ALA B 35 43.37 19.84 -7.44
N ALA B 36 42.30 20.24 -6.77
CA ALA B 36 40.98 19.67 -7.03
C ALA B 36 40.37 20.27 -8.29
N ASP B 37 39.56 19.47 -8.98
CA ASP B 37 38.77 19.92 -10.11
C ASP B 37 37.35 20.19 -9.61
N LEU B 38 36.91 21.43 -9.75
CA LEU B 38 35.66 21.87 -9.12
C LEU B 38 34.42 21.62 -9.97
N LYS B 39 34.57 21.46 -11.28
CA LYS B 39 33.40 21.29 -12.14
C LYS B 39 32.74 19.94 -11.91
N SER B 40 33.54 18.87 -11.83
N SER B 40 33.54 18.87 -11.83
CA SER B 40 32.99 17.54 -11.56
CA SER B 40 33.00 17.55 -11.56
C SER B 40 32.45 17.46 -10.15
C SER B 40 32.45 17.46 -10.15
N THR B 41 33.13 18.06 -9.18
CA THR B 41 32.63 18.10 -7.81
C THR B 41 31.29 18.82 -7.75
N GLN B 42 31.17 19.93 -8.46
CA GLN B 42 29.92 20.67 -8.52
C GLN B 42 28.81 19.83 -9.15
N ALA B 43 29.12 19.11 -10.23
CA ALA B 43 28.10 18.29 -10.88
C ALA B 43 27.61 17.17 -9.96
N ALA B 44 28.54 16.46 -9.31
CA ALA B 44 28.16 15.39 -8.40
C ALA B 44 27.34 15.94 -7.23
N ILE B 45 27.78 17.06 -6.66
CA ILE B 45 27.06 17.66 -5.53
C ILE B 45 25.66 18.08 -5.96
N ASP B 46 25.52 18.61 -7.18
CA ASP B 46 24.20 19.01 -7.67
C ASP B 46 23.28 17.81 -7.81
N GLN B 47 23.78 16.71 -8.39
CA GLN B 47 22.92 15.54 -8.53
C GLN B 47 22.51 15.00 -7.16
N ILE B 48 23.46 14.92 -6.21
N ILE B 48 23.46 14.93 -6.22
CA ILE B 48 23.14 14.41 -4.89
CA ILE B 48 23.13 14.41 -4.89
C ILE B 48 22.16 15.34 -4.17
C ILE B 48 22.16 15.34 -4.17
N ASN B 49 22.32 16.65 -4.34
CA ASN B 49 21.42 17.59 -3.68
C ASN B 49 20.03 17.55 -4.27
N GLY B 50 19.93 17.36 -5.60
CA GLY B 50 18.64 17.20 -6.21
C GLY B 50 17.94 15.95 -5.72
N LYS B 51 18.69 14.85 -5.62
N LYS B 51 18.68 14.84 -5.59
CA LYS B 51 18.14 13.62 -5.04
CA LYS B 51 18.08 13.63 -5.04
C LYS B 51 17.65 13.85 -3.62
C LYS B 51 17.64 13.84 -3.60
N LEU B 52 18.44 14.56 -2.81
CA LEU B 52 18.06 14.84 -1.43
C LEU B 52 16.77 15.65 -1.36
N ASN B 53 16.69 16.72 -2.16
CA ASN B 53 15.48 17.55 -2.17
C ASN B 53 14.26 16.75 -2.63
N ARG B 54 14.44 15.85 -3.61
CA ARG B 54 13.31 15.04 -4.06
C ARG B 54 12.86 14.07 -2.98
N VAL B 55 13.79 13.47 -2.26
CA VAL B 55 13.42 12.45 -1.28
C VAL B 55 12.74 13.08 -0.06
N ILE B 56 13.32 14.16 0.47
CA ILE B 56 12.91 14.68 1.77
C ILE B 56 11.80 15.71 1.64
N GLU B 57 11.13 15.76 0.48
CA GLU B 57 10.07 16.74 0.28
C GLU B 57 8.87 16.41 1.15
N LYS B 58 8.49 17.36 2.01
CA LYS B 58 7.38 17.18 2.94
C LYS B 58 6.06 17.10 2.17
N THR B 59 5.44 15.93 2.15
CA THR B 59 4.24 15.73 1.34
C THR B 59 3.14 14.95 2.05
N ASN B 60 3.18 14.82 3.39
CA ASN B 60 2.22 14.01 4.13
C ASN B 60 1.70 14.82 5.31
N GLU B 61 0.39 15.06 5.33
CA GLU B 61 -0.27 15.74 6.43
C GLU B 61 -1.64 15.11 6.64
N LYS B 62 -1.80 14.39 7.75
CA LYS B 62 -3.05 13.73 8.08
C LYS B 62 -3.53 14.16 9.45
N PHE B 63 -4.86 14.20 9.62
CA PHE B 63 -5.44 14.65 10.88
C PHE B 63 -6.28 13.55 11.50
N HIS B 64 -7.61 13.69 11.43
CA HIS B 64 -8.48 12.67 12.01
C HIS B 64 -8.39 11.40 11.18
N GLN B 65 -8.05 10.29 11.84
CA GLN B 65 -7.88 9.02 11.17
C GLN B 65 -8.72 7.94 11.85
N ILE B 66 -8.22 6.71 11.87
CA ILE B 66 -8.90 5.61 12.54
C ILE B 66 -8.14 5.28 13.82
N GLU B 67 -8.81 4.57 14.72
CA GLU B 67 -8.14 4.09 15.91
C GLU B 67 -7.24 2.91 15.57
N LYS B 68 -6.07 2.87 16.20
CA LYS B 68 -5.06 1.88 15.90
C LYS B 68 -4.65 1.04 17.11
N GLU B 69 -5.07 1.42 18.31
CA GLU B 69 -4.89 0.61 19.51
C GLU B 69 -6.25 0.45 20.18
N PHE B 70 -6.47 -0.75 20.74
CA PHE B 70 -7.77 -1.09 21.30
C PHE B 70 -7.57 -1.76 22.65
N SER B 71 -8.50 -1.48 23.57
CA SER B 71 -8.39 -2.02 24.92
C SER B 71 -9.25 -3.26 25.15
N GLU B 72 -10.31 -3.46 24.36
CA GLU B 72 -11.20 -4.60 24.51
C GLU B 72 -11.31 -5.33 23.18
N VAL B 73 -11.54 -6.65 23.27
CA VAL B 73 -11.75 -7.45 22.08
C VAL B 73 -13.14 -7.17 21.51
N GLU B 74 -13.21 -6.97 20.20
CA GLU B 74 -14.46 -6.64 19.52
C GLU B 74 -14.76 -7.57 18.37
N GLY B 75 -13.74 -7.99 17.62
CA GLY B 75 -13.95 -8.94 16.54
C GLY B 75 -13.79 -8.36 15.15
N ARG B 76 -14.87 -8.39 14.37
CA ARG B 76 -14.78 -8.21 12.92
C ARG B 76 -14.26 -6.83 12.54
N ILE B 77 -14.86 -5.77 13.11
N ILE B 77 -14.86 -5.78 13.11
CA ILE B 77 -14.47 -4.42 12.73
CA ILE B 77 -14.49 -4.41 12.74
C ILE B 77 -13.06 -4.10 13.21
C ILE B 77 -13.08 -4.09 13.22
N GLN B 78 -12.72 -4.55 14.42
CA GLN B 78 -11.37 -4.33 14.93
C GLN B 78 -10.34 -5.11 14.11
N ASP B 79 -10.67 -6.34 13.71
CA ASP B 79 -9.83 -7.09 12.80
C ASP B 79 -9.60 -6.32 11.51
N LEU B 80 -10.66 -5.76 10.94
CA LEU B 80 -10.52 -5.02 9.68
C LEU B 80 -9.64 -3.79 9.85
N GLU B 81 -9.84 -3.05 10.95
CA GLU B 81 -9.02 -1.85 11.19
C GLU B 81 -7.55 -2.22 11.35
N LYS B 82 -7.26 -3.24 12.17
CA LYS B 82 -5.89 -3.68 12.36
C LYS B 82 -5.27 -4.14 11.05
N TYR B 83 -6.03 -4.87 10.23
CA TYR B 83 -5.52 -5.36 8.96
C TYR B 83 -5.20 -4.21 8.02
N VAL B 84 -6.07 -3.20 7.96
CA VAL B 84 -5.82 -2.05 7.10
C VAL B 84 -4.53 -1.36 7.52
N GLU B 85 -4.37 -1.10 8.82
CA GLU B 85 -3.18 -0.39 9.26
C GLU B 85 -1.92 -1.21 9.00
N ASP B 86 -1.97 -2.51 9.24
CA ASP B 86 -0.80 -3.36 9.02
C ASP B 86 -0.42 -3.39 7.53
N THR B 87 -1.42 -3.48 6.66
CA THR B 87 -1.15 -3.47 5.22
C THR B 87 -0.48 -2.16 4.81
N LYS B 88 -1.01 -1.03 5.29
CA LYS B 88 -0.42 0.26 4.96
C LYS B 88 1.02 0.33 5.43
N ILE B 89 1.29 -0.12 6.66
CA ILE B 89 2.63 -0.05 7.23
C ILE B 89 3.60 -0.88 6.40
N ASP B 90 3.19 -2.11 6.04
CA ASP B 90 4.07 -2.98 5.26
C ASP B 90 4.38 -2.38 3.90
N LEU B 91 3.36 -1.82 3.23
CA LEU B 91 3.58 -1.24 1.92
C LEU B 91 4.53 -0.05 1.99
N TRP B 92 4.36 0.81 2.99
CA TRP B 92 5.25 1.97 3.08
C TRP B 92 6.67 1.58 3.48
N SER B 93 6.82 0.53 4.31
CA SER B 93 8.15 0.03 4.61
C SER B 93 8.84 -0.50 3.36
N TYR B 94 8.11 -1.26 2.54
CA TYR B 94 8.68 -1.74 1.28
C TYR B 94 9.08 -0.58 0.40
N ASN B 95 8.22 0.43 0.28
CA ASN B 95 8.54 1.59 -0.56
C ASN B 95 9.81 2.27 -0.08
N ALA B 96 9.94 2.48 1.23
CA ALA B 96 11.13 3.16 1.75
C ALA B 96 12.39 2.34 1.51
N GLU B 97 12.34 1.03 1.77
CA GLU B 97 13.51 0.18 1.55
C GLU B 97 13.94 0.21 0.10
N LEU B 98 13.00 0.00 -0.83
CA LEU B 98 13.34 0.00 -2.25
C LEU B 98 13.88 1.36 -2.69
N LEU B 99 13.29 2.44 -2.17
CA LEU B 99 13.74 3.78 -2.52
C LEU B 99 15.19 3.99 -2.12
N VAL B 100 15.53 3.70 -0.86
CA VAL B 100 16.90 3.94 -0.41
C VAL B 100 17.88 3.07 -1.18
N ALA B 101 17.49 1.82 -1.48
CA ALA B 101 18.40 0.93 -2.21
C ALA B 101 18.69 1.48 -3.61
N LEU B 102 17.63 1.83 -4.35
CA LEU B 102 17.81 2.35 -5.70
C LEU B 102 18.62 3.65 -5.69
N GLU B 103 18.33 4.53 -4.71
CA GLU B 103 19.03 5.80 -4.68
C GLU B 103 20.51 5.62 -4.38
N ASN B 104 20.85 4.69 -3.49
CA ASN B 104 22.27 4.46 -3.19
C ASN B 104 22.99 3.86 -4.39
N GLN B 105 22.37 2.88 -5.06
CA GLN B 105 22.97 2.33 -6.27
C GLN B 105 23.23 3.42 -7.29
N HIS B 106 22.23 4.29 -7.51
CA HIS B 106 22.39 5.35 -8.50
C HIS B 106 23.46 6.36 -8.07
N THR B 107 23.57 6.63 -6.78
CA THR B 107 24.60 7.55 -6.29
C THR B 107 25.99 7.03 -6.57
N ILE B 108 26.24 5.76 -6.23
CA ILE B 108 27.54 5.16 -6.50
C ILE B 108 27.84 5.20 -7.99
N ASP B 109 26.86 4.83 -8.82
CA ASP B 109 27.09 4.79 -10.26
C ASP B 109 27.39 6.19 -10.81
N LEU B 110 26.68 7.22 -10.34
CA LEU B 110 26.89 8.55 -10.88
C LEU B 110 28.21 9.16 -10.41
N THR B 111 28.66 8.85 -9.20
CA THR B 111 29.98 9.32 -8.79
C THR B 111 31.07 8.66 -9.63
N ASP B 112 30.96 7.35 -9.83
CA ASP B 112 31.87 6.66 -10.74
C ASP B 112 31.86 7.31 -12.13
N SER B 113 30.66 7.67 -12.60
CA SER B 113 30.52 8.28 -13.92
C SER B 113 31.23 9.63 -13.98
N GLU B 114 31.10 10.44 -12.93
CA GLU B 114 31.78 11.74 -12.93
C GLU B 114 33.30 11.58 -12.95
N MET B 115 33.83 10.63 -12.18
CA MET B 115 35.26 10.37 -12.23
C MET B 115 35.70 9.97 -13.63
N ASN B 116 34.97 9.03 -14.24
CA ASN B 116 35.32 8.56 -15.58
C ASN B 116 35.23 9.69 -16.61
N LYS B 117 34.23 10.56 -16.47
CA LYS B 117 34.07 11.66 -17.42
C LYS B 117 35.22 12.66 -17.30
N LEU B 118 35.65 12.96 -16.07
CA LEU B 118 36.81 13.83 -15.91
C LEU B 118 38.05 13.21 -16.54
N PHE B 119 38.25 11.90 -16.33
CA PHE B 119 39.41 11.23 -16.93
C PHE B 119 39.37 11.32 -18.44
N GLU B 120 38.21 11.03 -19.05
CA GLU B 120 38.10 11.07 -20.50
C GLU B 120 38.26 12.49 -21.03
N LYS B 121 37.77 13.49 -20.31
CA LYS B 121 37.95 14.88 -20.74
C LYS B 121 39.42 15.26 -20.74
N THR B 122 40.15 14.90 -19.69
CA THR B 122 41.59 15.18 -19.65
C THR B 122 42.31 14.46 -20.78
N GLY B 123 41.93 13.20 -21.05
CA GLY B 123 42.55 12.46 -22.13
C GLY B 123 42.32 13.10 -23.49
N ARG B 124 41.07 13.52 -23.76
CA ARG B 124 40.80 14.21 -25.01
C ARG B 124 41.55 15.53 -25.09
N GLN B 125 41.75 16.21 -23.97
CA GLN B 125 42.59 17.42 -23.96
C GLN B 125 44.01 17.11 -24.40
N LEU B 126 44.60 16.05 -23.84
CA LEU B 126 46.01 15.77 -24.08
C LEU B 126 46.28 15.36 -25.52
N ARG B 127 45.31 14.77 -26.21
CA ARG B 127 45.40 14.43 -27.64
C ARG B 127 46.52 13.41 -27.82
N GLU B 128 47.49 13.66 -28.70
CA GLU B 128 48.57 12.71 -28.99
C GLU B 128 49.85 13.02 -28.23
N ASN B 129 49.80 13.92 -27.25
CA ASN B 129 51.00 14.28 -26.50
C ASN B 129 51.20 13.43 -25.25
N ALA B 130 50.31 12.49 -24.97
CA ALA B 130 50.42 11.70 -23.76
C ALA B 130 49.85 10.31 -24.02
N GLU B 131 50.07 9.42 -23.06
CA GLU B 131 49.58 8.05 -23.13
C GLU B 131 48.94 7.63 -21.81
N ASP B 132 47.86 6.86 -21.91
CA ASP B 132 47.14 6.36 -20.74
C ASP B 132 47.94 5.21 -20.13
N MET B 133 48.35 5.38 -18.87
CA MET B 133 49.14 4.38 -18.17
C MET B 133 48.27 3.27 -17.56
N GLY B 134 46.95 3.37 -17.64
CA GLY B 134 46.07 2.33 -17.17
C GLY B 134 45.69 2.41 -15.71
N ASN B 135 46.31 3.31 -14.94
CA ASN B 135 46.04 3.43 -13.51
C ASN B 135 45.52 4.83 -13.16
N GLY B 136 44.84 5.47 -14.10
CA GLY B 136 44.33 6.81 -13.88
C GLY B 136 45.35 7.91 -14.05
N CYS B 137 46.57 7.59 -14.46
CA CYS B 137 47.62 8.57 -14.67
C CYS B 137 47.95 8.65 -16.16
N PHE B 138 48.28 9.86 -16.61
CA PHE B 138 48.72 10.10 -17.98
C PHE B 138 50.23 10.33 -17.99
N LYS B 139 50.93 9.61 -18.86
CA LYS B 139 52.36 9.86 -19.09
C LYS B 139 52.49 10.88 -20.22
N ILE B 140 53.00 12.06 -19.89
CA ILE B 140 53.14 13.15 -20.84
C ILE B 140 54.56 13.14 -21.39
N TYR B 141 54.68 13.15 -22.72
CA TYR B 141 55.96 12.95 -23.39
C TYR B 141 56.63 14.26 -23.78
N HIS B 142 56.48 15.31 -22.97
CA HIS B 142 57.20 16.55 -23.17
C HIS B 142 57.37 17.22 -21.82
N LYS B 143 58.26 18.22 -21.77
CA LYS B 143 58.47 18.93 -20.52
C LYS B 143 57.25 19.80 -20.20
N CYS B 144 56.70 19.63 -19.00
CA CYS B 144 55.43 20.24 -18.61
C CYS B 144 55.60 20.78 -17.19
N ASP B 145 55.93 22.06 -17.09
CA ASP B 145 56.17 22.71 -15.80
C ASP B 145 54.82 22.99 -15.12
N ASN B 146 54.87 23.74 -14.00
CA ASN B 146 53.66 24.01 -13.24
C ASN B 146 52.65 24.80 -14.07
N ALA B 147 53.13 25.70 -14.92
CA ALA B 147 52.22 26.46 -15.77
C ALA B 147 51.54 25.56 -16.79
N CYS B 148 52.26 24.57 -17.30
CA CYS B 148 51.67 23.62 -18.24
C CYS B 148 50.63 22.74 -17.55
N ILE B 149 50.92 22.28 -16.34
CA ILE B 149 49.93 21.51 -15.57
C ILE B 149 48.70 22.36 -15.31
N GLU B 150 48.91 23.64 -14.99
CA GLU B 150 47.77 24.54 -14.77
C GLU B 150 46.95 24.71 -16.05
N SER B 151 47.61 24.84 -17.20
CA SER B 151 46.91 24.96 -18.47
C SER B 151 46.12 23.69 -18.77
N ILE B 152 46.61 22.53 -18.34
CA ILE B 152 45.82 21.31 -18.49
C ILE B 152 44.62 21.34 -17.57
N ARG B 153 44.82 21.77 -16.31
CA ARG B 153 43.78 21.70 -15.30
C ARG B 153 42.70 22.78 -15.46
N ASN B 154 42.93 23.81 -16.27
CA ASN B 154 41.90 24.83 -16.47
C ASN B 154 41.43 24.90 -17.93
N GLY B 155 41.73 23.89 -18.73
CA GLY B 155 41.12 23.72 -20.04
C GLY B 155 41.74 24.49 -21.18
N THR B 156 42.75 25.32 -20.93
CA THR B 156 43.36 26.13 -21.96
C THR B 156 44.58 25.47 -22.60
N TYR B 157 44.82 24.20 -22.29
CA TYR B 157 46.00 23.51 -22.81
C TYR B 157 45.93 23.41 -24.33
N ASP B 158 47.04 23.78 -24.98
CA ASP B 158 47.16 23.74 -26.44
C ASP B 158 48.11 22.61 -26.82
N HIS B 159 47.58 21.57 -27.46
CA HIS B 159 48.38 20.39 -27.74
C HIS B 159 49.36 20.62 -28.88
N ASP B 160 48.98 21.44 -29.87
CA ASP B 160 49.85 21.68 -31.02
C ASP B 160 51.17 22.31 -30.61
N VAL B 161 51.19 23.08 -29.52
CA VAL B 161 52.41 23.74 -29.07
C VAL B 161 53.49 22.70 -28.75
N TYR B 162 53.10 21.58 -28.17
CA TYR B 162 54.04 20.55 -27.75
C TYR B 162 54.03 19.32 -28.65
N ARG B 163 53.18 19.31 -29.68
CA ARG B 163 52.97 18.10 -30.50
C ARG B 163 54.28 17.59 -31.11
N ASP B 164 55.12 18.49 -31.62
CA ASP B 164 56.35 18.04 -32.28
C ASP B 164 57.26 17.30 -31.31
N GLU B 165 57.54 17.92 -30.16
CA GLU B 165 58.36 17.28 -29.14
C GLU B 165 57.73 15.98 -28.66
N ALA B 166 56.41 15.96 -28.49
CA ALA B 166 55.74 14.78 -27.94
C ALA B 166 55.83 13.62 -28.92
N LEU B 167 55.55 13.86 -30.20
CA LEU B 167 55.68 12.80 -31.19
C LEU B 167 57.12 12.32 -31.30
N ASN B 168 58.08 13.25 -31.21
CA ASN B 168 59.48 12.83 -31.26
C ASN B 168 59.82 11.92 -30.10
N ASN B 169 59.28 12.20 -28.91
CA ASN B 169 59.57 11.37 -27.75
C ASN B 169 58.77 10.07 -27.72
N ARG B 170 57.63 10.01 -28.40
CA ARG B 170 56.79 8.81 -28.34
C ARG B 170 57.33 7.71 -29.25
N PHE B 171 57.42 7.99 -30.55
CA PHE B 171 57.76 6.96 -31.53
C PHE B 171 59.29 6.87 -31.62
N GLN B 172 59.87 6.23 -30.61
CA GLN B 172 61.31 6.01 -30.51
C GLN B 172 62.09 7.31 -30.59
N PRO C 3 44.95 18.87 -46.78
CA PRO C 3 44.28 17.72 -47.40
C PRO C 3 43.60 16.82 -46.38
N GLY C 4 42.57 17.33 -45.72
CA GLY C 4 41.87 16.60 -44.68
C GLY C 4 40.40 16.93 -44.68
N ALA C 5 39.69 16.33 -43.73
CA ALA C 5 38.25 16.56 -43.60
C ALA C 5 37.87 16.44 -42.13
N THR C 6 36.68 16.94 -41.80
CA THR C 6 36.14 16.89 -40.46
C THR C 6 34.81 16.16 -40.47
N LEU C 7 34.64 15.22 -39.54
CA LEU C 7 33.40 14.46 -39.38
C LEU C 7 32.91 14.66 -37.96
N CYS C 8 31.77 15.34 -37.81
CA CYS C 8 31.24 15.71 -36.51
C CYS C 8 30.00 14.88 -36.18
N LEU C 9 29.95 14.36 -34.95
CA LEU C 9 28.79 13.67 -34.45
C LEU C 9 27.89 14.63 -33.67
N GLY C 10 26.58 14.40 -33.75
CA GLY C 10 25.63 15.28 -33.10
C GLY C 10 24.28 14.62 -32.97
N HIS C 11 23.34 15.37 -32.39
CA HIS C 11 21.98 14.93 -32.18
C HIS C 11 21.02 16.06 -32.49
N HIS C 12 19.74 15.74 -32.59
CA HIS C 12 18.75 16.74 -32.97
C HIS C 12 18.33 17.58 -31.78
N ALA C 13 17.63 18.66 -32.06
CA ALA C 13 17.11 19.55 -31.03
C ALA C 13 15.83 20.20 -31.54
N VAL C 14 15.06 20.75 -30.59
CA VAL C 14 13.79 21.40 -30.92
C VAL C 14 13.81 22.82 -30.34
N PRO C 15 13.05 23.76 -30.92
CA PRO C 15 13.05 25.13 -30.36
C PRO C 15 12.45 25.21 -28.97
N ASN C 16 11.29 24.59 -28.77
CA ASN C 16 10.58 24.61 -27.50
C ASN C 16 10.40 23.18 -27.00
N GLY C 17 11.24 22.77 -26.06
CA GLY C 17 11.11 21.48 -25.43
C GLY C 17 10.02 21.47 -24.38
N THR C 18 10.03 20.40 -23.57
N THR C 18 10.02 20.40 -23.58
CA THR C 18 9.06 20.22 -22.51
CA THR C 18 9.05 20.23 -22.51
C THR C 18 9.78 19.84 -21.22
C THR C 18 9.77 19.85 -21.23
N LEU C 19 9.34 20.42 -20.11
CA LEU C 19 9.95 20.14 -18.82
C LEU C 19 9.36 18.87 -18.22
N VAL C 20 10.23 18.03 -17.67
CA VAL C 20 9.85 16.80 -16.99
C VAL C 20 10.66 16.69 -15.69
N LYS C 21 10.21 15.79 -14.82
CA LYS C 21 10.89 15.48 -13.59
C LYS C 21 11.72 14.22 -13.73
N THR C 22 12.86 14.19 -13.04
CA THR C 22 13.70 13.01 -12.98
C THR C 22 14.00 12.68 -11.53
N ILE C 23 14.93 11.75 -11.30
CA ILE C 23 15.33 11.42 -9.93
C ILE C 23 16.21 12.52 -9.35
N THR C 24 17.07 13.12 -10.17
CA THR C 24 18.06 14.06 -9.69
C THR C 24 17.70 15.52 -9.94
N ASP C 25 16.79 15.79 -10.88
CA ASP C 25 16.41 17.16 -11.20
C ASP C 25 14.90 17.30 -11.20
N ASP C 26 14.41 18.39 -10.61
CA ASP C 26 12.98 18.62 -10.53
C ASP C 26 12.40 19.12 -11.85
N GLN C 27 13.18 19.85 -12.63
CA GLN C 27 12.73 20.37 -13.92
C GLN C 27 13.88 20.28 -14.93
N ILE C 28 13.75 19.40 -15.92
CA ILE C 28 14.74 19.28 -16.98
C ILE C 28 14.02 19.23 -18.31
N GLU C 29 14.62 19.86 -19.34
CA GLU C 29 13.97 20.01 -20.63
C GLU C 29 14.35 18.87 -21.57
N VAL C 30 13.34 18.22 -22.14
CA VAL C 30 13.55 17.18 -23.13
C VAL C 30 12.84 17.58 -24.42
N THR C 31 13.11 16.81 -25.48
CA THR C 31 12.57 17.12 -26.80
C THR C 31 11.08 16.82 -26.88
N ASN C 32 10.63 15.74 -26.23
CA ASN C 32 9.22 15.39 -26.23
C ASN C 32 8.84 14.67 -24.94
N ALA C 33 7.57 14.78 -24.58
CA ALA C 33 7.00 14.06 -23.46
C ALA C 33 5.54 13.80 -23.74
N THR C 34 4.95 12.91 -22.94
CA THR C 34 3.53 12.57 -23.05
C THR C 34 2.89 12.67 -21.67
N GLU C 35 1.60 12.98 -21.66
CA GLU C 35 0.86 13.11 -20.42
C GLU C 35 0.37 11.75 -19.96
N LEU C 36 0.59 11.44 -18.67
CA LEU C 36 0.15 10.18 -18.09
C LEU C 36 -1.03 10.33 -17.16
N VAL C 37 -1.49 11.55 -16.88
CA VAL C 37 -2.62 11.79 -15.99
C VAL C 37 -3.75 12.39 -16.81
N GLN C 38 -4.88 11.68 -16.87
CA GLN C 38 -6.08 12.20 -17.52
C GLN C 38 -6.76 13.15 -16.55
N SER C 39 -6.81 14.44 -16.91
CA SER C 39 -7.33 15.46 -16.00
C SER C 39 -8.60 16.13 -16.51
N SER C 40 -9.08 15.77 -17.69
CA SER C 40 -10.26 16.40 -18.27
C SER C 40 -11.27 15.33 -18.67
N SER C 41 -12.55 15.70 -18.60
CA SER C 41 -13.64 14.85 -19.01
C SER C 41 -14.56 15.61 -19.95
N THR C 42 -15.27 14.87 -20.79
CA THR C 42 -16.25 15.51 -21.68
C THR C 42 -17.43 16.07 -20.89
N GLY C 43 -17.75 15.46 -19.75
CA GLY C 43 -18.90 15.86 -18.97
C GLY C 43 -20.14 15.03 -19.20
N LYS C 44 -20.07 13.99 -20.03
CA LYS C 44 -21.21 13.17 -20.38
C LYS C 44 -20.87 11.70 -20.18
N ILE C 45 -21.90 10.92 -19.85
CA ILE C 45 -21.74 9.47 -19.68
C ILE C 45 -22.11 8.78 -20.98
N CYS C 46 -21.19 7.96 -21.49
CA CYS C 46 -21.43 7.24 -22.73
C CYS C 46 -22.35 6.05 -22.49
N ASN C 47 -23.31 5.88 -23.40
CA ASN C 47 -24.33 4.83 -23.31
C ASN C 47 -23.84 3.47 -23.79
N ASN C 48 -22.58 3.34 -24.20
CA ASN C 48 -22.03 2.09 -24.66
C ASN C 48 -20.58 1.99 -24.21
N PRO C 49 -20.07 0.77 -23.97
CA PRO C 49 -20.74 -0.53 -24.10
C PRO C 49 -21.60 -0.89 -22.89
N HIS C 50 -21.46 -0.15 -21.79
CA HIS C 50 -22.17 -0.46 -20.57
C HIS C 50 -23.61 0.00 -20.63
N ARG C 51 -24.52 -0.85 -20.16
CA ARG C 51 -25.94 -0.51 -20.13
C ARG C 51 -26.19 0.45 -18.98
N ILE C 52 -26.51 1.70 -19.32
CA ILE C 52 -26.69 2.76 -18.33
C ILE C 52 -28.18 2.96 -18.10
N LEU C 53 -28.61 2.88 -16.84
CA LEU C 53 -29.99 3.08 -16.46
C LEU C 53 -30.11 4.38 -15.66
N ASP C 54 -30.81 5.35 -16.24
CA ASP C 54 -31.01 6.65 -15.61
C ASP C 54 -32.25 6.60 -14.73
N GLY C 55 -32.09 6.96 -13.47
CA GLY C 55 -33.21 6.97 -12.55
C GLY C 55 -34.05 8.23 -12.56
N ILE C 56 -33.54 9.31 -13.16
CA ILE C 56 -34.26 10.58 -13.26
C ILE C 56 -34.67 11.07 -11.87
N ASP C 57 -35.87 10.70 -11.43
CA ASP C 57 -36.44 11.19 -10.19
C ASP C 57 -36.57 10.11 -9.12
N CYS C 58 -36.01 8.92 -9.35
CA CYS C 58 -36.15 7.80 -8.45
C CYS C 58 -34.79 7.33 -7.95
N THR C 59 -34.73 7.02 -6.66
CA THR C 59 -33.59 6.29 -6.13
C THR C 59 -33.81 4.79 -6.35
N LEU C 60 -32.72 4.02 -6.22
CA LEU C 60 -32.82 2.59 -6.42
C LEU C 60 -33.79 1.95 -5.44
N ILE C 61 -33.81 2.43 -4.19
CA ILE C 61 -34.69 1.83 -3.19
C ILE C 61 -36.16 2.13 -3.50
N ASP C 62 -36.44 3.35 -3.98
CA ASP C 62 -37.82 3.69 -4.30
C ASP C 62 -38.35 2.84 -5.46
N ALA C 63 -37.52 2.61 -6.48
CA ALA C 63 -37.92 1.73 -7.57
C ALA C 63 -38.01 0.28 -7.10
N LEU C 64 -37.16 -0.11 -6.15
CA LEU C 64 -37.25 -1.45 -5.58
C LEU C 64 -38.60 -1.66 -4.90
N LEU C 65 -38.99 -0.72 -4.04
CA LEU C 65 -40.25 -0.86 -3.31
C LEU C 65 -41.43 -0.80 -4.27
N GLY C 66 -41.39 0.10 -5.25
CA GLY C 66 -42.50 0.26 -6.17
C GLY C 66 -43.23 1.57 -5.99
N ASP C 67 -42.46 2.65 -5.81
CA ASP C 67 -43.06 3.97 -5.77
C ASP C 67 -43.80 4.25 -7.07
N PRO C 68 -45.00 4.85 -7.01
CA PRO C 68 -45.79 5.09 -8.23
C PRO C 68 -45.00 5.70 -9.38
N HIS C 69 -44.41 6.88 -9.18
CA HIS C 69 -43.68 7.52 -10.28
C HIS C 69 -42.42 6.77 -10.67
N CYS C 70 -42.13 5.63 -10.03
CA CYS C 70 -41.01 4.77 -10.39
C CYS C 70 -41.48 3.48 -11.05
N ASP C 71 -42.77 3.38 -11.39
CA ASP C 71 -43.31 2.16 -11.96
C ASP C 71 -42.66 1.79 -13.29
N VAL C 72 -42.05 2.75 -13.98
N VAL C 72 -42.06 2.75 -13.98
CA VAL C 72 -41.37 2.46 -15.23
CA VAL C 72 -41.36 2.46 -15.22
C VAL C 72 -40.15 1.56 -15.01
C VAL C 72 -40.12 1.62 -15.02
N PHE C 73 -39.67 1.46 -13.77
CA PHE C 73 -38.46 0.69 -13.47
C PHE C 73 -38.76 -0.74 -13.06
N GLN C 74 -39.92 -1.27 -13.42
CA GLN C 74 -40.25 -2.66 -13.08
C GLN C 74 -39.56 -3.61 -14.05
N ASN C 75 -39.02 -4.70 -13.51
CA ASN C 75 -38.34 -5.73 -14.30
C ASN C 75 -37.22 -5.14 -15.16
N GLU C 76 -36.45 -4.21 -14.59
CA GLU C 76 -35.38 -3.55 -15.31
C GLU C 76 -34.03 -4.15 -14.94
N THR C 77 -33.11 -4.10 -15.89
CA THR C 77 -31.74 -4.55 -15.71
C THR C 77 -30.80 -3.40 -16.03
N TRP C 78 -29.58 -3.49 -15.52
CA TRP C 78 -28.60 -2.43 -15.74
C TRP C 78 -27.21 -2.97 -15.52
N ASP C 79 -26.23 -2.26 -16.09
CA ASP C 79 -24.84 -2.39 -15.69
C ASP C 79 -24.45 -1.32 -14.67
N LEU C 80 -24.92 -0.09 -14.86
CA LEU C 80 -24.67 1.00 -13.92
C LEU C 80 -25.96 1.78 -13.72
N PHE C 81 -26.47 1.78 -12.48
CA PHE C 81 -27.62 2.60 -12.12
C PHE C 81 -27.14 3.98 -11.71
N VAL C 82 -27.74 5.02 -12.27
CA VAL C 82 -27.34 6.40 -12.02
C VAL C 82 -28.43 7.07 -11.20
N GLU C 83 -28.10 7.47 -9.98
CA GLU C 83 -29.01 8.21 -9.11
C GLU C 83 -28.72 9.71 -9.23
N ARG C 84 -29.79 10.49 -9.41
CA ARG C 84 -29.68 11.94 -9.55
C ARG C 84 -29.95 12.61 -8.20
N SER C 85 -29.55 13.88 -8.10
CA SER C 85 -29.76 14.63 -6.87
C SER C 85 -31.17 15.20 -6.79
N LYS C 86 -31.87 15.30 -7.90
CA LYS C 86 -33.26 15.75 -7.92
C LYS C 86 -34.23 14.66 -7.48
N ALA C 87 -33.74 13.45 -7.20
CA ALA C 87 -34.61 12.34 -6.82
C ALA C 87 -35.37 12.67 -5.54
N PHE C 88 -36.64 12.28 -5.52
CA PHE C 88 -37.50 12.52 -4.36
C PHE C 88 -38.41 11.31 -4.17
N SER C 89 -38.85 11.14 -2.94
CA SER C 89 -39.84 10.12 -2.61
C SER C 89 -41.22 10.77 -2.55
N ASN C 90 -42.21 10.08 -3.11
CA ASN C 90 -43.58 10.58 -3.16
C ASN C 90 -44.56 9.46 -2.84
N CYS C 91 -44.25 8.72 -1.78
CA CYS C 91 -45.11 7.62 -1.34
C CYS C 91 -45.21 7.63 0.17
N TYR C 92 -45.43 6.47 0.77
CA TYR C 92 -45.54 6.40 2.23
C TYR C 92 -44.19 6.73 2.84
N PRO C 93 -44.15 7.61 3.85
CA PRO C 93 -42.87 7.92 4.49
C PRO C 93 -42.28 6.68 5.14
N TYR C 94 -41.05 6.36 4.77
CA TYR C 94 -40.40 5.13 5.20
C TYR C 94 -38.95 5.40 5.55
N ASP C 95 -38.34 4.44 6.24
CA ASP C 95 -36.91 4.43 6.49
C ASP C 95 -36.42 2.99 6.41
N VAL C 96 -35.16 2.83 6.00
CA VAL C 96 -34.58 1.51 5.83
C VAL C 96 -33.42 1.34 6.81
N PRO C 97 -33.58 0.54 7.87
CA PRO C 97 -32.43 0.18 8.69
C PRO C 97 -31.36 -0.51 7.84
N ASP C 98 -30.14 0.03 7.90
CA ASP C 98 -29.06 -0.37 7.00
C ASP C 98 -29.45 -0.13 5.55
N TYR C 99 -29.87 1.11 5.28
CA TYR C 99 -30.24 1.50 3.92
C TYR C 99 -29.11 1.29 2.94
N ALA C 100 -27.88 1.63 3.34
CA ALA C 100 -26.73 1.54 2.44
C ALA C 100 -26.47 0.10 2.01
N SER C 101 -26.60 -0.86 2.93
CA SER C 101 -26.34 -2.25 2.56
C SER C 101 -27.36 -2.78 1.59
N LEU C 102 -28.64 -2.46 1.80
CA LEU C 102 -29.68 -2.88 0.87
C LEU C 102 -29.47 -2.26 -0.51
N ARG C 103 -29.20 -0.96 -0.54
CA ARG C 103 -28.89 -0.30 -1.81
C ARG C 103 -27.71 -0.97 -2.50
N SER C 104 -26.65 -1.28 -1.76
CA SER C 104 -25.47 -1.87 -2.36
C SER C 104 -25.75 -3.26 -2.91
N LEU C 105 -26.49 -4.10 -2.16
CA LEU C 105 -26.74 -5.46 -2.62
C LEU C 105 -27.69 -5.48 -3.80
N VAL C 106 -28.68 -4.58 -3.83
CA VAL C 106 -29.56 -4.51 -4.98
C VAL C 106 -28.81 -3.99 -6.20
N ALA C 107 -27.91 -3.02 -6.00
CA ALA C 107 -27.11 -2.52 -7.11
C ALA C 107 -26.17 -3.59 -7.64
N SER C 108 -25.59 -4.39 -6.75
CA SER C 108 -24.69 -5.45 -7.20
C SER C 108 -25.45 -6.58 -7.89
N SER C 109 -26.70 -6.81 -7.49
CA SER C 109 -27.51 -7.80 -8.21
C SER C 109 -27.81 -7.34 -9.63
N GLY C 110 -28.12 -6.06 -9.80
CA GLY C 110 -28.26 -5.49 -11.14
C GLY C 110 -29.58 -5.75 -11.82
N THR C 111 -30.61 -6.17 -11.08
CA THR C 111 -31.89 -6.47 -11.68
C THR C 111 -33.01 -6.22 -10.68
N LEU C 112 -34.16 -5.80 -11.20
CA LEU C 112 -35.38 -5.67 -10.42
C LEU C 112 -36.44 -6.68 -10.85
N GLU C 113 -36.02 -7.77 -11.49
CA GLU C 113 -36.94 -8.81 -11.92
C GLU C 113 -37.68 -9.38 -10.72
N PHE C 114 -38.99 -9.18 -10.68
CA PHE C 114 -39.84 -9.55 -9.56
C PHE C 114 -40.81 -10.63 -9.98
N ILE C 115 -40.86 -11.72 -9.22
CA ILE C 115 -41.76 -12.84 -9.47
C ILE C 115 -42.81 -12.84 -8.36
N THR C 116 -44.08 -12.83 -8.77
CA THR C 116 -45.18 -12.83 -7.82
C THR C 116 -45.46 -14.25 -7.34
N GLU C 117 -45.58 -14.41 -6.03
CA GLU C 117 -45.93 -15.69 -5.42
C GLU C 117 -47.30 -15.59 -4.77
N GLY C 118 -48.03 -16.71 -4.79
CA GLY C 118 -49.39 -16.74 -4.27
C GLY C 118 -49.46 -16.87 -2.77
N PHE C 119 -49.03 -15.84 -2.05
CA PHE C 119 -49.15 -15.84 -0.59
C PHE C 119 -50.63 -15.86 -0.18
N THR C 120 -50.93 -16.70 0.80
CA THR C 120 -52.30 -16.91 1.27
C THR C 120 -52.44 -16.26 2.65
N TRP C 121 -53.10 -15.10 2.70
CA TRP C 121 -53.32 -14.37 3.94
C TRP C 121 -54.79 -14.56 4.34
N THR C 122 -55.03 -15.54 5.20
CA THR C 122 -56.40 -15.91 5.59
C THR C 122 -56.84 -15.07 6.79
N GLY C 123 -57.87 -14.27 6.58
CA GLY C 123 -58.48 -13.52 7.66
C GLY C 123 -58.05 -12.08 7.80
N VAL C 124 -57.48 -11.47 6.75
CA VAL C 124 -57.07 -10.07 6.79
C VAL C 124 -57.50 -9.39 5.50
N THR C 125 -57.60 -8.06 5.56
CA THR C 125 -57.92 -7.24 4.41
C THR C 125 -56.64 -6.83 3.68
N GLN C 126 -56.59 -7.11 2.38
CA GLN C 126 -55.41 -6.86 1.57
C GLN C 126 -55.53 -5.55 0.80
N ASN C 127 -54.43 -5.17 0.14
CA ASN C 127 -54.37 -4.05 -0.79
C ASN C 127 -54.79 -2.73 -0.15
N GLY C 128 -54.29 -2.49 1.06
CA GLY C 128 -54.53 -1.20 1.70
C GLY C 128 -53.71 -0.09 1.05
N GLY C 129 -54.27 1.12 1.07
CA GLY C 129 -53.65 2.26 0.43
C GLY C 129 -53.61 3.47 1.35
N SER C 130 -53.01 4.54 0.83
CA SER C 130 -52.84 5.78 1.57
C SER C 130 -52.77 6.94 0.59
N ASN C 131 -53.09 8.13 1.09
CA ASN C 131 -53.13 9.34 0.27
C ASN C 131 -51.79 10.05 0.18
N ALA C 132 -50.74 9.50 0.80
CA ALA C 132 -49.38 9.98 0.57
C ALA C 132 -48.68 9.21 -0.54
N CYS C 133 -49.31 8.16 -1.06
CA CYS C 133 -48.73 7.31 -2.10
C CYS C 133 -49.73 7.15 -3.25
N LYS C 134 -50.09 8.28 -3.84
CA LYS C 134 -51.15 8.30 -4.85
C LYS C 134 -50.76 7.56 -6.12
N ARG C 135 -51.70 6.79 -6.65
CA ARG C 135 -51.58 6.13 -7.94
C ARG C 135 -52.72 6.66 -8.79
N GLY C 136 -52.41 7.63 -9.65
CA GLY C 136 -53.41 8.35 -10.38
C GLY C 136 -54.12 9.34 -9.47
N PRO C 137 -55.44 9.50 -9.64
CA PRO C 137 -56.17 10.47 -8.82
C PRO C 137 -56.38 10.02 -7.38
N GLY C 138 -56.35 8.72 -7.09
CA GLY C 138 -56.68 8.20 -5.79
C GLY C 138 -55.49 7.62 -5.04
N SER C 139 -55.80 7.08 -3.86
CA SER C 139 -54.78 6.50 -2.99
C SER C 139 -54.17 5.25 -3.60
N GLY C 140 -52.96 4.94 -3.16
CA GLY C 140 -52.23 3.76 -3.60
C GLY C 140 -51.23 3.28 -2.58
N PHE C 141 -50.30 2.43 -3.00
CA PHE C 141 -49.31 1.86 -2.10
C PHE C 141 -48.15 1.32 -2.94
N PHE C 142 -47.11 0.85 -2.26
CA PHE C 142 -45.97 0.26 -2.95
C PHE C 142 -46.43 -0.94 -3.78
N SER C 143 -46.04 -0.97 -5.05
CA SER C 143 -46.48 -2.04 -5.94
C SER C 143 -46.01 -3.41 -5.50
N ARG C 144 -44.92 -3.48 -4.73
CA ARG C 144 -44.35 -4.75 -4.32
C ARG C 144 -44.69 -5.10 -2.88
N LEU C 145 -45.54 -4.30 -2.22
CA LEU C 145 -45.89 -4.53 -0.83
C LEU C 145 -47.41 -4.61 -0.68
N ASN C 146 -47.85 -5.32 0.36
CA ASN C 146 -49.27 -5.55 0.63
C ASN C 146 -49.57 -5.10 2.06
N TRP C 147 -50.41 -4.07 2.18
CA TRP C 147 -50.78 -3.55 3.49
C TRP C 147 -51.93 -4.38 4.05
N LEU C 148 -51.64 -5.21 5.05
CA LEU C 148 -52.63 -6.09 5.66
C LEU C 148 -53.20 -5.45 6.91
N THR C 149 -54.53 -5.39 6.98
CA THR C 149 -55.23 -4.88 8.15
C THR C 149 -56.30 -5.86 8.60
N LYS C 150 -57.15 -5.43 9.53
CA LYS C 150 -58.17 -6.32 10.09
C LYS C 150 -59.22 -6.67 9.06
N SER C 151 -59.78 -7.87 9.20
CA SER C 151 -60.92 -8.32 8.40
C SER C 151 -62.10 -8.51 9.35
N GLY C 152 -63.16 -7.75 9.13
CA GLY C 152 -64.25 -7.71 10.09
C GLY C 152 -63.83 -6.94 11.32
N SER C 153 -63.45 -7.66 12.39
CA SER C 153 -62.96 -7.02 13.60
C SER C 153 -61.90 -7.87 14.30
N THR C 154 -61.20 -8.72 13.56
CA THR C 154 -60.18 -9.59 14.12
C THR C 154 -58.95 -9.58 13.24
N TYR C 155 -57.78 -9.71 13.87
CA TYR C 155 -56.51 -9.89 13.17
C TYR C 155 -55.87 -11.17 13.69
N PRO C 156 -56.00 -12.29 12.97
CA PRO C 156 -55.44 -13.55 13.45
C PRO C 156 -53.92 -13.54 13.41
N VAL C 157 -53.34 -14.53 14.08
CA VAL C 157 -51.89 -14.75 14.02
C VAL C 157 -51.56 -15.36 12.66
N LEU C 158 -51.12 -14.51 11.73
CA LEU C 158 -50.78 -14.95 10.39
C LEU C 158 -49.53 -15.81 10.42
N ASN C 159 -49.61 -16.99 9.78
CA ASN C 159 -48.55 -17.99 9.80
C ASN C 159 -48.47 -18.56 8.38
N VAL C 160 -47.55 -18.05 7.57
CA VAL C 160 -47.44 -18.40 6.16
C VAL C 160 -46.04 -18.88 5.85
N THR C 161 -45.95 -19.93 5.04
CA THR C 161 -44.66 -20.50 4.63
C THR C 161 -44.54 -20.49 3.11
N MET C 162 -43.31 -20.30 2.64
CA MET C 162 -43.01 -20.30 1.20
C MET C 162 -41.66 -20.97 0.97
N PRO C 163 -41.62 -22.11 0.29
CA PRO C 163 -40.35 -22.79 0.06
C PRO C 163 -39.63 -22.29 -1.19
N ASN C 164 -38.30 -22.41 -1.15
CA ASN C 164 -37.45 -22.09 -2.29
C ASN C 164 -37.02 -23.40 -2.94
N ASN C 165 -37.76 -23.82 -3.96
CA ASN C 165 -37.46 -25.03 -4.71
C ASN C 165 -36.73 -24.73 -6.02
N ASP C 166 -36.17 -23.53 -6.17
CA ASP C 166 -35.45 -23.14 -7.36
C ASP C 166 -33.94 -23.33 -7.13
N ASN C 167 -33.16 -23.00 -8.16
CA ASN C 167 -31.71 -23.09 -8.09
C ASN C 167 -31.04 -21.74 -7.93
N PHE C 168 -31.77 -20.72 -7.47
CA PHE C 168 -31.22 -19.40 -7.25
C PHE C 168 -31.76 -18.84 -5.94
N ASP C 169 -31.11 -17.76 -5.46
CA ASP C 169 -31.53 -17.11 -4.23
C ASP C 169 -32.75 -16.23 -4.47
N LYS C 170 -33.57 -16.09 -3.44
CA LYS C 170 -34.76 -15.24 -3.47
C LYS C 170 -34.58 -14.08 -2.49
N LEU C 171 -34.82 -12.87 -2.96
CA LEU C 171 -34.78 -11.69 -2.11
C LEU C 171 -36.21 -11.24 -1.82
N TYR C 172 -36.57 -11.19 -0.54
CA TYR C 172 -37.88 -10.76 -0.10
C TYR C 172 -37.76 -9.42 0.61
N ILE C 173 -38.56 -8.45 0.17
CA ILE C 173 -38.67 -7.14 0.79
C ILE C 173 -40.00 -7.08 1.53
N TRP C 174 -39.95 -6.73 2.82
CA TRP C 174 -41.16 -6.61 3.62
C TRP C 174 -41.04 -5.40 4.53
N GLY C 175 -42.09 -5.12 5.30
CA GLY C 175 -42.12 -3.91 6.10
C GLY C 175 -42.95 -4.05 7.35
N VAL C 176 -42.78 -3.07 8.24
CA VAL C 176 -43.49 -2.98 9.52
C VAL C 176 -44.02 -1.57 9.67
N HIS C 177 -45.33 -1.44 9.88
CA HIS C 177 -45.98 -0.14 9.98
C HIS C 177 -45.95 0.35 11.43
N HIS C 178 -45.41 1.55 11.64
CA HIS C 178 -45.40 2.20 12.94
C HIS C 178 -46.47 3.26 12.97
N PRO C 179 -47.61 3.05 13.64
CA PRO C 179 -48.65 4.07 13.70
C PRO C 179 -48.27 5.24 14.62
N SER C 180 -49.11 6.26 14.67
CA SER C 180 -48.84 7.44 15.47
C SER C 180 -49.65 7.49 16.77
N THR C 181 -50.80 6.83 16.82
CA THR C 181 -51.63 6.81 18.01
C THR C 181 -52.10 5.38 18.29
N ASN C 182 -52.47 5.13 19.55
CA ASN C 182 -53.00 3.82 19.92
C ASN C 182 -54.35 3.56 19.26
N GLN C 183 -55.15 4.61 19.03
CA GLN C 183 -56.42 4.44 18.33
C GLN C 183 -56.20 3.93 16.92
N GLU C 184 -55.23 4.50 16.20
CA GLU C 184 -54.89 4.01 14.87
C GLU C 184 -54.43 2.56 14.92
N GLN C 185 -53.57 2.23 15.89
CA GLN C 185 -53.07 0.87 16.04
C GLN C 185 -54.22 -0.11 16.23
N THR C 186 -55.16 0.21 17.12
CA THR C 186 -56.25 -0.72 17.40
C THR C 186 -57.24 -0.80 16.24
N SER C 187 -57.49 0.32 15.57
CA SER C 187 -58.43 0.29 14.44
C SER C 187 -57.85 -0.43 13.23
N LEU C 188 -56.52 -0.46 13.10
CA LEU C 188 -55.92 -1.13 11.95
C LEU C 188 -55.61 -2.59 12.23
N TYR C 189 -55.09 -2.91 13.42
CA TYR C 189 -54.56 -4.25 13.68
C TYR C 189 -55.15 -4.89 14.95
N VAL C 190 -56.22 -4.33 15.49
CA VAL C 190 -56.95 -4.92 16.63
C VAL C 190 -56.09 -4.91 17.88
N GLN C 191 -55.02 -5.72 17.88
CA GLN C 191 -54.16 -5.82 19.06
C GLN C 191 -53.49 -4.48 19.35
N ALA C 192 -53.15 -4.27 20.64
CA ALA C 192 -52.54 -3.02 21.06
C ALA C 192 -51.08 -2.93 20.63
N SER C 193 -50.39 -4.07 20.52
CA SER C 193 -49.00 -4.09 20.10
C SER C 193 -48.81 -5.23 19.11
N GLY C 194 -48.27 -4.92 17.94
CA GLY C 194 -48.02 -5.92 16.93
C GLY C 194 -46.69 -6.63 17.12
N ARG C 195 -46.39 -7.51 16.16
CA ARG C 195 -45.13 -8.25 16.13
C ARG C 195 -45.00 -8.96 14.78
N VAL C 196 -43.83 -8.82 14.15
CA VAL C 196 -43.55 -9.42 12.85
C VAL C 196 -42.29 -10.26 12.98
N THR C 197 -42.34 -11.51 12.54
CA THR C 197 -41.18 -12.40 12.60
C THR C 197 -41.01 -13.07 11.25
N VAL C 198 -39.90 -12.78 10.58
CA VAL C 198 -39.57 -13.38 9.29
C VAL C 198 -38.32 -14.23 9.49
N SER C 199 -38.40 -15.51 9.16
CA SER C 199 -37.35 -16.44 9.54
C SER C 199 -37.06 -17.43 8.42
N THR C 200 -35.82 -17.89 8.38
CA THR C 200 -35.37 -19.00 7.57
C THR C 200 -34.93 -20.12 8.52
N ARG C 201 -34.21 -21.11 7.97
CA ARG C 201 -33.74 -22.21 8.80
C ARG C 201 -32.56 -21.81 9.68
N ARG C 202 -31.77 -20.83 9.26
CA ARG C 202 -30.58 -20.42 10.01
C ARG C 202 -30.53 -18.91 10.27
N SER C 203 -31.64 -18.20 10.05
CA SER C 203 -31.70 -16.77 10.33
C SER C 203 -33.12 -16.41 10.72
N GLN C 204 -33.25 -15.33 11.49
CA GLN C 204 -34.55 -14.87 11.96
C GLN C 204 -34.49 -13.39 12.27
N GLN C 205 -35.61 -12.71 12.09
CA GLN C 205 -35.73 -11.28 12.37
C GLN C 205 -37.10 -11.01 12.99
N THR C 206 -37.11 -10.43 14.19
CA THR C 206 -38.34 -10.08 14.89
C THR C 206 -38.36 -8.58 15.13
N ILE C 207 -39.42 -7.93 14.67
CA ILE C 207 -39.61 -6.49 14.81
C ILE C 207 -40.89 -6.23 15.59
N ILE C 208 -40.80 -5.35 16.57
CA ILE C 208 -41.94 -4.89 17.37
C ILE C 208 -42.23 -3.44 16.98
N PRO C 209 -43.46 -3.12 16.58
CA PRO C 209 -43.77 -1.75 16.16
C PRO C 209 -43.57 -0.75 17.30
N ASN C 210 -43.38 0.51 16.90
CA ASN C 210 -43.17 1.61 17.84
C ASN C 210 -44.20 2.69 17.58
N ILE C 211 -45.06 2.93 18.56
CA ILE C 211 -46.16 3.88 18.43
C ILE C 211 -45.70 5.23 18.96
N GLY C 212 -45.96 6.29 18.19
CA GLY C 212 -45.54 7.62 18.58
C GLY C 212 -45.66 8.60 17.42
N SER C 213 -45.62 9.90 17.72
CA SER C 213 -45.77 10.92 16.70
C SER C 213 -44.42 11.29 16.09
N ARG C 214 -44.35 11.23 14.77
CA ARG C 214 -43.18 11.66 14.03
C ARG C 214 -43.54 12.94 13.26
N PRO C 215 -42.56 13.63 12.65
CA PRO C 215 -42.92 14.82 11.86
C PRO C 215 -43.85 14.48 10.69
N TRP C 216 -44.65 15.45 10.28
CA TRP C 216 -45.66 15.23 9.24
C TRP C 216 -44.98 15.22 7.89
N VAL C 217 -44.94 14.05 7.24
CA VAL C 217 -44.37 13.91 5.91
C VAL C 217 -45.48 13.47 4.97
N ARG C 218 -45.85 14.35 4.02
CA ARG C 218 -46.90 14.06 3.04
C ARG C 218 -48.22 13.70 3.73
N GLY C 219 -48.55 14.43 4.79
CA GLY C 219 -49.84 14.28 5.45
C GLY C 219 -49.89 13.23 6.55
N LEU C 220 -48.80 12.52 6.82
CA LEU C 220 -48.80 11.41 7.75
C LEU C 220 -47.73 11.61 8.80
N SER C 221 -48.01 11.14 10.02
CA SER C 221 -47.02 11.04 11.08
C SER C 221 -46.70 9.59 11.44
N SER C 222 -47.19 8.63 10.65
CA SER C 222 -46.86 7.23 10.78
C SER C 222 -45.69 6.89 9.86
N ARG C 223 -45.08 5.72 10.07
CA ARG C 223 -43.90 5.34 9.30
C ARG C 223 -44.01 3.88 8.88
N ILE C 224 -43.09 3.48 8.01
CA ILE C 224 -42.89 2.09 7.65
C ILE C 224 -41.39 1.80 7.68
N SER C 225 -41.00 0.73 8.37
CA SER C 225 -39.62 0.27 8.39
C SER C 225 -39.48 -0.90 7.43
N ILE C 226 -38.50 -0.81 6.53
CA ILE C 226 -38.31 -1.79 5.46
C ILE C 226 -37.20 -2.75 5.87
N TYR C 227 -37.43 -4.05 5.66
CA TYR C 227 -36.45 -5.08 5.94
C TYR C 227 -36.39 -6.04 4.77
N TRP C 228 -35.29 -6.80 4.69
N TRP C 228 -35.30 -6.80 4.70
CA TRP C 228 -35.09 -7.74 3.60
CA TRP C 228 -35.08 -7.75 3.61
C TRP C 228 -34.62 -9.09 4.16
C TRP C 228 -34.62 -9.09 4.16
N THR C 229 -34.88 -10.14 3.38
CA THR C 229 -34.50 -11.49 3.77
C THR C 229 -34.13 -12.29 2.52
N ILE C 230 -32.99 -12.96 2.56
CA ILE C 230 -32.53 -13.79 1.45
C ILE C 230 -32.77 -15.25 1.79
N VAL C 231 -33.49 -15.95 0.91
CA VAL C 231 -33.81 -17.36 1.06
C VAL C 231 -33.03 -18.13 0.01
N LYS C 232 -32.19 -19.06 0.46
CA LYS C 232 -31.37 -19.87 -0.42
C LYS C 232 -32.15 -21.06 -0.98
N PRO C 233 -31.68 -21.66 -2.06
CA PRO C 233 -32.31 -22.88 -2.57
C PRO C 233 -32.33 -23.97 -1.51
N GLY C 234 -33.49 -24.60 -1.35
CA GLY C 234 -33.70 -25.59 -0.32
C GLY C 234 -34.19 -25.04 1.01
N ASP C 235 -34.08 -23.74 1.22
CA ASP C 235 -34.53 -23.11 2.45
C ASP C 235 -35.99 -22.69 2.29
N VAL C 236 -36.58 -22.19 3.38
CA VAL C 236 -37.99 -21.84 3.42
C VAL C 236 -38.15 -20.51 4.16
N LEU C 237 -38.96 -19.61 3.61
CA LEU C 237 -39.29 -18.36 4.27
C LEU C 237 -40.55 -18.56 5.10
N VAL C 238 -40.53 -18.12 6.35
CA VAL C 238 -41.67 -18.23 7.25
C VAL C 238 -42.00 -16.83 7.77
N ILE C 239 -43.26 -16.43 7.60
CA ILE C 239 -43.76 -15.16 8.10
C ILE C 239 -44.78 -15.46 9.19
N ASN C 240 -44.54 -14.93 10.37
CA ASN C 240 -45.43 -15.10 11.52
C ASN C 240 -45.65 -13.72 12.11
N SER C 241 -46.86 -13.20 11.98
CA SER C 241 -47.13 -11.83 12.39
C SER C 241 -48.50 -11.72 13.02
N ASN C 242 -48.60 -10.95 14.10
CA ASN C 242 -49.90 -10.70 14.72
C ASN C 242 -50.32 -9.25 14.61
N GLY C 243 -49.67 -8.47 13.77
CA GLY C 243 -50.05 -7.07 13.57
C GLY C 243 -48.98 -6.24 12.89
N ASN C 244 -49.40 -5.25 12.11
CA ASN C 244 -48.54 -4.24 11.52
C ASN C 244 -47.65 -4.77 10.41
N LEU C 245 -48.00 -5.92 9.81
CA LEU C 245 -47.18 -6.52 8.78
C LEU C 245 -47.46 -5.86 7.44
N ILE C 246 -46.41 -5.34 6.80
CA ILE C 246 -46.45 -4.95 5.39
C ILE C 246 -45.81 -6.10 4.63
N ALA C 247 -46.64 -6.95 4.02
CA ALA C 247 -46.23 -8.24 3.51
C ALA C 247 -45.62 -8.14 2.12
N PRO C 248 -44.71 -9.05 1.76
CA PRO C 248 -44.23 -9.11 0.38
C PRO C 248 -45.27 -9.70 -0.56
N ARG C 249 -45.15 -9.34 -1.82
CA ARG C 249 -46.00 -9.89 -2.87
C ARG C 249 -45.30 -10.97 -3.67
N GLY C 250 -44.05 -11.26 -3.34
CA GLY C 250 -43.24 -12.15 -4.15
C GLY C 250 -41.78 -11.94 -3.80
N TYR C 251 -40.91 -12.28 -4.75
CA TYR C 251 -39.48 -12.19 -4.52
C TYR C 251 -38.78 -11.54 -5.71
N PHE C 252 -37.57 -11.06 -5.45
CA PHE C 252 -36.68 -10.58 -6.49
C PHE C 252 -35.60 -11.62 -6.73
N LYS C 253 -35.27 -11.86 -8.00
CA LYS C 253 -34.22 -12.82 -8.34
C LYS C 253 -32.86 -12.16 -8.16
N MET C 254 -31.96 -12.85 -7.45
N MET C 254 -31.96 -12.84 -7.47
CA MET C 254 -30.62 -12.34 -7.19
CA MET C 254 -30.63 -12.31 -7.19
C MET C 254 -29.68 -12.75 -8.31
C MET C 254 -29.65 -12.75 -8.26
N ARG C 255 -28.79 -11.83 -8.68
CA ARG C 255 -27.78 -12.08 -9.69
C ARG C 255 -26.40 -11.72 -9.13
N THR C 256 -25.37 -12.22 -9.80
CA THR C 256 -23.99 -11.83 -9.52
C THR C 256 -23.35 -11.40 -10.82
N GLY C 257 -22.60 -10.31 -10.78
CA GLY C 257 -21.96 -9.83 -12.00
C GLY C 257 -21.25 -8.51 -11.79
N LYS C 258 -21.13 -7.76 -12.89
CA LYS C 258 -20.37 -6.52 -12.94
C LYS C 258 -21.25 -5.29 -12.68
N SER C 259 -22.37 -5.46 -11.99
CA SER C 259 -23.31 -4.36 -11.79
C SER C 259 -22.91 -3.51 -10.58
N SER C 260 -23.26 -2.23 -10.64
CA SER C 260 -22.92 -1.28 -9.58
C SER C 260 -23.86 -0.09 -9.67
N ILE C 261 -23.58 0.95 -8.88
CA ILE C 261 -24.40 2.15 -8.82
C ILE C 261 -23.49 3.36 -8.61
N MET C 262 -23.94 4.53 -9.09
CA MET C 262 -23.14 5.75 -9.00
C MET C 262 -24.05 6.96 -8.92
N ARG C 263 -23.70 7.89 -8.03
CA ARG C 263 -24.39 9.17 -7.92
C ARG C 263 -23.72 10.18 -8.84
N SER C 264 -24.49 10.73 -9.77
CA SER C 264 -23.95 11.68 -10.74
C SER C 264 -25.08 12.52 -11.30
N ASP C 265 -24.73 13.74 -11.72
CA ASP C 265 -25.66 14.64 -12.40
C ASP C 265 -25.25 14.89 -13.85
N ALA C 266 -24.36 14.08 -14.41
CA ALA C 266 -23.94 14.23 -15.79
C ALA C 266 -24.98 13.61 -16.73
N PRO C 267 -25.25 14.23 -17.87
CA PRO C 267 -26.19 13.65 -18.83
C PRO C 267 -25.58 12.47 -19.57
N ILE C 268 -26.47 11.69 -20.21
CA ILE C 268 -26.09 10.50 -20.97
C ILE C 268 -26.01 10.88 -22.44
N ASP C 269 -24.92 10.50 -23.11
CA ASP C 269 -24.68 10.84 -24.50
C ASP C 269 -24.42 9.56 -25.30
N THR C 270 -24.47 9.70 -26.62
CA THR C 270 -24.22 8.58 -27.54
C THR C 270 -22.73 8.55 -27.85
N CYS C 271 -21.99 7.69 -27.14
CA CYS C 271 -20.57 7.49 -27.39
C CYS C 271 -20.17 6.15 -26.79
N ILE C 272 -18.90 5.79 -26.96
CA ILE C 272 -18.35 4.56 -26.40
C ILE C 272 -17.20 4.94 -25.48
N SER C 273 -17.27 4.48 -24.23
CA SER C 273 -16.21 4.72 -23.26
C SER C 273 -16.32 3.67 -22.16
N GLU C 274 -15.21 2.98 -21.90
CA GLU C 274 -15.22 1.93 -20.90
C GLU C 274 -15.28 2.48 -19.48
N CYS C 275 -14.81 3.70 -19.26
CA CYS C 275 -14.66 4.26 -17.91
C CYS C 275 -15.61 5.43 -17.68
N ILE C 276 -16.39 5.34 -16.61
CA ILE C 276 -17.36 6.34 -16.21
C ILE C 276 -17.01 6.84 -14.81
N THR C 277 -17.10 8.14 -14.60
CA THR C 277 -16.96 8.78 -13.29
C THR C 277 -18.16 9.69 -13.10
N PRO C 278 -18.40 10.16 -11.87
CA PRO C 278 -19.48 11.14 -11.68
C PRO C 278 -19.32 12.39 -12.53
N ASN C 279 -18.12 12.72 -12.98
CA ASN C 279 -17.92 13.88 -13.85
C ASN C 279 -18.24 13.58 -15.31
N GLY C 280 -18.43 12.32 -15.68
CA GLY C 280 -18.63 11.94 -17.05
C GLY C 280 -17.74 10.78 -17.45
N SER C 281 -17.80 10.44 -18.73
CA SER C 281 -16.97 9.36 -19.24
C SER C 281 -15.57 9.88 -19.53
N ILE C 282 -14.56 9.08 -19.22
CA ILE C 282 -13.19 9.48 -19.46
C ILE C 282 -12.47 8.41 -20.27
N PRO C 283 -11.46 8.77 -21.06
CA PRO C 283 -10.69 7.75 -21.79
C PRO C 283 -9.73 7.01 -20.85
N ASN C 284 -9.41 5.79 -21.25
CA ASN C 284 -8.54 4.91 -20.48
C ASN C 284 -7.18 4.71 -21.16
N ASP C 285 -6.77 5.67 -21.97
CA ASP C 285 -5.48 5.57 -22.65
C ASP C 285 -4.33 5.84 -21.69
N LYS C 286 -4.50 6.79 -20.79
CA LYS C 286 -3.45 7.07 -19.82
C LYS C 286 -3.62 6.19 -18.59
N PRO C 287 -2.52 5.77 -17.97
CA PRO C 287 -2.63 4.85 -16.83
C PRO C 287 -3.21 5.51 -15.58
N PHE C 288 -3.18 6.83 -15.48
CA PHE C 288 -3.63 7.53 -14.28
C PHE C 288 -4.63 8.62 -14.66
N GLN C 289 -5.37 9.09 -13.66
CA GLN C 289 -6.39 10.10 -13.88
C GLN C 289 -6.59 10.92 -12.61
N ASN C 290 -7.00 12.18 -12.79
CA ASN C 290 -7.19 13.12 -11.69
C ASN C 290 -8.59 13.72 -11.73
N VAL C 291 -9.56 12.99 -12.27
CA VAL C 291 -10.91 13.51 -12.44
C VAL C 291 -11.72 13.24 -11.17
N ASN C 292 -11.84 11.98 -10.78
CA ASN C 292 -12.65 11.61 -9.64
C ASN C 292 -12.18 10.26 -9.12
N LYS C 293 -12.17 10.11 -7.80
CA LYS C 293 -11.79 8.83 -7.20
C LYS C 293 -12.87 7.78 -7.39
N ILE C 294 -14.10 8.17 -7.71
CA ILE C 294 -15.19 7.23 -7.98
C ILE C 294 -15.18 6.88 -9.46
N THR C 295 -14.95 5.60 -9.76
CA THR C 295 -14.85 5.14 -11.14
C THR C 295 -15.65 3.86 -11.33
N TYR C 296 -15.97 3.58 -12.60
CA TYR C 296 -16.63 2.35 -12.98
C TYR C 296 -16.15 1.94 -14.37
N GLY C 297 -15.72 0.69 -14.49
CA GLY C 297 -15.25 0.15 -15.75
C GLY C 297 -13.74 0.07 -15.83
N ALA C 298 -13.25 -0.06 -17.07
CA ALA C 298 -11.82 -0.10 -17.34
C ALA C 298 -11.28 1.31 -17.20
N CYS C 299 -10.73 1.62 -16.03
CA CYS C 299 -10.47 3.01 -15.67
C CYS C 299 -9.00 3.25 -15.35
N PRO C 300 -8.49 4.44 -15.67
CA PRO C 300 -7.19 4.85 -15.14
C PRO C 300 -7.25 4.97 -13.62
N LYS C 301 -6.11 4.73 -12.98
CA LYS C 301 -6.04 4.80 -11.53
C LYS C 301 -6.04 6.25 -11.08
N TYR C 302 -6.77 6.54 -10.01
CA TYR C 302 -6.84 7.91 -9.51
C TYR C 302 -5.56 8.26 -8.76
N VAL C 303 -5.03 9.45 -9.05
CA VAL C 303 -3.83 9.96 -8.39
C VAL C 303 -4.08 11.39 -7.95
N LYS C 304 -3.25 11.87 -7.02
CA LYS C 304 -3.36 13.25 -6.56
C LYS C 304 -2.76 14.25 -7.55
N GLN C 305 -1.76 13.82 -8.32
CA GLN C 305 -1.11 14.72 -9.27
C GLN C 305 -2.05 15.06 -10.41
N ASN C 306 -2.02 16.30 -10.86
CA ASN C 306 -2.81 16.70 -12.03
C ASN C 306 -2.02 16.60 -13.33
N THR C 307 -0.70 16.41 -13.26
CA THR C 307 0.11 16.21 -14.45
C THR C 307 1.34 15.39 -14.09
N LEU C 308 1.65 14.41 -14.94
CA LEU C 308 2.86 13.61 -14.82
C LEU C 308 3.35 13.33 -16.24
N LYS C 309 4.47 13.96 -16.59
CA LYS C 309 4.98 13.91 -17.96
C LYS C 309 6.05 12.85 -18.08
N LEU C 310 5.86 11.92 -19.02
CA LEU C 310 6.81 10.86 -19.31
C LEU C 310 7.65 11.29 -20.51
N ALA C 311 8.97 11.36 -20.32
CA ALA C 311 9.86 11.81 -21.37
C ALA C 311 9.94 10.77 -22.48
N THR C 312 9.71 11.19 -23.73
CA THR C 312 9.82 10.33 -24.89
C THR C 312 10.92 10.78 -25.83
N GLY C 313 11.89 11.55 -25.34
CA GLY C 313 12.98 12.02 -26.17
C GLY C 313 14.16 12.42 -25.30
N MET C 314 15.25 12.78 -25.96
CA MET C 314 16.49 13.10 -25.27
C MET C 314 16.43 14.51 -24.71
N ARG C 315 17.47 14.86 -23.95
CA ARG C 315 17.59 16.21 -23.41
C ARG C 315 17.69 17.23 -24.54
N ASN C 316 16.88 18.29 -24.46
CA ASN C 316 16.86 19.33 -25.48
C ASN C 316 17.93 20.36 -25.16
N VAL C 317 18.99 20.38 -25.98
CA VAL C 317 20.11 21.30 -25.78
C VAL C 317 20.20 22.23 -26.98
N PRO C 318 19.51 23.38 -26.97
CA PRO C 318 19.57 24.32 -28.10
C PRO C 318 20.94 24.99 -28.22
N GLY D 1 24.14 13.58 -18.50
CA GLY D 1 24.01 12.15 -18.64
C GLY D 1 25.16 11.38 -18.03
N LEU D 2 24.97 10.07 -17.85
CA LEU D 2 26.01 9.23 -17.26
C LEU D 2 27.20 9.05 -18.18
N PHE D 3 27.01 9.23 -19.49
CA PHE D 3 28.05 8.94 -20.48
C PHE D 3 28.72 10.19 -21.04
N GLY D 4 28.19 11.37 -20.73
CA GLY D 4 28.89 12.61 -21.03
C GLY D 4 28.91 13.03 -22.49
N ALA D 5 28.05 12.44 -23.34
CA ALA D 5 27.96 12.86 -24.74
C ALA D 5 26.97 14.01 -24.88
N ILE D 6 25.67 13.70 -24.72
CA ILE D 6 24.66 14.74 -24.76
C ILE D 6 24.84 15.66 -23.56
N ALA D 7 24.86 16.96 -23.81
CA ALA D 7 25.17 17.97 -22.79
C ALA D 7 26.52 17.70 -22.14
N GLY D 8 27.45 17.12 -22.91
CA GLY D 8 28.79 16.84 -22.43
C GLY D 8 29.84 17.39 -23.37
N PHE D 9 30.62 16.51 -24.01
CA PHE D 9 31.59 17.00 -24.98
C PHE D 9 30.93 17.49 -26.28
N ILE D 10 29.67 17.10 -26.51
CA ILE D 10 28.89 17.66 -27.61
C ILE D 10 28.17 18.90 -27.09
N GLU D 11 28.50 20.06 -27.65
CA GLU D 11 28.06 21.33 -27.07
C GLU D 11 26.54 21.43 -27.02
N ASN D 12 25.87 21.15 -28.13
CA ASN D 12 24.43 21.27 -28.18
C ASN D 12 23.90 20.48 -29.37
N GLY D 13 22.57 20.41 -29.45
CA GLY D 13 21.92 19.70 -30.54
C GLY D 13 21.80 20.53 -31.79
N TRP D 14 21.32 19.90 -32.85
CA TRP D 14 21.17 20.52 -34.15
C TRP D 14 19.68 20.64 -34.47
N GLU D 15 19.14 21.85 -34.36
CA GLU D 15 17.75 22.08 -34.72
C GLU D 15 17.51 21.86 -36.21
N GLY D 16 18.57 21.83 -37.02
CA GLY D 16 18.42 21.53 -38.42
C GLY D 16 18.19 20.06 -38.69
N MET D 17 18.68 19.18 -37.81
N MET D 17 18.68 19.19 -37.80
CA MET D 17 18.47 17.74 -37.97
CA MET D 17 18.46 17.74 -37.91
C MET D 17 17.00 17.42 -37.69
C MET D 17 16.99 17.44 -37.68
N ILE D 18 16.25 17.16 -38.75
CA ILE D 18 14.82 16.93 -38.66
C ILE D 18 14.41 15.54 -39.13
N ASP D 19 15.30 14.80 -39.78
CA ASP D 19 14.99 13.47 -40.29
C ASP D 19 15.64 12.37 -39.46
N GLY D 20 16.11 12.69 -38.25
CA GLY D 20 16.68 11.69 -37.38
C GLY D 20 16.97 12.28 -36.02
N TRP D 21 17.43 11.41 -35.11
CA TRP D 21 17.81 11.81 -33.76
C TRP D 21 19.31 11.96 -33.59
N TYR D 22 20.09 11.12 -34.26
CA TYR D 22 21.54 11.24 -34.29
C TYR D 22 21.99 11.27 -35.74
N GLY D 23 23.14 11.88 -36.00
CA GLY D 23 23.63 11.93 -37.35
C GLY D 23 25.02 12.52 -37.44
N PHE D 24 25.45 12.73 -38.69
CA PHE D 24 26.78 13.23 -39.01
C PHE D 24 26.68 14.58 -39.70
N ARG D 25 27.62 15.47 -39.39
CA ARG D 25 27.87 16.67 -40.17
C ARG D 25 29.32 16.64 -40.63
N HIS D 26 29.53 16.89 -41.92
CA HIS D 26 30.85 16.75 -42.53
C HIS D 26 31.21 18.01 -43.31
N GLN D 27 32.51 18.29 -43.37
CA GLN D 27 33.06 19.39 -44.16
C GLN D 27 34.34 18.90 -44.81
N ASN D 28 34.34 18.80 -46.14
CA ASN D 28 35.48 18.29 -46.88
C ASN D 28 35.70 19.16 -48.11
N SER D 29 36.51 18.67 -49.04
CA SER D 29 36.86 19.44 -50.23
C SER D 29 35.63 19.82 -51.05
N GLU D 30 34.59 18.98 -51.04
CA GLU D 30 33.38 19.28 -51.79
C GLU D 30 32.43 20.23 -51.06
N GLY D 31 32.67 20.50 -49.79
CA GLY D 31 31.80 21.40 -49.04
C GLY D 31 31.26 20.79 -47.76
N THR D 32 30.08 21.22 -47.34
CA THR D 32 29.47 20.77 -46.08
C THR D 32 28.23 19.94 -46.35
N GLY D 33 27.90 19.10 -45.38
CA GLY D 33 26.73 18.24 -45.49
C GLY D 33 26.31 17.68 -44.14
N GLN D 34 25.08 17.16 -44.11
CA GLN D 34 24.49 16.59 -42.91
C GLN D 34 23.62 15.41 -43.29
N ALA D 35 23.68 14.34 -42.50
CA ALA D 35 22.88 13.14 -42.78
C ALA D 35 22.62 12.36 -41.51
N ALA D 36 21.37 11.94 -41.32
CA ALA D 36 20.97 11.21 -40.13
C ALA D 36 21.41 9.75 -40.21
N ASP D 37 21.68 9.17 -39.04
CA ASP D 37 21.97 7.75 -38.89
C ASP D 37 20.71 7.05 -38.40
N LEU D 38 20.23 6.07 -39.17
CA LEU D 38 18.95 5.45 -38.86
C LEU D 38 19.04 4.33 -37.84
N LYS D 39 20.22 3.73 -37.66
CA LYS D 39 20.34 2.61 -36.73
C LYS D 39 20.18 3.07 -35.28
N SER D 40 20.96 4.08 -34.87
N SER D 40 20.96 4.08 -34.87
CA SER D 40 20.87 4.58 -33.51
CA SER D 40 20.87 4.58 -33.50
C SER D 40 19.52 5.22 -33.24
C SER D 40 19.52 5.22 -33.24
N THR D 41 18.99 5.98 -34.20
CA THR D 41 17.68 6.59 -34.04
C THR D 41 16.61 5.53 -33.87
N GLN D 42 16.67 4.48 -34.68
CA GLN D 42 15.70 3.39 -34.58
C GLN D 42 15.81 2.69 -33.23
N ALA D 43 17.04 2.47 -32.75
CA ALA D 43 17.22 1.80 -31.46
C ALA D 43 16.65 2.62 -30.32
N ALA D 44 16.95 3.92 -30.28
CA ALA D 44 16.43 4.78 -29.23
C ALA D 44 14.91 4.84 -29.28
N ILE D 45 14.34 5.03 -30.47
CA ILE D 45 12.89 5.08 -30.61
C ILE D 45 12.26 3.77 -30.18
N ASP D 46 12.93 2.65 -30.49
CA ASP D 46 12.41 1.33 -30.12
C ASP D 46 12.35 1.17 -28.62
N GLN D 47 13.43 1.54 -27.92
CA GLN D 47 13.42 1.43 -26.46
C GLN D 47 12.37 2.34 -25.83
N ILE D 48 12.25 3.57 -26.33
CA ILE D 48 11.28 4.50 -25.76
C ILE D 48 9.85 4.00 -25.99
N ASN D 49 9.56 3.51 -27.20
CA ASN D 49 8.25 2.96 -27.48
C ASN D 49 7.96 1.72 -26.65
N GLY D 50 8.99 0.90 -26.39
CA GLY D 50 8.78 -0.25 -25.53
C GLY D 50 8.38 0.15 -24.12
N LYS D 51 9.12 1.09 -23.52
CA LYS D 51 8.76 1.53 -22.18
C LYS D 51 7.40 2.23 -22.16
N LEU D 52 7.06 2.96 -23.23
CA LEU D 52 5.77 3.63 -23.29
C LEU D 52 4.64 2.60 -23.35
N ASN D 53 4.76 1.59 -24.20
CA ASN D 53 3.74 0.55 -24.27
C ASN D 53 3.65 -0.23 -22.97
N ARG D 54 4.78 -0.45 -22.30
CA ARG D 54 4.76 -1.15 -21.02
C ARG D 54 4.04 -0.33 -19.96
N VAL D 55 4.24 0.99 -19.95
CA VAL D 55 3.65 1.84 -18.92
C VAL D 55 2.14 1.95 -19.11
N ILE D 56 1.69 2.19 -20.34
CA ILE D 56 0.30 2.53 -20.59
C ILE D 56 -0.52 1.29 -20.87
N GLU D 57 0.00 0.12 -20.49
CA GLU D 57 -0.73 -1.12 -20.70
C GLU D 57 -1.94 -1.16 -19.78
N LYS D 58 -3.13 -1.25 -20.38
CA LYS D 58 -4.38 -1.22 -19.62
C LYS D 58 -4.52 -2.49 -18.80
N THR D 59 -4.46 -2.35 -17.47
CA THR D 59 -4.47 -3.52 -16.59
C THR D 59 -5.39 -3.35 -15.38
N ASN D 60 -6.32 -2.40 -15.42
CA ASN D 60 -7.19 -2.11 -14.27
C ASN D 60 -8.63 -2.02 -14.76
N GLU D 61 -9.48 -2.91 -14.24
CA GLU D 61 -10.91 -2.88 -14.53
C GLU D 61 -11.66 -3.30 -13.27
N LYS D 62 -12.34 -2.36 -12.64
CA LYS D 62 -13.09 -2.61 -11.42
C LYS D 62 -14.55 -2.20 -11.62
N PHE D 63 -15.44 -2.89 -10.91
CA PHE D 63 -16.86 -2.62 -11.05
C PHE D 63 -17.47 -2.13 -9.74
N HIS D 64 -18.24 -2.98 -9.07
CA HIS D 64 -18.86 -2.58 -7.80
C HIS D 64 -17.80 -2.44 -6.71
N GLN D 65 -17.74 -1.28 -6.09
CA GLN D 65 -16.75 -1.00 -5.06
C GLN D 65 -17.42 -0.49 -3.78
N ILE D 66 -16.75 0.40 -3.06
CA ILE D 66 -17.28 0.98 -1.84
C ILE D 66 -17.70 2.42 -2.11
N GLU D 67 -18.52 2.95 -1.20
CA GLU D 67 -18.89 4.36 -1.28
C GLU D 67 -17.74 5.23 -0.84
N LYS D 68 -17.55 6.35 -1.54
CA LYS D 68 -16.43 7.24 -1.28
C LYS D 68 -16.85 8.67 -0.94
N GLU D 69 -18.11 9.02 -1.11
CA GLU D 69 -18.67 10.29 -0.67
C GLU D 69 -19.91 10.00 0.18
N PHE D 70 -20.10 10.81 1.22
CA PHE D 70 -21.16 10.55 2.20
C PHE D 70 -21.92 11.84 2.50
N SER D 71 -23.22 11.70 2.72
CA SER D 71 -24.09 12.84 2.98
C SER D 71 -24.38 13.05 4.47
N GLU D 72 -24.23 12.03 5.31
CA GLU D 72 -24.47 12.14 6.73
C GLU D 72 -23.25 11.66 7.50
N VAL D 73 -23.03 12.25 8.68
CA VAL D 73 -21.96 11.80 9.57
C VAL D 73 -22.41 10.51 10.23
N GLU D 74 -21.54 9.51 10.24
CA GLU D 74 -21.85 8.21 10.80
C GLU D 74 -20.83 7.73 11.82
N GLY D 75 -19.55 8.02 11.61
CA GLY D 75 -18.54 7.66 12.58
C GLY D 75 -17.59 6.56 12.17
N ARG D 76 -17.61 5.44 12.91
CA ARG D 76 -16.52 4.47 12.86
C ARG D 76 -16.37 3.86 11.46
N ILE D 77 -17.46 3.30 10.92
N ILE D 77 -17.46 3.31 10.92
CA ILE D 77 -17.40 2.63 9.63
CA ILE D 77 -17.39 2.62 9.63
C ILE D 77 -17.05 3.61 8.52
C ILE D 77 -17.06 3.61 8.50
N GLN D 78 -17.63 4.82 8.57
CA GLN D 78 -17.32 5.82 7.57
C GLN D 78 -15.88 6.30 7.69
N ASP D 79 -15.39 6.45 8.93
CA ASP D 79 -13.97 6.75 9.13
C ASP D 79 -13.09 5.70 8.46
N LEU D 80 -13.44 4.42 8.65
CA LEU D 80 -12.64 3.34 8.08
C LEU D 80 -12.68 3.36 6.56
N GLU D 81 -13.86 3.58 5.97
CA GLU D 81 -13.96 3.65 4.52
C GLU D 81 -13.13 4.79 3.96
N LYS D 82 -13.24 5.97 4.56
CA LYS D 82 -12.45 7.11 4.11
C LYS D 82 -10.96 6.84 4.26
N TYR D 83 -10.55 6.20 5.36
CA TYR D 83 -9.14 5.93 5.58
C TYR D 83 -8.61 4.94 4.54
N VAL D 84 -9.40 3.91 4.21
CA VAL D 84 -8.98 2.95 3.19
C VAL D 84 -8.78 3.65 1.85
N GLU D 85 -9.76 4.47 1.45
CA GLU D 85 -9.66 5.14 0.16
C GLU D 85 -8.49 6.10 0.13
N ASP D 86 -8.27 6.84 1.23
CA ASP D 86 -7.16 7.78 1.28
C ASP D 86 -5.82 7.06 1.20
N THR D 87 -5.69 5.93 1.90
CA THR D 87 -4.46 5.15 1.85
C THR D 87 -4.18 4.68 0.42
N LYS D 88 -5.20 4.14 -0.24
CA LYS D 88 -5.03 3.68 -1.62
C LYS D 88 -4.58 4.81 -2.53
N ILE D 89 -5.22 5.97 -2.40
CA ILE D 89 -4.89 7.12 -3.25
C ILE D 89 -3.45 7.55 -3.02
N ASP D 90 -3.03 7.65 -1.76
CA ASP D 90 -1.66 8.08 -1.47
C ASP D 90 -0.64 7.11 -2.04
N LEU D 91 -0.88 5.80 -1.87
CA LEU D 91 0.07 4.82 -2.37
C LEU D 91 0.18 4.88 -3.90
N TRP D 92 -0.95 5.01 -4.59
CA TRP D 92 -0.88 5.05 -6.05
C TRP D 92 -0.24 6.34 -6.54
N SER D 93 -0.44 7.46 -5.85
CA SER D 93 0.25 8.69 -6.21
C SER D 93 1.75 8.54 -6.07
N TYR D 94 2.20 7.94 -4.97
CA TYR D 94 3.64 7.71 -4.81
C TYR D 94 4.19 6.81 -5.92
N ASN D 95 3.46 5.74 -6.25
CA ASN D 95 3.90 4.85 -7.32
C ASN D 95 4.04 5.60 -8.64
N ALA D 96 3.05 6.43 -8.97
CA ALA D 96 3.09 7.16 -10.24
C ALA D 96 4.26 8.13 -10.29
N GLU D 97 4.47 8.88 -9.21
CA GLU D 97 5.58 9.84 -9.16
C GLU D 97 6.91 9.13 -9.34
N LEU D 98 7.14 8.07 -8.57
CA LEU D 98 8.42 7.35 -8.65
C LEU D 98 8.61 6.74 -10.04
N LEU D 99 7.53 6.22 -10.63
CA LEU D 99 7.62 5.62 -11.95
C LEU D 99 8.08 6.65 -12.97
N VAL D 100 7.41 7.81 -13.01
CA VAL D 100 7.76 8.78 -14.05
C VAL D 100 9.18 9.30 -13.83
N ALA D 101 9.60 9.48 -12.57
CA ALA D 101 10.95 9.96 -12.32
C ALA D 101 12.00 8.96 -12.82
N LEU D 102 11.86 7.70 -12.42
CA LEU D 102 12.82 6.69 -12.84
C LEU D 102 12.84 6.53 -14.36
N GLU D 103 11.66 6.53 -14.99
CA GLU D 103 11.62 6.35 -16.43
C GLU D 103 12.28 7.51 -17.17
N ASN D 104 12.07 8.75 -16.70
CA ASN D 104 12.70 9.87 -17.38
C ASN D 104 14.23 9.83 -17.21
N GLN D 105 14.70 9.50 -16.01
CA GLN D 105 16.13 9.36 -15.80
C GLN D 105 16.71 8.31 -16.75
N HIS D 106 16.04 7.16 -16.85
CA HIS D 106 16.53 6.08 -17.70
C HIS D 106 16.51 6.47 -19.17
N THR D 107 15.48 7.20 -19.59
CA THR D 107 15.42 7.65 -20.99
C THR D 107 16.58 8.57 -21.32
N ILE D 108 16.84 9.55 -20.45
CA ILE D 108 17.96 10.47 -20.66
C ILE D 108 19.27 9.69 -20.75
N ASP D 109 19.46 8.75 -19.82
CA ASP D 109 20.71 7.99 -19.79
C ASP D 109 20.87 7.13 -21.04
N LEU D 110 19.79 6.51 -21.51
CA LEU D 110 19.91 5.64 -22.68
C LEU D 110 20.13 6.44 -23.96
N THR D 111 19.54 7.64 -24.07
CA THR D 111 19.84 8.47 -25.23
C THR D 111 21.30 8.92 -25.22
N ASP D 112 21.79 9.34 -24.06
CA ASP D 112 23.22 9.64 -23.94
C ASP D 112 24.07 8.44 -24.36
N SER D 113 23.66 7.24 -23.93
CA SER D 113 24.39 6.03 -24.27
C SER D 113 24.39 5.77 -25.78
N GLU D 114 23.24 5.99 -26.44
CA GLU D 114 23.19 5.77 -27.88
C GLU D 114 24.11 6.73 -28.62
N MET D 115 24.13 8.00 -28.21
CA MET D 115 25.05 8.95 -28.82
C MET D 115 26.50 8.50 -28.64
N ASN D 116 26.86 8.10 -27.41
CA ASN D 116 28.22 7.67 -27.16
C ASN D 116 28.59 6.43 -27.95
N LYS D 117 27.63 5.51 -28.12
CA LYS D 117 27.91 4.28 -28.87
C LYS D 117 28.14 4.59 -30.34
N LEU D 118 27.35 5.48 -30.91
CA LEU D 118 27.58 5.88 -32.30
C LEU D 118 28.95 6.53 -32.45
N PHE D 119 29.33 7.39 -31.50
CA PHE D 119 30.64 8.02 -31.57
C PHE D 119 31.77 7.00 -31.53
N GLU D 120 31.68 6.05 -30.59
CA GLU D 120 32.74 5.03 -30.48
C GLU D 120 32.77 4.12 -31.72
N LYS D 121 31.61 3.79 -32.28
CA LYS D 121 31.60 2.97 -33.49
C LYS D 121 32.31 3.68 -34.63
N THR D 122 32.01 4.98 -34.80
CA THR D 122 32.68 5.74 -35.85
C THR D 122 34.19 5.83 -35.61
N GLY D 123 34.61 6.04 -34.37
CA GLY D 123 36.03 6.11 -34.08
C GLY D 123 36.76 4.80 -34.36
N ARG D 124 36.18 3.69 -33.91
CA ARG D 124 36.77 2.39 -34.19
C ARG D 124 36.80 2.09 -35.68
N GLN D 125 35.80 2.58 -36.42
CA GLN D 125 35.83 2.48 -37.87
C GLN D 125 37.02 3.25 -38.45
N LEU D 126 37.21 4.50 -38.01
CA LEU D 126 38.23 5.34 -38.60
C LEU D 126 39.64 4.84 -38.26
N ARG D 127 39.79 4.14 -37.15
CA ARG D 127 41.05 3.46 -36.80
C ARG D 127 42.16 4.50 -36.66
N GLU D 128 43.28 4.37 -37.37
CA GLU D 128 44.44 5.26 -37.22
C GLU D 128 44.47 6.37 -38.26
N ASN D 129 43.38 6.57 -39.00
CA ASN D 129 43.34 7.60 -40.02
C ASN D 129 42.76 8.92 -39.53
N ALA D 130 42.35 8.99 -38.26
CA ALA D 130 41.71 10.20 -37.74
C ALA D 130 42.03 10.35 -36.26
N GLU D 131 41.67 11.52 -35.73
CA GLU D 131 41.90 11.85 -34.33
C GLU D 131 40.65 12.47 -33.71
N ASP D 132 40.40 12.13 -32.46
CA ASP D 132 39.29 12.69 -31.70
C ASP D 132 39.65 14.10 -31.24
N MET D 133 38.88 15.10 -31.69
CA MET D 133 39.16 16.47 -31.32
C MET D 133 38.56 16.86 -29.96
N GLY D 134 37.81 15.96 -29.32
CA GLY D 134 37.27 16.22 -28.01
C GLY D 134 35.92 16.89 -27.97
N ASN D 135 35.40 17.35 -29.11
CA ASN D 135 34.11 18.02 -29.17
C ASN D 135 33.13 17.27 -30.06
N GLY D 136 33.27 15.95 -30.15
CA GLY D 136 32.40 15.14 -30.98
C GLY D 136 32.75 15.13 -32.46
N CYS D 137 33.84 15.76 -32.86
CA CYS D 137 34.28 15.80 -34.24
C CYS D 137 35.58 15.01 -34.40
N PHE D 138 35.70 14.33 -35.54
CA PHE D 138 36.92 13.61 -35.90
C PHE D 138 37.68 14.39 -36.96
N LYS D 139 38.97 14.60 -36.74
CA LYS D 139 39.85 15.17 -37.76
C LYS D 139 40.41 14.02 -38.58
N ILE D 140 40.02 13.96 -39.86
CA ILE D 140 40.44 12.91 -40.77
C ILE D 140 41.64 13.40 -41.57
N TYR D 141 42.72 12.63 -41.55
CA TYR D 141 44.00 13.04 -42.10
C TYR D 141 44.24 12.54 -43.51
N HIS D 142 43.20 12.43 -44.33
CA HIS D 142 43.36 12.04 -45.72
C HIS D 142 42.23 12.63 -46.55
N LYS D 143 42.39 12.55 -47.86
CA LYS D 143 41.37 13.06 -48.77
C LYS D 143 40.13 12.18 -48.70
N CYS D 144 38.99 12.79 -48.39
CA CYS D 144 37.75 12.05 -48.14
C CYS D 144 36.60 12.83 -48.78
N ASP D 145 36.26 12.46 -50.01
CA ASP D 145 35.19 13.13 -50.76
C ASP D 145 33.83 12.66 -50.24
N ASN D 146 32.76 13.05 -50.94
CA ASN D 146 31.41 12.69 -50.49
C ASN D 146 31.20 11.18 -50.48
N ALA D 147 31.81 10.47 -51.43
CA ALA D 147 31.69 9.02 -51.46
C ALA D 147 32.40 8.38 -50.27
N CYS D 148 33.53 8.96 -49.85
CA CYS D 148 34.23 8.44 -48.68
C CYS D 148 33.42 8.65 -47.40
N ILE D 149 32.82 9.84 -47.24
CA ILE D 149 31.95 10.08 -46.10
C ILE D 149 30.74 9.15 -46.14
N GLU D 150 30.21 8.90 -47.34
CA GLU D 150 29.08 7.96 -47.46
C GLU D 150 29.50 6.57 -47.02
N SER D 151 30.70 6.13 -47.41
CA SER D 151 31.20 4.83 -46.98
C SER D 151 31.39 4.78 -45.48
N ILE D 152 31.75 5.91 -44.86
CA ILE D 152 31.86 5.96 -43.41
C ILE D 152 30.49 5.84 -42.75
N ARG D 153 29.49 6.51 -43.32
CA ARG D 153 28.17 6.60 -42.71
C ARG D 153 27.37 5.31 -42.82
N ASN D 154 27.77 4.37 -43.67
CA ASN D 154 27.08 3.09 -43.79
C ASN D 154 27.97 1.91 -43.43
N GLY D 155 29.11 2.16 -42.78
CA GLY D 155 29.90 1.10 -42.19
C GLY D 155 30.89 0.41 -43.11
N THR D 156 30.96 0.77 -44.38
CA THR D 156 31.81 0.10 -45.35
C THR D 156 33.18 0.74 -45.50
N TYR D 157 33.53 1.69 -44.63
CA TYR D 157 34.81 2.38 -44.75
C TYR D 157 35.98 1.40 -44.61
N ASP D 158 36.92 1.48 -45.54
CA ASP D 158 38.11 0.64 -45.55
C ASP D 158 39.31 1.50 -45.19
N HIS D 159 39.89 1.27 -44.01
CA HIS D 159 40.92 2.14 -43.48
C HIS D 159 42.27 1.92 -44.18
N ASP D 160 42.57 0.68 -44.56
CA ASP D 160 43.87 0.39 -45.16
C ASP D 160 44.08 1.14 -46.47
N VAL D 161 43.00 1.43 -47.20
CA VAL D 161 43.13 2.14 -48.48
C VAL D 161 43.75 3.51 -48.28
N TYR D 162 43.41 4.19 -47.19
CA TYR D 162 43.88 5.54 -46.93
C TYR D 162 44.93 5.63 -45.83
N ARG D 163 45.29 4.50 -45.21
CA ARG D 163 46.14 4.51 -44.03
C ARG D 163 47.48 5.21 -44.29
N ASP D 164 48.10 4.95 -45.45
CA ASP D 164 49.41 5.52 -45.71
C ASP D 164 49.36 7.04 -45.79
N GLU D 165 48.42 7.58 -46.59
CA GLU D 165 48.27 9.03 -46.67
C GLU D 165 47.90 9.62 -45.33
N ALA D 166 47.06 8.92 -44.55
CA ALA D 166 46.65 9.44 -43.26
C ALA D 166 47.82 9.54 -42.31
N LEU D 167 48.66 8.50 -42.27
CA LEU D 167 49.87 8.55 -41.44
C LEU D 167 50.84 9.62 -41.93
N ASN D 168 50.95 9.78 -43.25
CA ASN D 168 51.85 10.80 -43.79
C ASN D 168 51.43 12.20 -43.38
N ASN D 169 50.12 12.47 -43.37
CA ASN D 169 49.63 13.78 -42.97
C ASN D 169 49.57 13.94 -41.45
N ARG D 170 49.48 12.83 -40.71
CA ARG D 170 49.28 12.89 -39.27
C ARG D 170 50.58 13.15 -38.51
N PHE D 171 51.52 12.21 -38.58
CA PHE D 171 52.75 12.28 -37.79
C PHE D 171 53.81 13.05 -38.57
N GLN D 172 53.73 14.37 -38.47
CA GLN D 172 54.67 15.27 -39.13
C GLN D 172 55.42 16.07 -38.07
N ILE D 173 56.73 16.08 -38.18
CA ILE D 173 57.53 16.98 -37.35
C ILE D 173 57.76 18.29 -38.08
N LYS D 174 56.81 19.22 -37.97
CA LYS D 174 56.84 20.46 -38.76
C LYS D 174 58.03 21.34 -38.41
N GLY D 175 58.52 21.23 -37.18
CA GLY D 175 59.66 22.02 -36.72
C GLY D 175 60.97 21.72 -37.43
N VAL D 176 61.14 20.48 -37.92
CA VAL D 176 62.37 20.08 -38.59
C VAL D 176 62.15 20.14 -40.09
N SER D 177 63.23 20.33 -40.85
CA SER D 177 63.13 20.42 -42.29
C SER D 177 62.91 19.05 -42.90
N GLY D 178 61.96 18.95 -43.83
CA GLY D 178 61.62 17.68 -44.43
C GLY D 178 60.80 16.76 -43.57
N GLY D 179 60.31 17.24 -42.42
CA GLY D 179 59.47 16.43 -41.57
C GLY D 179 58.05 16.25 -42.03
N GLY D 180 57.66 16.93 -43.11
CA GLY D 180 56.31 16.84 -43.63
C GLY D 180 56.08 15.58 -44.44
N GLY D 181 55.84 15.74 -45.73
CA GLY D 181 55.54 14.64 -46.62
C GLY D 181 56.74 14.18 -47.42
N LEU D 182 56.74 12.90 -47.79
CA LEU D 182 57.82 12.32 -48.57
C LEU D 182 57.57 12.57 -50.05
N ASN D 183 58.45 13.34 -50.69
CA ASN D 183 58.28 13.75 -52.07
C ASN D 183 59.10 12.91 -53.04
N ASP D 184 59.61 11.76 -52.61
CA ASP D 184 60.32 10.87 -53.51
C ASP D 184 59.34 10.00 -54.28
N ILE D 185 59.54 9.90 -55.59
CA ILE D 185 58.70 9.07 -56.44
C ILE D 185 59.55 8.31 -57.45
N PRO E 3 53.64 -10.92 -39.30
CA PRO E 3 54.02 -11.33 -37.95
C PRO E 3 53.19 -10.64 -36.88
N GLY E 4 52.55 -11.42 -36.03
CA GLY E 4 51.71 -10.88 -34.98
C GLY E 4 50.65 -11.88 -34.59
N ALA E 5 49.73 -11.42 -33.75
CA ALA E 5 48.66 -12.26 -33.24
C ALA E 5 47.40 -11.41 -33.07
N THR E 6 46.28 -12.09 -32.83
CA THR E 6 45.00 -11.44 -32.60
C THR E 6 44.44 -11.92 -31.27
N LEU E 7 43.98 -10.98 -30.46
CA LEU E 7 43.38 -11.27 -29.16
C LEU E 7 41.95 -10.74 -29.17
N CYS E 8 40.98 -11.66 -29.09
CA CYS E 8 39.57 -11.31 -29.14
C CYS E 8 38.94 -11.45 -27.76
N LEU E 9 38.05 -10.52 -27.45
CA LEU E 9 37.27 -10.57 -26.21
C LEU E 9 35.86 -11.04 -26.52
N GLY E 10 35.28 -11.81 -25.60
CA GLY E 10 33.95 -12.33 -25.83
C GLY E 10 33.33 -12.87 -24.57
N HIS E 11 32.06 -13.23 -24.68
CA HIS E 11 31.27 -13.74 -23.57
C HIS E 11 30.67 -15.08 -23.96
N HIS E 12 30.05 -15.74 -22.97
CA HIS E 12 29.49 -17.06 -23.19
C HIS E 12 28.04 -16.96 -23.67
N ALA E 13 27.53 -18.09 -24.15
CA ALA E 13 26.15 -18.20 -24.60
C ALA E 13 25.66 -19.61 -24.32
N VAL E 14 24.36 -19.80 -24.49
CA VAL E 14 23.73 -21.10 -24.23
C VAL E 14 22.87 -21.46 -25.41
N PRO E 15 22.61 -22.76 -25.61
CA PRO E 15 21.72 -23.17 -26.71
C PRO E 15 20.27 -22.79 -26.46
N ASN E 16 19.76 -23.01 -25.25
CA ASN E 16 18.38 -22.68 -24.90
C ASN E 16 18.43 -21.58 -23.84
N GLY E 17 18.01 -20.37 -24.23
CA GLY E 17 17.94 -19.25 -23.31
C GLY E 17 16.63 -19.20 -22.56
N THR E 18 16.37 -18.03 -21.95
CA THR E 18 15.15 -17.82 -21.20
C THR E 18 14.66 -16.40 -21.44
N LEU E 19 13.35 -16.25 -21.64
CA LEU E 19 12.76 -14.95 -21.90
C LEU E 19 12.34 -14.30 -20.59
N VAL E 20 12.66 -13.00 -20.46
CA VAL E 20 12.32 -12.23 -19.27
C VAL E 20 11.82 -10.85 -19.70
N LYS E 21 11.14 -10.18 -18.79
CA LYS E 21 10.67 -8.82 -19.00
C LYS E 21 11.72 -7.82 -18.53
N THR E 22 11.72 -6.65 -19.17
CA THR E 22 12.57 -5.54 -18.75
C THR E 22 11.74 -4.27 -18.75
N ILE E 23 12.40 -3.15 -18.45
CA ILE E 23 11.72 -1.86 -18.48
C ILE E 23 11.41 -1.46 -19.92
N THR E 24 12.30 -1.79 -20.85
CA THR E 24 12.16 -1.41 -22.25
C THR E 24 11.52 -2.48 -23.12
N ASP E 25 11.90 -3.74 -22.94
CA ASP E 25 11.41 -4.81 -23.79
C ASP E 25 10.50 -5.75 -23.00
N ASP E 26 9.43 -6.20 -23.64
CA ASP E 26 8.49 -7.11 -23.00
C ASP E 26 9.02 -8.54 -22.94
N GLN E 27 9.86 -8.93 -23.91
CA GLN E 27 10.46 -10.26 -23.93
C GLN E 27 11.88 -10.14 -24.46
N ILE E 28 12.86 -10.48 -23.64
CA ILE E 28 14.26 -10.45 -24.02
C ILE E 28 14.93 -11.73 -23.53
N GLU E 29 15.85 -12.27 -24.33
CA GLU E 29 16.46 -13.56 -24.04
C GLU E 29 17.76 -13.37 -23.27
N VAL E 30 17.86 -14.05 -22.13
CA VAL E 30 19.06 -14.07 -21.31
C VAL E 30 19.49 -15.52 -21.14
N THR E 31 20.69 -15.70 -20.56
CA THR E 31 21.24 -17.04 -20.43
C THR E 31 20.44 -17.87 -19.41
N ASN E 32 20.01 -17.26 -18.32
CA ASN E 32 19.27 -17.99 -17.31
C ASN E 32 18.41 -17.03 -16.51
N ALA E 33 17.38 -17.58 -15.86
CA ALA E 33 16.49 -16.83 -15.00
C ALA E 33 15.92 -17.76 -13.94
N THR E 34 15.26 -17.16 -12.95
CA THR E 34 14.66 -17.91 -11.86
C THR E 34 13.25 -17.41 -11.59
N GLU E 35 12.38 -18.32 -11.15
CA GLU E 35 10.97 -17.99 -10.93
C GLU E 35 10.78 -17.42 -9.52
N LEU E 36 10.01 -16.33 -9.43
CA LEU E 36 9.75 -15.67 -8.16
C LEU E 36 8.33 -15.87 -7.66
N VAL E 37 7.47 -16.54 -8.41
CA VAL E 37 6.08 -16.75 -8.04
C VAL E 37 5.87 -18.24 -7.80
N GLN E 38 5.54 -18.59 -6.55
CA GLN E 38 5.21 -19.96 -6.19
C GLN E 38 3.77 -20.23 -6.62
N SER E 39 3.58 -21.10 -7.61
CA SER E 39 2.27 -21.35 -8.19
C SER E 39 1.74 -22.74 -7.91
N SER E 40 2.47 -23.59 -7.19
CA SER E 40 2.05 -24.96 -6.93
C SER E 40 2.11 -25.25 -5.44
N SER E 41 1.25 -26.19 -5.02
CA SER E 41 1.21 -26.67 -3.64
C SER E 41 1.19 -28.19 -3.65
N THR E 42 1.69 -28.78 -2.58
CA THR E 42 1.66 -30.24 -2.46
C THR E 42 0.23 -30.75 -2.32
N GLY E 43 -0.67 -29.94 -1.78
CA GLY E 43 -2.04 -30.34 -1.55
C GLY E 43 -2.32 -30.89 -0.17
N LYS E 44 -1.33 -30.91 0.71
CA LYS E 44 -1.50 -31.40 2.07
C LYS E 44 -0.97 -30.35 3.05
N ILE E 45 -1.64 -30.23 4.19
CA ILE E 45 -1.23 -29.30 5.24
C ILE E 45 -0.25 -30.00 6.16
N CYS E 46 0.94 -29.44 6.31
CA CYS E 46 1.97 -30.03 7.16
C CYS E 46 1.65 -29.77 8.62
N ASN E 47 1.77 -30.81 9.45
CA ASN E 47 1.45 -30.74 10.87
C ASN E 47 2.50 -29.98 11.68
N ASN E 48 3.55 -29.49 11.06
CA ASN E 48 4.64 -28.81 11.74
C ASN E 48 5.13 -27.66 10.87
N PRO E 49 5.69 -26.60 11.48
CA PRO E 49 5.90 -26.44 12.92
C PRO E 49 4.65 -26.00 13.67
N HIS E 50 3.63 -25.55 12.95
CA HIS E 50 2.41 -25.04 13.58
C HIS E 50 1.50 -26.19 14.01
N ARG E 51 0.96 -26.06 15.21
CA ARG E 51 0.04 -27.07 15.75
C ARG E 51 -1.31 -26.93 15.07
N ILE E 52 -1.70 -27.96 14.30
CA ILE E 52 -2.93 -27.96 13.54
C ILE E 52 -3.95 -28.84 14.25
N LEU E 53 -5.18 -28.35 14.38
CA LEU E 53 -6.28 -29.10 14.96
C LEU E 53 -7.40 -29.20 13.92
N ASP E 54 -7.66 -30.42 13.47
CA ASP E 54 -8.66 -30.66 12.44
C ASP E 54 -10.01 -30.93 13.11
N GLY E 55 -11.01 -30.13 12.78
CA GLY E 55 -12.34 -30.30 13.34
C GLY E 55 -13.11 -31.48 12.79
N ILE E 56 -12.62 -32.09 11.70
CA ILE E 56 -13.26 -33.24 11.08
C ILE E 56 -14.69 -32.90 10.69
N ASP E 57 -15.63 -33.12 11.61
CA ASP E 57 -17.06 -32.91 11.36
C ASP E 57 -17.64 -31.90 12.34
N CYS E 58 -16.87 -30.87 12.69
CA CYS E 58 -17.29 -29.92 13.71
C CYS E 58 -16.78 -28.53 13.38
N THR E 59 -17.68 -27.56 13.42
CA THR E 59 -17.27 -26.17 13.37
C THR E 59 -16.74 -25.73 14.74
N LEU E 60 -16.09 -24.56 14.76
CA LEU E 60 -15.52 -24.07 16.01
C LEU E 60 -16.60 -23.72 17.01
N ILE E 61 -17.70 -23.15 16.54
CA ILE E 61 -18.79 -22.75 17.45
C ILE E 61 -19.42 -23.97 18.08
N ASP E 62 -19.53 -25.07 17.33
CA ASP E 62 -20.10 -26.29 17.89
C ASP E 62 -19.21 -26.86 19.00
N ALA E 63 -17.90 -26.87 18.79
CA ALA E 63 -16.99 -27.34 19.84
C ALA E 63 -16.99 -26.40 21.03
N LEU E 64 -17.15 -25.10 20.78
CA LEU E 64 -17.24 -24.13 21.87
C LEU E 64 -18.46 -24.38 22.73
N LEU E 65 -19.63 -24.46 22.10
CA LEU E 65 -20.87 -24.68 22.84
C LEU E 65 -20.90 -26.06 23.50
N GLY E 66 -20.44 -27.08 22.78
CA GLY E 66 -20.44 -28.43 23.32
C GLY E 66 -21.41 -29.37 22.64
N ASP E 67 -21.41 -29.38 21.31
CA ASP E 67 -22.24 -30.32 20.57
C ASP E 67 -21.79 -31.75 20.88
N PRO E 68 -22.72 -32.69 21.07
CA PRO E 68 -22.33 -34.06 21.47
C PRO E 68 -21.25 -34.69 20.58
N HIS E 69 -21.42 -34.68 19.27
CA HIS E 69 -20.39 -35.28 18.42
C HIS E 69 -19.13 -34.42 18.32
N CYS E 70 -19.10 -33.28 18.99
CA CYS E 70 -17.93 -32.42 19.03
C CYS E 70 -17.28 -32.38 20.41
N ASP E 71 -17.63 -33.32 21.29
CA ASP E 71 -17.08 -33.37 22.63
C ASP E 71 -15.67 -33.96 22.68
N VAL E 72 -15.01 -34.12 21.53
CA VAL E 72 -13.63 -34.59 21.52
C VAL E 72 -12.65 -33.43 21.56
N PHE E 73 -13.10 -32.20 21.28
CA PHE E 73 -12.24 -31.03 21.26
C PHE E 73 -12.35 -30.20 22.53
N GLN E 74 -12.75 -30.81 23.64
CA GLN E 74 -12.86 -30.08 24.90
C GLN E 74 -11.48 -29.82 25.48
N ASN E 75 -11.33 -28.64 26.10
CA ASN E 75 -10.08 -28.23 26.73
C ASN E 75 -8.91 -28.28 25.75
N GLU E 76 -9.18 -27.95 24.49
CA GLU E 76 -8.21 -28.07 23.41
C GLU E 76 -7.54 -26.73 23.11
N THR E 77 -6.35 -26.82 22.50
CA THR E 77 -5.59 -25.67 22.05
C THR E 77 -5.18 -25.88 20.61
N TRP E 78 -4.80 -24.79 19.94
CA TRP E 78 -4.41 -24.87 18.55
C TRP E 78 -3.68 -23.58 18.15
N ASP E 79 -2.88 -23.70 17.09
CA ASP E 79 -2.33 -22.55 16.39
C ASP E 79 -3.13 -22.21 15.14
N LEU E 80 -3.64 -23.23 14.44
CA LEU E 80 -4.54 -23.05 13.31
C LEU E 80 -5.63 -24.10 13.39
N PHE E 81 -6.87 -23.65 13.55
CA PHE E 81 -8.02 -24.54 13.53
C PHE E 81 -8.55 -24.63 12.10
N VAL E 82 -8.75 -25.86 11.62
CA VAL E 82 -9.15 -26.10 10.24
C VAL E 82 -10.59 -26.58 10.25
N GLU E 83 -11.49 -25.78 9.68
CA GLU E 83 -12.89 -26.17 9.51
C GLU E 83 -13.07 -26.81 8.14
N ARG E 84 -13.71 -27.97 8.13
CA ARG E 84 -14.02 -28.67 6.89
C ARG E 84 -15.37 -28.22 6.33
N SER E 85 -15.64 -28.66 5.10
CA SER E 85 -16.93 -28.38 4.49
C SER E 85 -17.99 -29.41 4.88
N LYS E 86 -17.57 -30.56 5.40
CA LYS E 86 -18.48 -31.62 5.81
C LYS E 86 -19.07 -31.42 7.20
N ALA E 87 -18.62 -30.39 7.93
CA ALA E 87 -19.06 -30.20 9.30
C ALA E 87 -20.57 -29.96 9.37
N PHE E 88 -21.20 -30.55 10.39
CA PHE E 88 -22.64 -30.46 10.54
C PHE E 88 -22.98 -30.18 12.00
N SER E 89 -24.17 -29.65 12.22
CA SER E 89 -24.71 -29.44 13.55
C SER E 89 -25.73 -30.53 13.86
N ASN E 90 -25.62 -31.13 15.04
CA ASN E 90 -26.50 -32.21 15.46
C ASN E 90 -26.96 -31.98 16.89
N CYS E 91 -27.59 -30.82 17.12
CA CYS E 91 -28.09 -30.48 18.45
C CYS E 91 -29.27 -29.53 18.27
N TYR E 92 -29.58 -28.77 19.31
CA TYR E 92 -30.72 -27.86 19.27
C TYR E 92 -30.49 -26.78 18.22
N PRO E 93 -31.49 -26.46 17.40
CA PRO E 93 -31.33 -25.39 16.40
C PRO E 93 -31.03 -24.07 17.08
N TYR E 94 -29.91 -23.46 16.68
CA TYR E 94 -29.45 -22.24 17.33
C TYR E 94 -29.05 -21.21 16.27
N ASP E 95 -28.84 -19.99 16.74
CA ASP E 95 -28.32 -18.91 15.91
C ASP E 95 -27.47 -18.00 16.80
N VAL E 96 -26.44 -17.42 16.21
CA VAL E 96 -25.52 -16.55 16.91
C VAL E 96 -25.53 -15.19 16.22
N PRO E 97 -26.21 -14.19 16.78
CA PRO E 97 -26.04 -12.83 16.30
C PRO E 97 -24.58 -12.41 16.40
N ASP E 98 -24.03 -11.93 15.28
CA ASP E 98 -22.60 -11.67 15.13
C ASP E 98 -21.80 -12.96 15.30
N TYR E 99 -22.13 -13.93 14.44
CA TYR E 99 -21.45 -15.23 14.44
C TYR E 99 -19.98 -15.08 14.10
N ALA E 100 -19.66 -14.24 13.12
CA ALA E 100 -18.28 -14.11 12.66
C ALA E 100 -17.38 -13.55 13.74
N SER E 101 -17.88 -12.59 14.54
CA SER E 101 -17.04 -12.00 15.56
C SER E 101 -16.71 -13.00 16.67
N LEU E 102 -17.70 -13.77 17.12
CA LEU E 102 -17.42 -14.79 18.12
C LEU E 102 -16.45 -15.84 17.58
N ARG E 103 -16.67 -16.30 16.35
CA ARG E 103 -15.75 -17.25 15.74
C ARG E 103 -14.33 -16.68 15.69
N SER E 104 -14.19 -15.42 15.26
CA SER E 104 -12.88 -14.80 15.15
C SER E 104 -12.19 -14.67 16.51
N LEU E 105 -12.92 -14.23 17.54
CA LEU E 105 -12.29 -14.03 18.84
C LEU E 105 -11.89 -15.36 19.46
N VAL E 106 -12.75 -16.39 19.32
CA VAL E 106 -12.39 -17.70 19.86
C VAL E 106 -11.18 -18.27 19.11
N ALA E 107 -11.13 -18.08 17.79
CA ALA E 107 -10.00 -18.61 17.02
C ALA E 107 -8.71 -17.88 17.37
N SER E 108 -8.78 -16.56 17.56
CA SER E 108 -7.58 -15.81 17.92
C SER E 108 -7.13 -16.12 19.34
N SER E 109 -8.07 -16.49 20.22
CA SER E 109 -7.69 -16.94 21.55
C SER E 109 -6.88 -18.24 21.47
N GLY E 110 -7.32 -19.18 20.65
CA GLY E 110 -6.56 -20.39 20.42
C GLY E 110 -6.70 -21.46 21.47
N THR E 111 -7.76 -21.44 22.26
CA THR E 111 -7.95 -22.43 23.30
C THR E 111 -9.44 -22.55 23.61
N LEU E 112 -9.85 -23.78 23.94
CA LEU E 112 -11.19 -24.06 24.45
C LEU E 112 -11.15 -24.53 25.90
N GLU E 113 -10.14 -24.08 26.64
CA GLU E 113 -10.01 -24.45 28.05
C GLU E 113 -11.18 -23.88 28.85
N PHE E 114 -11.99 -24.77 29.41
CA PHE E 114 -13.21 -24.39 30.10
C PHE E 114 -13.07 -24.67 31.59
N ILE E 115 -13.29 -23.64 32.41
CA ILE E 115 -13.27 -23.75 33.86
C ILE E 115 -14.72 -23.71 34.34
N THR E 116 -15.13 -24.76 35.04
CA THR E 116 -16.50 -24.85 35.54
C THR E 116 -16.64 -24.09 36.84
N GLU E 117 -17.74 -23.35 36.97
CA GLU E 117 -18.05 -22.57 38.16
C GLU E 117 -19.37 -23.02 38.76
N GLY E 118 -19.44 -23.02 40.09
CA GLY E 118 -20.64 -23.45 40.78
C GLY E 118 -21.71 -22.38 40.86
N PHE E 119 -22.36 -22.10 39.74
CA PHE E 119 -23.45 -21.13 39.73
C PHE E 119 -24.60 -21.62 40.61
N THR E 120 -25.17 -20.70 41.38
CA THR E 120 -26.21 -21.01 42.35
C THR E 120 -27.58 -20.71 41.73
N TRP E 121 -28.30 -21.76 41.35
CA TRP E 121 -29.61 -21.66 40.72
C TRP E 121 -30.65 -22.13 41.73
N THR E 122 -31.32 -21.17 42.38
CA THR E 122 -32.25 -21.46 43.45
C THR E 122 -33.67 -21.51 42.89
N GLY E 123 -34.27 -22.69 42.91
CA GLY E 123 -35.66 -22.85 42.54
C GLY E 123 -35.93 -23.16 41.09
N VAL E 124 -34.97 -23.75 40.37
CA VAL E 124 -35.16 -24.10 38.97
C VAL E 124 -34.60 -25.50 38.72
N THR E 125 -35.14 -26.16 37.70
CA THR E 125 -34.67 -27.48 37.29
C THR E 125 -33.47 -27.33 36.36
N GLN E 126 -32.38 -28.01 36.71
CA GLN E 126 -31.14 -27.93 35.95
C GLN E 126 -31.03 -29.07 34.95
N ASN E 127 -30.05 -28.95 34.06
CA ASN E 127 -29.66 -30.02 33.14
C ASN E 127 -30.82 -30.47 32.26
N GLY E 128 -31.59 -29.52 31.74
CA GLY E 128 -32.62 -29.85 30.78
C GLY E 128 -32.04 -30.25 29.45
N GLY E 129 -32.70 -31.20 28.79
CA GLY E 129 -32.21 -31.75 27.54
C GLY E 129 -33.30 -31.89 26.51
N SER E 130 -32.92 -32.44 25.36
CA SER E 130 -33.83 -32.66 24.25
C SER E 130 -33.33 -33.81 23.40
N ASN E 131 -34.27 -34.49 22.73
CA ASN E 131 -33.92 -35.62 21.88
C ASN E 131 -33.28 -35.19 20.56
N ALA E 132 -33.31 -33.90 20.23
CA ALA E 132 -32.58 -33.39 19.07
C ALA E 132 -31.10 -33.18 19.35
N CYS E 133 -30.65 -33.43 20.58
CA CYS E 133 -29.27 -33.21 20.99
C CYS E 133 -28.82 -34.39 21.86
N LYS E 134 -28.91 -35.60 21.30
CA LYS E 134 -28.73 -36.81 22.10
C LYS E 134 -27.29 -36.99 22.54
N ARG E 135 -27.10 -37.23 23.84
CA ARG E 135 -25.82 -37.57 24.43
C ARG E 135 -25.92 -39.01 24.91
N GLY E 136 -25.40 -39.95 24.12
CA GLY E 136 -25.61 -41.35 24.38
C GLY E 136 -26.98 -41.79 23.89
N PRO E 137 -27.59 -42.74 24.59
CA PRO E 137 -28.93 -43.20 24.18
C PRO E 137 -30.04 -42.22 24.49
N GLY E 138 -29.87 -41.36 25.50
CA GLY E 138 -30.91 -40.45 25.92
C GLY E 138 -30.69 -39.02 25.45
N SER E 139 -31.55 -38.13 25.95
CA SER E 139 -31.47 -36.73 25.57
C SER E 139 -30.24 -36.06 26.19
N GLY E 140 -29.91 -34.90 25.65
CA GLY E 140 -28.77 -34.14 26.14
C GLY E 140 -28.87 -32.68 25.76
N PHE E 141 -27.76 -31.98 25.89
CA PHE E 141 -27.70 -30.56 25.61
C PHE E 141 -26.23 -30.16 25.45
N PHE E 142 -26.00 -28.88 25.16
CA PHE E 142 -24.65 -28.37 25.05
C PHE E 142 -23.92 -28.54 26.38
N SER E 143 -22.71 -29.10 26.31
CA SER E 143 -21.99 -29.43 27.55
C SER E 143 -21.63 -28.19 28.35
N ARG E 144 -21.43 -27.05 27.69
CA ARG E 144 -21.07 -25.81 28.36
C ARG E 144 -22.27 -24.94 28.68
N LEU E 145 -23.48 -25.44 28.48
CA LEU E 145 -24.69 -24.70 28.76
C LEU E 145 -25.64 -25.55 29.60
N ASN E 146 -26.48 -24.89 30.38
CA ASN E 146 -27.42 -25.54 31.28
C ASN E 146 -28.80 -25.01 31.00
N TRP E 147 -29.72 -25.89 30.58
CA TRP E 147 -31.09 -25.49 30.31
C TRP E 147 -31.88 -25.47 31.61
N LEU E 148 -32.20 -24.27 32.09
CA LEU E 148 -32.95 -24.10 33.33
C LEU E 148 -34.44 -24.00 33.01
N THR E 149 -35.23 -24.78 33.74
CA THR E 149 -36.67 -24.87 33.49
C THR E 149 -37.38 -24.73 34.84
N LYS E 150 -38.65 -25.06 34.85
CA LYS E 150 -39.51 -24.87 36.01
C LYS E 150 -39.19 -25.88 37.10
N SER E 151 -39.31 -25.44 38.35
CA SER E 151 -39.23 -26.30 39.52
C SER E 151 -40.51 -26.09 40.33
N GLY E 152 -41.30 -27.14 40.47
CA GLY E 152 -42.61 -27.02 41.08
C GLY E 152 -43.60 -26.43 40.08
N SER E 153 -44.01 -25.18 40.30
CA SER E 153 -44.85 -24.49 39.33
C SER E 153 -44.58 -23.00 39.29
N THR E 154 -43.41 -22.54 39.76
CA THR E 154 -43.04 -21.14 39.72
C THR E 154 -41.62 -21.01 39.19
N TYR E 155 -41.36 -19.89 38.52
CA TYR E 155 -40.04 -19.58 37.97
C TYR E 155 -39.51 -18.33 38.66
N PRO E 156 -38.58 -18.48 39.60
CA PRO E 156 -38.11 -17.31 40.35
C PRO E 156 -37.31 -16.35 39.48
N VAL E 157 -37.18 -15.12 39.97
CA VAL E 157 -36.37 -14.09 39.32
C VAL E 157 -34.92 -14.34 39.74
N LEU E 158 -34.16 -15.00 38.87
CA LEU E 158 -32.78 -15.37 39.19
C LEU E 158 -31.86 -14.16 39.15
N ASN E 159 -31.10 -13.97 40.23
CA ASN E 159 -30.10 -12.92 40.36
C ASN E 159 -28.83 -13.57 40.87
N VAL E 160 -27.90 -13.85 39.97
CA VAL E 160 -26.67 -14.57 40.29
C VAL E 160 -25.47 -13.69 39.95
N THR E 161 -24.44 -13.76 40.78
CA THR E 161 -23.22 -12.98 40.60
C THR E 161 -22.00 -13.88 40.56
N MET E 162 -21.01 -13.47 39.78
CA MET E 162 -19.74 -14.19 39.70
C MET E 162 -18.60 -13.20 39.50
N PRO E 163 -17.67 -13.11 40.45
CA PRO E 163 -16.57 -12.14 40.31
C PRO E 163 -15.37 -12.71 39.58
N ASN E 164 -14.62 -11.81 38.95
CA ASN E 164 -13.38 -12.14 38.25
C ASN E 164 -12.23 -11.69 39.15
N ASN E 165 -11.68 -12.63 39.91
CA ASN E 165 -10.57 -12.35 40.81
C ASN E 165 -9.25 -12.94 40.31
N ASP E 166 -9.18 -13.28 39.04
CA ASP E 166 -7.98 -13.85 38.44
C ASP E 166 -7.19 -12.77 37.72
N ASN E 167 -6.07 -13.17 37.11
CA ASN E 167 -5.19 -12.26 36.38
C ASN E 167 -5.41 -12.34 34.87
N PHE E 168 -6.52 -12.93 34.43
CA PHE E 168 -6.80 -13.09 33.02
C PHE E 168 -8.26 -12.82 32.75
N ASP E 169 -8.57 -12.56 31.48
CA ASP E 169 -9.94 -12.29 31.07
C ASP E 169 -10.75 -13.57 31.04
N LYS E 170 -12.07 -13.42 31.21
CA LYS E 170 -13.00 -14.56 31.21
C LYS E 170 -14.02 -14.39 30.11
N LEU E 171 -14.26 -15.47 29.37
CA LEU E 171 -15.28 -15.50 28.32
C LEU E 171 -16.44 -16.37 28.79
N TYR E 172 -17.63 -15.80 28.84
CA TYR E 172 -18.85 -16.50 29.22
C TYR E 172 -19.76 -16.59 28.02
N ILE E 173 -20.21 -17.80 27.70
CA ILE E 173 -21.16 -18.04 26.63
C ILE E 173 -22.50 -18.39 27.27
N TRP E 174 -23.53 -17.60 26.96
CA TRP E 174 -24.87 -17.84 27.48
C TRP E 174 -25.86 -17.81 26.32
N GLY E 175 -27.12 -18.11 26.62
CA GLY E 175 -28.12 -18.20 25.58
C GLY E 175 -29.52 -17.90 26.10
N VAL E 176 -30.41 -17.64 25.14
CA VAL E 176 -31.81 -17.35 25.39
C VAL E 176 -32.66 -18.26 24.52
N HIS E 177 -33.65 -18.92 25.14
CA HIS E 177 -34.49 -19.88 24.43
C HIS E 177 -35.70 -19.19 23.83
N HIS E 178 -35.91 -19.38 22.53
CA HIS E 178 -37.08 -18.84 21.84
C HIS E 178 -38.05 -19.99 21.55
N PRO E 179 -39.17 -20.06 22.25
CA PRO E 179 -40.12 -21.15 22.05
C PRO E 179 -40.96 -20.94 20.79
N SER E 180 -41.88 -21.87 20.55
CA SER E 180 -42.74 -21.85 19.38
C SER E 180 -44.19 -21.47 19.68
N THR E 181 -44.67 -21.72 20.88
CA THR E 181 -46.04 -21.40 21.26
C THR E 181 -46.08 -20.94 22.71
N ASN E 182 -47.15 -20.20 23.04
CA ASN E 182 -47.31 -19.72 24.41
C ASN E 182 -47.45 -20.88 25.39
N GLN E 183 -47.99 -22.01 24.95
CA GLN E 183 -48.09 -23.18 25.81
C GLN E 183 -46.72 -23.62 26.29
N GLU E 184 -45.76 -23.74 25.37
CA GLU E 184 -44.41 -24.14 25.74
C GLU E 184 -43.77 -23.12 26.68
N GLN E 185 -43.95 -21.83 26.39
CA GLN E 185 -43.38 -20.78 27.22
C GLN E 185 -43.89 -20.87 28.65
N THR E 186 -45.22 -20.95 28.82
CA THR E 186 -45.78 -20.99 30.16
C THR E 186 -45.52 -22.32 30.85
N SER E 187 -45.34 -23.40 30.08
CA SER E 187 -45.09 -24.70 30.69
C SER E 187 -43.66 -24.81 31.20
N LEU E 188 -42.72 -24.20 30.50
CA LEU E 188 -41.32 -24.33 30.90
C LEU E 188 -40.84 -23.21 31.80
N TYR E 189 -41.34 -21.97 31.62
CA TYR E 189 -40.81 -20.83 32.34
C TYR E 189 -41.90 -20.03 33.04
N VAL E 190 -43.10 -20.60 33.17
CA VAL E 190 -44.20 -20.03 33.96
C VAL E 190 -44.65 -18.69 33.40
N GLN E 191 -43.78 -17.68 33.46
CA GLN E 191 -44.15 -16.33 33.05
C GLN E 191 -44.49 -16.29 31.56
N ALA E 192 -45.32 -15.31 31.19
CA ALA E 192 -45.76 -15.22 29.81
C ALA E 192 -44.68 -14.66 28.91
N SER E 193 -43.88 -13.72 29.43
CA SER E 193 -42.79 -13.11 28.68
C SER E 193 -41.55 -13.08 29.55
N GLY E 194 -40.49 -13.72 29.07
CA GLY E 194 -39.23 -13.76 29.80
C GLY E 194 -38.33 -12.58 29.46
N ARG E 195 -37.16 -12.59 30.09
CA ARG E 195 -36.13 -11.58 29.87
C ARG E 195 -34.85 -12.05 30.52
N VAL E 196 -33.73 -11.86 29.82
CA VAL E 196 -32.41 -12.21 30.33
C VAL E 196 -31.52 -10.98 30.25
N THR E 197 -30.79 -10.70 31.33
CA THR E 197 -29.89 -9.55 31.39
C THR E 197 -28.55 -10.01 31.93
N VAL E 198 -27.51 -9.90 31.10
CA VAL E 198 -26.15 -10.20 31.50
C VAL E 198 -25.36 -8.90 31.47
N SER E 199 -24.75 -8.56 32.60
CA SER E 199 -24.19 -7.22 32.75
C SER E 199 -22.86 -7.25 33.47
N THR E 200 -22.01 -6.30 33.10
CA THR E 200 -20.79 -5.94 33.80
C THR E 200 -20.90 -4.48 34.24
N ARG E 201 -19.79 -3.91 34.71
CA ARG E 201 -19.83 -2.54 35.19
C ARG E 201 -19.92 -1.55 34.04
N ARG E 202 -19.38 -1.89 32.87
CA ARG E 202 -19.35 -0.99 31.73
C ARG E 202 -20.11 -1.52 30.53
N SER E 203 -20.82 -2.64 30.67
CA SER E 203 -21.60 -3.19 29.57
C SER E 203 -22.84 -3.87 30.10
N GLN E 204 -23.88 -3.88 29.28
CA GLN E 204 -25.15 -4.53 29.60
C GLN E 204 -25.70 -5.18 28.35
N GLN E 205 -26.42 -6.29 28.54
CA GLN E 205 -26.96 -7.04 27.41
C GLN E 205 -28.26 -7.67 27.84
N THR E 206 -29.38 -7.13 27.37
CA THR E 206 -30.71 -7.60 27.72
C THR E 206 -31.41 -8.14 26.47
N ILE E 207 -31.87 -9.38 26.54
CA ILE E 207 -32.56 -10.04 25.44
C ILE E 207 -33.94 -10.44 25.90
N ILE E 208 -34.94 -10.14 25.09
CA ILE E 208 -36.33 -10.54 25.32
C ILE E 208 -36.64 -11.69 24.38
N PRO E 209 -37.09 -12.84 24.88
CA PRO E 209 -37.43 -13.96 23.99
C PRO E 209 -38.56 -13.59 23.03
N ASN E 210 -38.53 -14.22 21.86
CA ASN E 210 -39.52 -13.98 20.81
C ASN E 210 -40.19 -15.31 20.49
N ILE E 211 -41.52 -15.36 20.67
CA ILE E 211 -42.28 -16.60 20.52
C ILE E 211 -42.86 -16.64 19.11
N GLY E 212 -42.68 -17.78 18.44
CA GLY E 212 -43.16 -17.96 17.08
C GLY E 212 -42.63 -19.24 16.46
N SER E 213 -43.24 -19.67 15.36
CA SER E 213 -42.86 -20.91 14.70
C SER E 213 -41.83 -20.64 13.61
N ARG E 214 -40.66 -21.24 13.74
CA ARG E 214 -39.61 -21.21 12.74
C ARG E 214 -39.70 -22.44 11.85
N PRO E 215 -38.94 -22.48 10.74
CA PRO E 215 -38.87 -23.71 9.96
C PRO E 215 -38.41 -24.89 10.81
N TRP E 216 -38.81 -26.09 10.39
CA TRP E 216 -38.47 -27.30 11.13
C TRP E 216 -37.01 -27.66 10.91
N VAL E 217 -36.25 -27.72 11.99
CA VAL E 217 -34.84 -28.07 11.97
C VAL E 217 -34.60 -29.15 13.01
N ARG E 218 -34.23 -30.35 12.56
CA ARG E 218 -33.97 -31.48 13.45
C ARG E 218 -35.15 -31.75 14.39
N GLY E 219 -36.37 -31.52 13.89
CA GLY E 219 -37.57 -31.84 14.62
C GLY E 219 -38.09 -30.77 15.54
N LEU E 220 -37.64 -29.53 15.39
CA LEU E 220 -38.04 -28.46 16.29
C LEU E 220 -38.30 -27.17 15.54
N SER E 221 -39.29 -26.41 16.02
N SER E 221 -39.30 -26.41 16.01
CA SER E 221 -39.58 -25.08 15.51
CA SER E 221 -39.59 -25.08 15.50
C SER E 221 -39.07 -23.97 16.43
C SER E 221 -39.20 -24.01 16.51
N SER E 222 -38.39 -24.33 17.51
N SER E 222 -38.31 -24.33 17.46
CA SER E 222 -37.86 -23.37 18.47
CA SER E 222 -37.84 -23.41 18.46
C SER E 222 -36.37 -23.15 18.23
C SER E 222 -36.33 -23.21 18.30
N ARG E 223 -35.83 -22.10 18.84
CA ARG E 223 -34.45 -21.70 18.63
C ARG E 223 -33.74 -21.39 19.94
N ILE E 224 -32.43 -21.24 19.84
CA ILE E 224 -31.59 -20.73 20.92
C ILE E 224 -30.71 -19.62 20.34
N SER E 225 -30.70 -18.46 20.99
CA SER E 225 -29.85 -17.35 20.61
C SER E 225 -28.64 -17.33 21.54
N ILE E 226 -27.44 -17.37 20.96
CA ILE E 226 -26.20 -17.47 21.71
C ILE E 226 -25.54 -16.10 21.79
N TYR E 227 -25.15 -15.70 22.99
CA TYR E 227 -24.45 -14.45 23.22
C TYR E 227 -23.21 -14.72 24.07
N TRP E 228 -22.28 -13.76 24.06
CA TRP E 228 -21.03 -13.88 24.78
C TRP E 228 -20.75 -12.61 25.56
N THR E 229 -20.03 -12.76 26.66
CA THR E 229 -19.67 -11.65 27.54
C THR E 229 -18.26 -11.87 28.07
N ILE E 230 -17.43 -10.84 27.99
CA ILE E 230 -16.05 -10.90 28.48
C ILE E 230 -15.95 -10.08 29.76
N VAL E 231 -15.47 -10.71 30.82
CA VAL E 231 -15.30 -10.07 32.13
C VAL E 231 -13.80 -9.95 32.39
N LYS E 232 -13.35 -8.72 32.61
CA LYS E 232 -11.95 -8.45 32.87
C LYS E 232 -11.62 -8.70 34.35
N PRO E 233 -10.33 -8.80 34.69
CA PRO E 233 -9.96 -8.90 36.11
C PRO E 233 -10.45 -7.71 36.91
N GLY E 234 -11.06 -8.00 38.06
CA GLY E 234 -11.61 -6.98 38.93
C GLY E 234 -13.08 -6.67 38.69
N ASP E 235 -13.63 -7.07 37.54
CA ASP E 235 -15.02 -6.81 37.25
C ASP E 235 -15.87 -8.00 37.72
N VAL E 236 -17.19 -7.86 37.55
CA VAL E 236 -18.15 -8.86 38.04
C VAL E 236 -19.19 -9.11 36.96
N LEU E 237 -19.55 -10.39 36.78
CA LEU E 237 -20.64 -10.77 35.89
C LEU E 237 -21.92 -10.91 36.71
N VAL E 238 -22.99 -10.29 36.24
CA VAL E 238 -24.30 -10.37 36.91
C VAL E 238 -25.32 -10.88 35.91
N ILE E 239 -26.04 -11.94 36.30
CA ILE E 239 -27.07 -12.56 35.48
C ILE E 239 -28.41 -12.36 36.19
N ASN E 240 -29.33 -11.66 35.54
CA ASN E 240 -30.66 -11.39 36.08
C ASN E 240 -31.67 -11.83 35.03
N SER E 241 -32.40 -12.91 35.32
CA SER E 241 -33.30 -13.48 34.33
C SER E 241 -34.61 -13.88 34.99
N ASN E 242 -35.72 -13.62 34.27
CA ASN E 242 -37.03 -14.06 34.74
C ASN E 242 -37.67 -15.08 33.80
N GLY E 243 -36.87 -15.70 32.93
CA GLY E 243 -37.38 -16.73 32.04
C GLY E 243 -36.52 -16.98 30.83
N ASN E 244 -36.53 -18.24 30.35
CA ASN E 244 -35.91 -18.64 29.09
C ASN E 244 -34.39 -18.50 29.12
N LEU E 245 -33.77 -18.68 30.28
CA LEU E 245 -32.33 -18.57 30.41
C LEU E 245 -31.65 -19.89 30.08
N ILE E 246 -30.71 -19.83 29.14
CA ILE E 246 -29.79 -20.95 28.88
C ILE E 246 -28.49 -20.57 29.57
N ALA E 247 -28.34 -21.02 30.81
CA ALA E 247 -27.33 -20.50 31.71
C ALA E 247 -25.93 -21.03 31.36
N PRO E 248 -24.90 -20.26 31.64
CA PRO E 248 -23.53 -20.77 31.51
C PRO E 248 -23.16 -21.67 32.68
N ARG E 249 -22.12 -22.48 32.46
CA ARG E 249 -21.58 -23.36 33.48
C ARG E 249 -20.21 -22.94 33.95
N GLY E 250 -19.63 -21.90 33.37
CA GLY E 250 -18.28 -21.51 33.70
C GLY E 250 -17.75 -20.52 32.67
N TYR E 251 -16.43 -20.44 32.59
CA TYR E 251 -15.81 -19.47 31.70
C TYR E 251 -14.74 -20.13 30.84
N PHE E 252 -14.32 -19.41 29.81
CA PHE E 252 -13.21 -19.80 28.95
C PHE E 252 -12.05 -18.83 29.18
N LYS E 253 -10.85 -19.37 29.32
CA LYS E 253 -9.68 -18.53 29.57
C LYS E 253 -9.25 -17.88 28.26
N MET E 254 -9.37 -16.56 28.19
N MET E 254 -9.36 -16.56 28.19
CA MET E 254 -8.96 -15.81 27.01
CA MET E 254 -8.97 -15.83 26.98
C MET E 254 -7.45 -15.68 26.96
C MET E 254 -7.45 -15.65 26.95
N ARG E 255 -6.86 -15.95 25.80
CA ARG E 255 -5.43 -15.80 25.59
C ARG E 255 -5.19 -14.93 24.36
N THR E 256 -3.95 -14.45 24.23
CA THR E 256 -3.54 -13.65 23.09
C THR E 256 -2.29 -14.28 22.48
N GLY E 257 -2.30 -14.45 21.17
CA GLY E 257 -1.16 -15.06 20.50
C GLY E 257 -1.27 -15.07 18.99
N LYS E 258 -0.70 -16.09 18.37
CA LYS E 258 -0.65 -16.21 16.92
C LYS E 258 -1.67 -17.20 16.37
N SER E 259 -2.74 -17.46 17.12
CA SER E 259 -3.72 -18.46 16.71
C SER E 259 -4.73 -17.87 15.72
N SER E 260 -5.25 -18.73 14.85
CA SER E 260 -6.17 -18.31 13.80
C SER E 260 -7.04 -19.50 13.41
N ILE E 261 -7.81 -19.33 12.32
CA ILE E 261 -8.70 -20.36 11.80
C ILE E 261 -8.66 -20.30 10.28
N MET E 262 -8.98 -21.42 9.64
CA MET E 262 -8.91 -21.52 8.19
C MET E 262 -9.90 -22.56 7.69
N ARG E 263 -10.65 -22.21 6.63
CA ARG E 263 -11.53 -23.15 5.96
C ARG E 263 -10.75 -23.85 4.85
N SER E 264 -10.66 -25.18 4.92
CA SER E 264 -9.90 -25.94 3.94
C SER E 264 -10.36 -27.39 3.97
N ASP E 265 -10.26 -28.05 2.81
CA ASP E 265 -10.59 -29.46 2.67
C ASP E 265 -9.37 -30.32 2.36
N ALA E 266 -8.19 -29.73 2.36
CA ALA E 266 -6.98 -30.48 2.08
C ALA E 266 -6.64 -31.39 3.25
N PRO E 267 -6.05 -32.56 2.98
CA PRO E 267 -5.65 -33.45 4.08
C PRO E 267 -4.47 -32.90 4.86
N ILE E 268 -4.24 -33.48 6.02
CA ILE E 268 -3.17 -33.07 6.92
C ILE E 268 -2.11 -34.16 6.92
N ASP E 269 -0.89 -33.79 6.57
CA ASP E 269 0.22 -34.73 6.43
C ASP E 269 1.30 -34.41 7.46
N THR E 270 2.18 -35.38 7.68
CA THR E 270 3.29 -35.23 8.61
C THR E 270 4.49 -34.69 7.85
N CYS E 271 4.63 -33.37 7.83
CA CYS E 271 5.76 -32.71 7.20
C CYS E 271 5.98 -31.37 7.89
N ILE E 272 6.98 -30.62 7.41
CA ILE E 272 7.32 -29.31 7.95
C ILE E 272 7.14 -28.28 6.85
N SER E 273 6.37 -27.23 7.14
CA SER E 273 6.16 -26.13 6.21
C SER E 273 5.64 -24.93 6.99
N GLU E 274 6.28 -23.78 6.79
CA GLU E 274 5.88 -22.58 7.53
C GLU E 274 4.59 -21.99 7.00
N CYS E 275 4.33 -22.11 5.70
CA CYS E 275 3.21 -21.41 5.05
C CYS E 275 2.12 -22.39 4.65
N ILE E 276 0.90 -22.10 5.12
CA ILE E 276 -0.27 -22.93 4.89
C ILE E 276 -1.34 -22.09 4.21
N THR E 277 -2.00 -22.66 3.21
CA THR E 277 -3.12 -22.08 2.49
C THR E 277 -4.22 -23.13 2.42
N PRO E 278 -5.45 -22.73 2.06
CA PRO E 278 -6.50 -23.73 1.86
C PRO E 278 -6.19 -24.75 0.79
N ASN E 279 -5.27 -24.45 -0.13
CA ASN E 279 -4.86 -25.43 -1.13
C ASN E 279 -3.80 -26.40 -0.60
N GLY E 280 -3.23 -26.13 0.58
CA GLY E 280 -2.19 -26.94 1.18
C GLY E 280 -1.02 -26.11 1.61
N SER E 281 0.07 -26.78 1.97
CA SER E 281 1.28 -26.09 2.42
C SER E 281 2.16 -25.73 1.22
N ILE E 282 2.67 -24.51 1.22
CA ILE E 282 3.51 -24.06 0.10
C ILE E 282 4.88 -23.65 0.63
N PRO E 283 5.93 -23.74 -0.18
CA PRO E 283 7.26 -23.33 0.28
C PRO E 283 7.35 -21.82 0.46
N ASN E 284 8.26 -21.41 1.35
CA ASN E 284 8.46 -20.01 1.68
C ASN E 284 9.74 -19.43 1.09
N ASP E 285 10.35 -20.14 0.13
CA ASP E 285 11.62 -19.68 -0.43
C ASP E 285 11.42 -18.58 -1.46
N LYS E 286 10.31 -18.59 -2.19
CA LYS E 286 10.07 -17.54 -3.18
C LYS E 286 9.44 -16.31 -2.52
N PRO E 287 9.63 -15.13 -3.09
CA PRO E 287 9.06 -13.91 -2.49
C PRO E 287 7.57 -13.75 -2.73
N PHE E 288 7.01 -14.32 -3.80
CA PHE E 288 5.61 -14.12 -4.14
C PHE E 288 4.95 -15.48 -4.35
N GLN E 289 3.62 -15.46 -4.39
CA GLN E 289 2.84 -16.67 -4.56
C GLN E 289 1.53 -16.34 -5.26
N ASN E 290 1.01 -17.32 -6.01
CA ASN E 290 -0.23 -17.16 -6.76
C ASN E 290 -1.22 -18.27 -6.43
N VAL E 291 -1.08 -18.90 -5.26
CA VAL E 291 -1.93 -20.03 -4.91
C VAL E 291 -3.26 -19.55 -4.35
N ASN E 292 -3.23 -18.85 -3.21
CA ASN E 292 -4.44 -18.38 -2.56
C ASN E 292 -4.12 -17.14 -1.76
N LYS E 293 -5.09 -16.22 -1.71
CA LYS E 293 -4.95 -15.02 -0.89
C LYS E 293 -5.09 -15.31 0.60
N ILE E 294 -5.62 -16.47 0.96
CA ILE E 294 -5.74 -16.87 2.37
C ILE E 294 -4.47 -17.61 2.76
N THR E 295 -3.71 -17.03 3.69
CA THR E 295 -2.43 -17.60 4.11
C THR E 295 -2.34 -17.62 5.63
N TYR E 296 -1.39 -18.39 6.14
CA TYR E 296 -1.11 -18.42 7.56
C TYR E 296 0.34 -18.85 7.76
N GLY E 297 1.08 -18.07 8.56
CA GLY E 297 2.48 -18.34 8.81
C GLY E 297 3.38 -17.48 7.94
N ALA E 298 4.68 -17.83 7.96
CA ALA E 298 5.65 -17.14 7.13
C ALA E 298 5.41 -17.47 5.66
N CYS E 299 4.66 -16.62 4.97
CA CYS E 299 4.17 -16.91 3.63
C CYS E 299 4.70 -15.92 2.62
N PRO E 300 4.88 -16.34 1.37
CA PRO E 300 5.12 -15.37 0.29
C PRO E 300 3.89 -14.49 0.08
N LYS E 301 4.14 -13.30 -0.48
CA LYS E 301 3.08 -12.34 -0.70
C LYS E 301 2.28 -12.71 -1.95
N TYR E 302 0.94 -12.65 -1.82
CA TYR E 302 0.07 -13.03 -2.92
C TYR E 302 0.07 -11.95 -4.00
N VAL E 303 0.19 -12.38 -5.26
CA VAL E 303 0.14 -11.49 -6.41
C VAL E 303 -0.73 -12.13 -7.48
N LYS E 304 -1.14 -11.31 -8.45
CA LYS E 304 -1.99 -11.81 -9.53
C LYS E 304 -1.21 -12.53 -10.62
N GLN E 305 0.06 -12.20 -10.79
CA GLN E 305 0.88 -12.83 -11.81
C GLN E 305 1.13 -14.29 -11.47
N ASN E 306 0.98 -15.16 -12.47
CA ASN E 306 1.29 -16.58 -12.32
C ASN E 306 2.77 -16.87 -12.53
N THR E 307 3.50 -15.97 -13.17
CA THR E 307 4.92 -16.16 -13.41
C THR E 307 5.61 -14.80 -13.47
N LEU E 308 6.75 -14.71 -12.79
CA LEU E 308 7.62 -13.54 -12.85
C LEU E 308 9.06 -14.04 -12.77
N LYS E 309 9.80 -13.90 -13.87
CA LYS E 309 11.13 -14.47 -14.00
C LYS E 309 12.18 -13.38 -13.81
N LEU E 310 13.07 -13.59 -12.85
CA LEU E 310 14.16 -12.67 -12.56
C LEU E 310 15.43 -13.16 -13.27
N ALA E 311 16.03 -12.30 -14.07
CA ALA E 311 17.21 -12.68 -14.84
C ALA E 311 18.39 -12.93 -13.90
N THR E 312 19.07 -14.06 -14.10
CA THR E 312 20.26 -14.41 -13.32
C THR E 312 21.49 -14.55 -14.20
N GLY E 313 21.47 -13.96 -15.40
CA GLY E 313 22.60 -14.03 -16.30
C GLY E 313 22.53 -12.90 -17.31
N MET E 314 23.49 -12.93 -18.23
CA MET E 314 23.59 -11.89 -19.25
C MET E 314 22.71 -12.21 -20.45
N ARG E 315 22.64 -11.25 -21.37
CA ARG E 315 21.90 -11.43 -22.61
C ARG E 315 22.48 -12.58 -23.41
N ASN E 316 21.61 -13.43 -23.94
CA ASN E 316 22.02 -14.63 -24.67
C ASN E 316 22.10 -14.32 -26.15
N VAL E 317 23.31 -14.11 -26.64
CA VAL E 317 23.53 -13.84 -28.07
C VAL E 317 24.20 -15.07 -28.68
N PRO E 318 23.45 -16.00 -29.26
CA PRO E 318 24.04 -17.22 -29.79
C PRO E 318 24.77 -16.96 -31.11
N GLU E 319 25.36 -18.02 -31.64
CA GLU E 319 26.15 -17.95 -32.87
C GLU E 319 25.37 -17.33 -34.03
N GLY F 1 22.26 -3.09 -24.62
CA GLY F 1 22.77 -2.57 -23.37
C GLY F 1 23.23 -1.12 -23.47
N LEU F 2 23.41 -0.48 -22.31
CA LEU F 2 23.84 0.91 -22.28
C LEU F 2 25.28 1.08 -22.73
N PHE F 3 26.10 0.03 -22.65
CA PHE F 3 27.53 0.15 -22.92
C PHE F 3 27.94 -0.42 -24.26
N GLY F 4 27.04 -1.11 -24.96
CA GLY F 4 27.29 -1.49 -26.34
C GLY F 4 28.31 -2.59 -26.56
N ALA F 5 28.66 -3.34 -25.51
CA ALA F 5 29.58 -4.47 -25.69
C ALA F 5 28.79 -5.71 -26.06
N ILE F 6 28.05 -6.28 -25.11
CA ILE F 6 27.20 -7.42 -25.40
C ILE F 6 26.09 -7.00 -26.35
N ALA F 7 25.90 -7.77 -27.42
CA ALA F 7 24.98 -7.41 -28.50
C ALA F 7 25.31 -6.05 -29.11
N GLY F 8 26.59 -5.69 -29.10
CA GLY F 8 27.03 -4.43 -29.67
C GLY F 8 28.17 -4.63 -30.65
N PHE F 9 29.37 -4.11 -30.33
CA PHE F 9 30.51 -4.36 -31.19
C PHE F 9 30.98 -5.81 -31.09
N ILE F 10 30.61 -6.52 -30.03
N ILE F 10 30.62 -6.51 -30.02
CA ILE F 10 30.84 -7.96 -29.98
CA ILE F 10 30.79 -7.95 -29.95
C ILE F 10 29.72 -8.65 -30.73
C ILE F 10 29.69 -8.59 -30.78
N GLU F 11 30.08 -9.39 -31.79
CA GLU F 11 29.08 -9.92 -32.71
C GLU F 11 28.12 -10.89 -32.03
N ASN F 12 28.65 -11.86 -31.28
CA ASN F 12 27.79 -12.83 -30.61
C ASN F 12 28.59 -13.51 -29.50
N GLY F 13 27.91 -14.33 -28.72
CA GLY F 13 28.55 -15.06 -27.65
C GLY F 13 29.19 -16.35 -28.12
N TRP F 14 29.91 -16.98 -27.19
CA TRP F 14 30.62 -18.23 -27.45
C TRP F 14 29.97 -19.33 -26.62
N GLU F 15 29.19 -20.18 -27.26
CA GLU F 15 28.58 -21.31 -26.56
C GLU F 15 29.63 -22.31 -26.06
N GLY F 16 30.86 -22.23 -26.57
CA GLY F 16 31.91 -23.11 -26.08
C GLY F 16 32.45 -22.72 -24.71
N MET F 17 32.36 -21.44 -24.36
CA MET F 17 32.81 -20.99 -23.05
C MET F 17 31.98 -21.66 -21.96
N ILE F 18 32.63 -22.43 -21.09
CA ILE F 18 31.92 -23.25 -20.12
C ILE F 18 32.56 -23.10 -18.74
N ASP F 19 33.75 -22.52 -18.69
CA ASP F 19 34.45 -22.31 -17.42
C ASP F 19 34.46 -20.84 -17.00
N GLY F 20 33.63 -20.01 -17.61
CA GLY F 20 33.54 -18.61 -17.23
C GLY F 20 32.42 -17.93 -17.97
N TRP F 21 32.22 -16.65 -17.64
CA TRP F 21 31.23 -15.81 -18.31
C TRP F 21 31.86 -14.91 -19.36
N TYR F 22 33.06 -14.39 -19.10
CA TYR F 22 33.81 -13.60 -20.05
C TYR F 22 35.19 -14.25 -20.23
N GLY F 23 35.81 -14.01 -21.38
CA GLY F 23 37.12 -14.59 -21.59
C GLY F 23 37.78 -14.09 -22.85
N PHE F 24 38.91 -14.72 -23.16
CA PHE F 24 39.74 -14.38 -24.31
C PHE F 24 39.80 -15.54 -25.29
N ARG F 25 39.80 -15.22 -26.58
CA ARG F 25 40.17 -16.14 -27.64
C ARG F 25 41.33 -15.53 -28.41
N HIS F 26 42.39 -16.32 -28.61
CA HIS F 26 43.61 -15.82 -29.23
C HIS F 26 44.04 -16.74 -30.38
N GLN F 27 44.71 -16.14 -31.34
CA GLN F 27 45.28 -16.86 -32.49
C GLN F 27 46.66 -16.28 -32.76
N ASN F 28 47.70 -17.10 -32.58
CA ASN F 28 49.08 -16.66 -32.73
C ASN F 28 49.85 -17.73 -33.49
N SER F 29 51.18 -17.58 -33.50
CA SER F 29 52.04 -18.50 -34.24
C SER F 29 51.88 -19.94 -33.77
N GLU F 30 51.59 -20.15 -32.49
CA GLU F 30 51.42 -21.49 -31.97
C GLU F 30 50.03 -22.07 -32.24
N GLY F 31 49.08 -21.27 -32.71
CA GLY F 31 47.75 -21.76 -32.99
C GLY F 31 46.65 -20.97 -32.30
N THR F 32 45.54 -21.62 -31.99
CA THR F 32 44.39 -20.96 -31.39
C THR F 32 44.17 -21.45 -29.96
N GLY F 33 43.52 -20.61 -29.17
CA GLY F 33 43.25 -20.94 -27.78
C GLY F 33 42.17 -20.07 -27.18
N GLN F 34 41.64 -20.52 -26.04
CA GLN F 34 40.55 -19.85 -25.35
C GLN F 34 40.74 -20.02 -23.85
N ALA F 35 40.47 -18.96 -23.08
CA ALA F 35 40.60 -19.03 -21.63
C ALA F 35 39.71 -18.00 -20.97
N ALA F 36 38.98 -18.42 -19.94
CA ALA F 36 38.05 -17.54 -19.25
C ALA F 36 38.78 -16.60 -18.29
N ASP F 37 38.21 -15.41 -18.10
CA ASP F 37 38.68 -14.43 -17.13
C ASP F 37 37.80 -14.54 -15.88
N LEU F 38 38.40 -14.82 -14.74
CA LEU F 38 37.66 -15.11 -13.53
C LEU F 38 37.25 -13.87 -12.75
N LYS F 39 37.96 -12.75 -12.92
CA LYS F 39 37.67 -11.56 -12.11
C LYS F 39 36.33 -10.95 -12.48
N SER F 40 36.09 -10.71 -13.77
N SER F 40 36.09 -10.71 -13.77
CA SER F 40 34.82 -10.13 -14.20
CA SER F 40 34.82 -10.12 -14.19
C SER F 40 33.67 -11.09 -13.95
C SER F 40 33.66 -11.08 -13.96
N THR F 41 33.90 -12.38 -14.14
CA THR F 41 32.88 -13.38 -13.82
C THR F 41 32.53 -13.32 -12.34
N GLN F 42 33.53 -13.21 -11.47
CA GLN F 42 33.28 -13.09 -10.04
C GLN F 42 32.49 -11.82 -9.72
N ALA F 43 32.83 -10.71 -10.38
CA ALA F 43 32.13 -9.46 -10.12
C ALA F 43 30.65 -9.57 -10.51
N ALA F 44 30.40 -10.09 -11.72
CA ALA F 44 29.02 -10.24 -12.17
C ALA F 44 28.24 -11.19 -11.27
N ILE F 45 28.85 -12.31 -10.89
CA ILE F 45 28.19 -13.27 -10.00
C ILE F 45 27.90 -12.63 -8.66
N ASP F 46 28.82 -11.80 -8.15
CA ASP F 46 28.60 -11.15 -6.87
C ASP F 46 27.40 -10.21 -6.94
N GLN F 47 27.32 -9.40 -7.99
CA GLN F 47 26.20 -8.48 -8.11
C GLN F 47 24.88 -9.23 -8.25
N ILE F 48 24.85 -10.28 -9.07
N ILE F 48 24.85 -10.28 -9.08
CA ILE F 48 23.61 -11.00 -9.29
CA ILE F 48 23.62 -11.02 -9.31
C ILE F 48 23.18 -11.75 -8.04
C ILE F 48 23.19 -11.73 -8.03
N ASN F 49 24.13 -12.36 -7.33
CA ASN F 49 23.80 -13.05 -6.09
C ASN F 49 23.37 -12.07 -5.00
N GLY F 50 23.96 -10.88 -4.98
CA GLY F 50 23.51 -9.87 -4.03
C GLY F 50 22.07 -9.46 -4.28
N LYS F 51 21.73 -9.18 -5.54
N LYS F 51 21.75 -9.17 -5.54
CA LYS F 51 20.35 -8.82 -5.81
CA LYS F 51 20.36 -8.84 -5.89
C LYS F 51 19.41 -10.00 -5.55
C LYS F 51 19.43 -9.99 -5.53
N LEU F 52 19.88 -11.23 -5.75
CA LEU F 52 19.07 -12.39 -5.41
C LEU F 52 18.79 -12.47 -3.91
N ASN F 53 19.83 -12.27 -3.10
CA ASN F 53 19.64 -12.29 -1.64
C ASN F 53 18.70 -11.19 -1.20
N ARG F 54 18.80 -10.01 -1.83
CA ARG F 54 17.91 -8.91 -1.51
C ARG F 54 16.46 -9.23 -1.87
N VAL F 55 16.25 -9.91 -3.00
CA VAL F 55 14.88 -10.18 -3.43
C VAL F 55 14.23 -11.23 -2.53
N ILE F 56 14.94 -12.33 -2.24
CA ILE F 56 14.33 -13.49 -1.61
C ILE F 56 14.45 -13.44 -0.08
N GLU F 57 14.69 -12.26 0.46
CA GLU F 57 14.81 -12.14 1.92
C GLU F 57 13.46 -12.34 2.58
N LYS F 58 13.37 -13.34 3.46
CA LYS F 58 12.10 -13.67 4.12
C LYS F 58 11.73 -12.55 5.08
N THR F 59 10.66 -11.81 4.75
CA THR F 59 10.29 -10.64 5.55
C THR F 59 8.78 -10.54 5.78
N ASN F 60 8.02 -11.63 5.58
CA ASN F 60 6.57 -11.60 5.69
C ASN F 60 6.11 -12.77 6.54
N GLU F 61 5.47 -12.47 7.67
CA GLU F 61 4.88 -13.48 8.53
C GLU F 61 3.59 -12.92 9.12
N LYS F 62 2.45 -13.46 8.71
CA LYS F 62 1.16 -13.02 9.18
C LYS F 62 0.38 -14.19 9.76
N PHE F 63 -0.45 -13.90 10.75
CA PHE F 63 -1.20 -14.93 11.43
C PHE F 63 -2.70 -14.68 11.29
N HIS F 64 -3.36 -14.23 12.35
CA HIS F 64 -4.79 -13.96 12.28
C HIS F 64 -5.06 -12.75 11.41
N GLN F 65 -5.89 -12.91 10.38
CA GLN F 65 -6.19 -11.83 9.46
C GLN F 65 -7.70 -11.64 9.33
N ILE F 66 -8.16 -11.24 8.16
CA ILE F 66 -9.58 -11.06 7.90
C ILE F 66 -10.07 -12.19 6.99
N GLU F 67 -11.38 -12.37 6.97
CA GLU F 67 -11.99 -13.32 6.06
C GLU F 67 -11.99 -12.75 4.65
N LYS F 68 -11.71 -13.61 3.67
CA LYS F 68 -11.58 -13.18 2.29
C LYS F 68 -12.51 -13.88 1.32
N GLU F 69 -13.21 -14.93 1.75
CA GLU F 69 -14.28 -15.55 0.97
C GLU F 69 -15.54 -15.62 1.82
N PHE F 70 -16.68 -15.41 1.19
CA PHE F 70 -17.95 -15.30 1.92
C PHE F 70 -19.02 -16.12 1.20
N SER F 71 -19.90 -16.72 2.00
CA SER F 71 -20.96 -17.57 1.48
C SER F 71 -22.31 -16.88 1.35
N GLU F 72 -22.55 -15.80 2.10
CA GLU F 72 -23.82 -15.09 2.07
C GLU F 72 -23.60 -13.62 1.77
N VAL F 73 -24.62 -13.01 1.13
CA VAL F 73 -24.58 -11.58 0.87
C VAL F 73 -24.86 -10.82 2.16
N GLU F 74 -24.03 -9.82 2.46
CA GLU F 74 -24.16 -9.02 3.67
C GLU F 74 -24.19 -7.53 3.42
N GLY F 75 -23.41 -7.04 2.45
CA GLY F 75 -23.46 -5.64 2.10
C GLY F 75 -22.23 -4.81 2.46
N ARG F 76 -22.42 -3.81 3.32
CA ARG F 76 -21.46 -2.73 3.47
C ARG F 76 -20.11 -3.22 4.01
N ILE F 77 -20.14 -3.97 5.12
N ILE F 77 -20.14 -3.97 5.12
CA ILE F 77 -18.91 -4.44 5.72
CA ILE F 77 -18.91 -4.44 5.73
C ILE F 77 -18.20 -5.42 4.81
C ILE F 77 -18.19 -5.44 4.82
N GLN F 78 -18.96 -6.29 4.14
CA GLN F 78 -18.35 -7.24 3.19
C GLN F 78 -17.77 -6.51 2.00
N ASP F 79 -18.46 -5.46 1.52
CA ASP F 79 -17.92 -4.61 0.46
C ASP F 79 -16.57 -4.03 0.88
N LEU F 80 -16.49 -3.52 2.12
CA LEU F 80 -15.25 -2.92 2.58
C LEU F 80 -14.14 -3.95 2.68
N GLU F 81 -14.45 -5.14 3.21
CA GLU F 81 -13.44 -6.19 3.31
C GLU F 81 -12.89 -6.58 1.94
N LYS F 82 -13.80 -6.82 0.98
CA LYS F 82 -13.37 -7.19 -0.36
C LYS F 82 -12.54 -6.08 -1.00
N TYR F 83 -12.95 -4.81 -0.81
CA TYR F 83 -12.22 -3.70 -1.41
C TYR F 83 -10.82 -3.59 -0.83
N VAL F 84 -10.69 -3.76 0.49
CA VAL F 84 -9.37 -3.71 1.12
C VAL F 84 -8.47 -4.80 0.56
N GLU F 85 -8.97 -6.03 0.50
CA GLU F 85 -8.14 -7.13 0.02
C GLU F 85 -7.75 -6.92 -1.44
N ASP F 86 -8.69 -6.46 -2.27
CA ASP F 86 -8.39 -6.22 -3.68
C ASP F 86 -7.33 -5.13 -3.83
N THR F 87 -7.43 -4.07 -3.03
CA THR F 87 -6.43 -2.99 -3.06
C THR F 87 -5.05 -3.54 -2.72
N LYS F 88 -4.96 -4.34 -1.66
CA LYS F 88 -3.68 -4.91 -1.26
C LYS F 88 -3.09 -5.77 -2.36
N ILE F 89 -3.92 -6.63 -2.95
CA ILE F 89 -3.44 -7.54 -4.00
C ILE F 89 -2.92 -6.75 -5.19
N ASP F 90 -3.68 -5.73 -5.62
CA ASP F 90 -3.26 -4.94 -6.78
C ASP F 90 -1.95 -4.21 -6.51
N LEU F 91 -1.81 -3.62 -5.32
CA LEU F 91 -0.59 -2.89 -5.00
C LEU F 91 0.62 -3.82 -4.99
N TRP F 92 0.49 -5.01 -4.40
CA TRP F 92 1.63 -5.92 -4.37
C TRP F 92 1.95 -6.48 -5.76
N SER F 93 0.93 -6.69 -6.59
CA SER F 93 1.18 -7.13 -7.97
C SER F 93 1.97 -6.08 -8.74
N TYR F 94 1.56 -4.81 -8.61
CA TYR F 94 2.31 -3.74 -9.27
C TYR F 94 3.76 -3.70 -8.77
N ASN F 95 3.95 -3.82 -7.45
CA ASN F 95 5.30 -3.80 -6.89
C ASN F 95 6.15 -4.92 -7.48
N ALA F 96 5.59 -6.13 -7.56
CA ALA F 96 6.36 -7.26 -8.08
C ALA F 96 6.72 -7.06 -9.54
N GLU F 97 5.77 -6.60 -10.35
CA GLU F 97 6.05 -6.38 -11.77
C GLU F 97 7.16 -5.35 -11.96
N LEU F 98 7.03 -4.20 -11.28
CA LEU F 98 8.05 -3.16 -11.42
C LEU F 98 9.40 -3.64 -10.91
N LEU F 99 9.40 -4.42 -9.82
CA LEU F 99 10.65 -4.94 -9.28
C LEU F 99 11.37 -5.82 -10.29
N VAL F 100 10.65 -6.81 -10.86
CA VAL F 100 11.33 -7.72 -11.78
C VAL F 100 11.81 -6.97 -13.02
N ALA F 101 11.02 -6.00 -13.50
CA ALA F 101 11.45 -5.25 -14.68
C ALA F 101 12.73 -4.46 -14.42
N LEU F 102 12.74 -3.68 -13.32
CA LEU F 102 13.92 -2.89 -12.99
C LEU F 102 15.14 -3.77 -12.76
N GLU F 103 14.98 -4.87 -12.04
CA GLU F 103 16.11 -5.73 -11.73
C GLU F 103 16.67 -6.37 -12.99
N ASN F 104 15.80 -6.80 -13.92
CA ASN F 104 16.30 -7.40 -15.16
C ASN F 104 17.03 -6.38 -16.02
N GLN F 105 16.47 -5.17 -16.14
CA GLN F 105 17.16 -4.12 -16.89
C GLN F 105 18.54 -3.87 -16.30
N HIS F 106 18.63 -3.75 -14.97
CA HIS F 106 19.91 -3.48 -14.34
C HIS F 106 20.87 -4.64 -14.51
N THR F 107 20.37 -5.88 -14.48
CA THR F 107 21.24 -7.04 -14.67
C THR F 107 21.88 -7.01 -16.05
N ILE F 108 21.07 -6.80 -17.08
CA ILE F 108 21.59 -6.72 -18.44
C ILE F 108 22.63 -5.61 -18.55
N ASP F 109 22.30 -4.44 -17.99
CA ASP F 109 23.21 -3.30 -18.09
C ASP F 109 24.53 -3.57 -17.38
N LEU F 110 24.49 -4.23 -16.21
CA LEU F 110 25.73 -4.47 -15.48
C LEU F 110 26.58 -5.55 -16.13
N THR F 111 25.96 -6.54 -16.77
CA THR F 111 26.76 -7.52 -17.52
C THR F 111 27.42 -6.86 -18.72
N ASP F 112 26.68 -6.02 -19.45
CA ASP F 112 27.27 -5.24 -20.52
C ASP F 112 28.44 -4.39 -20.00
N SER F 113 28.27 -3.78 -18.83
CA SER F 113 29.32 -2.95 -18.25
C SER F 113 30.56 -3.77 -17.92
N GLU F 114 30.37 -4.96 -17.36
CA GLU F 114 31.54 -5.80 -17.02
C GLU F 114 32.30 -6.21 -18.28
N MET F 115 31.58 -6.58 -19.35
CA MET F 115 32.25 -6.91 -20.59
C MET F 115 33.04 -5.71 -21.12
N ASN F 116 32.42 -4.54 -21.14
CA ASN F 116 33.10 -3.34 -21.64
C ASN F 116 34.33 -3.01 -20.79
N LYS F 117 34.22 -3.21 -19.47
CA LYS F 117 35.35 -2.93 -18.58
C LYS F 117 36.51 -3.87 -18.84
N LEU F 118 36.22 -5.16 -19.06
CA LEU F 118 37.31 -6.09 -19.40
C LEU F 118 37.99 -5.68 -20.70
N PHE F 119 37.19 -5.29 -21.70
CA PHE F 119 37.76 -4.83 -22.97
C PHE F 119 38.66 -3.62 -22.74
N GLU F 120 38.18 -2.66 -21.94
CA GLU F 120 38.94 -1.43 -21.69
C GLU F 120 40.23 -1.72 -20.95
N LYS F 121 40.21 -2.66 -20.00
CA LYS F 121 41.41 -3.03 -19.27
C LYS F 121 42.44 -3.68 -20.21
N THR F 122 41.98 -4.60 -21.07
CA THR F 122 42.90 -5.21 -22.01
C THR F 122 43.50 -4.17 -22.95
N GLY F 123 42.68 -3.22 -23.41
CA GLY F 123 43.19 -2.17 -24.28
C GLY F 123 44.23 -1.31 -23.61
N ARG F 124 43.99 -0.92 -22.35
CA ARG F 124 44.98 -0.14 -21.62
C ARG F 124 46.27 -0.93 -21.38
N GLN F 125 46.16 -2.24 -21.16
CA GLN F 125 47.36 -3.06 -21.04
C GLN F 125 48.18 -3.06 -22.32
N LEU F 126 47.50 -3.25 -23.46
CA LEU F 126 48.24 -3.41 -24.72
C LEU F 126 48.97 -2.14 -25.12
N ARG F 127 48.48 -0.97 -24.71
CA ARG F 127 49.16 0.32 -24.91
C ARG F 127 49.29 0.56 -26.41
N GLU F 128 50.48 0.84 -26.93
CA GLU F 128 50.68 1.15 -28.34
C GLU F 128 51.13 -0.06 -29.14
N ASN F 129 51.08 -1.26 -28.57
CA ASN F 129 51.52 -2.46 -29.25
C ASN F 129 50.40 -3.16 -30.01
N ALA F 130 49.18 -2.64 -29.95
CA ALA F 130 48.05 -3.30 -30.59
C ALA F 130 47.06 -2.23 -31.05
N GLU F 131 46.08 -2.66 -31.84
CA GLU F 131 45.05 -1.77 -32.33
C GLU F 131 43.68 -2.41 -32.17
N ASP F 132 42.68 -1.60 -31.82
CA ASP F 132 41.31 -2.06 -31.69
C ASP F 132 40.70 -2.21 -33.07
N MET F 133 40.30 -3.43 -33.42
CA MET F 133 39.74 -3.72 -34.73
C MET F 133 38.25 -3.40 -34.84
N GLY F 134 37.61 -2.98 -33.75
CA GLY F 134 36.22 -2.58 -33.78
C GLY F 134 35.22 -3.69 -33.54
N ASN F 135 35.65 -4.95 -33.49
CA ASN F 135 34.77 -6.08 -33.27
C ASN F 135 35.13 -6.84 -31.99
N GLY F 136 35.70 -6.14 -31.01
CA GLY F 136 36.10 -6.77 -29.78
C GLY F 136 37.43 -7.49 -29.85
N CYS F 137 38.14 -7.40 -30.96
CA CYS F 137 39.43 -8.05 -31.12
C CYS F 137 40.53 -7.01 -31.21
N PHE F 138 41.69 -7.32 -30.64
CA PHE F 138 42.88 -6.50 -30.75
C PHE F 138 43.86 -7.15 -31.71
N LYS F 139 44.34 -6.39 -32.68
CA LYS F 139 45.42 -6.86 -33.55
C LYS F 139 46.74 -6.47 -32.92
N ILE F 140 47.53 -7.46 -32.52
CA ILE F 140 48.81 -7.25 -31.86
C ILE F 140 49.90 -7.29 -32.92
N TYR F 141 50.73 -6.24 -32.95
CA TYR F 141 51.72 -6.05 -34.02
C TYR F 141 53.11 -6.53 -33.62
N HIS F 142 53.21 -7.60 -32.85
CA HIS F 142 54.50 -8.18 -32.52
C HIS F 142 54.32 -9.66 -32.23
N LYS F 143 55.45 -10.36 -32.11
CA LYS F 143 55.42 -11.79 -31.80
C LYS F 143 54.92 -12.01 -30.38
N CYS F 144 53.86 -12.81 -30.25
CA CYS F 144 53.20 -13.02 -28.95
C CYS F 144 52.83 -14.50 -28.88
N ASP F 145 53.69 -15.29 -28.26
CA ASP F 145 53.47 -16.72 -28.13
C ASP F 145 52.45 -16.98 -27.02
N ASN F 146 52.27 -18.25 -26.65
CA ASN F 146 51.28 -18.59 -25.64
C ASN F 146 51.62 -17.98 -24.28
N ALA F 147 52.91 -17.88 -23.97
CA ALA F 147 53.31 -17.25 -22.71
C ALA F 147 53.00 -15.77 -22.71
N CYS F 148 53.14 -15.11 -23.87
CA CYS F 148 52.77 -13.70 -23.97
C CYS F 148 51.27 -13.50 -23.80
N ILE F 149 50.46 -14.38 -24.42
CA ILE F 149 49.02 -14.31 -24.23
C ILE F 149 48.66 -14.52 -22.76
N GLU F 150 49.36 -15.45 -22.09
CA GLU F 150 49.12 -15.67 -20.67
C GLU F 150 49.47 -14.44 -19.84
N SER F 151 50.59 -13.80 -20.16
CA SER F 151 50.97 -12.59 -19.43
C SER F 151 49.96 -11.47 -19.66
N ILE F 152 49.33 -11.43 -20.84
CA ILE F 152 48.27 -10.45 -21.07
C ILE F 152 47.04 -10.80 -20.24
N ARG F 153 46.68 -12.08 -20.18
CA ARG F 153 45.43 -12.49 -19.53
C ARG F 153 45.49 -12.43 -18.01
N ASN F 154 46.67 -12.30 -17.41
CA ASN F 154 46.78 -12.20 -15.95
C ASN F 154 47.40 -10.88 -15.51
N GLY F 155 47.48 -9.89 -16.39
CA GLY F 155 47.82 -8.55 -16.00
C GLY F 155 49.30 -8.23 -15.93
N THR F 156 50.18 -9.20 -16.17
CA THR F 156 51.62 -9.00 -16.04
C THR F 156 52.31 -8.59 -17.34
N TYR F 157 51.56 -8.29 -18.40
CA TYR F 157 52.16 -7.93 -19.67
C TYR F 157 52.96 -6.63 -19.56
N ASP F 158 54.19 -6.66 -20.09
CA ASP F 158 55.08 -5.50 -20.09
C ASP F 158 55.20 -4.99 -21.53
N HIS F 159 54.64 -3.80 -21.78
CA HIS F 159 54.51 -3.32 -23.15
C HIS F 159 55.83 -2.83 -23.74
N ASP F 160 56.67 -2.17 -22.92
CA ASP F 160 57.91 -1.61 -23.45
C ASP F 160 58.84 -2.70 -23.98
N VAL F 161 58.73 -3.93 -23.46
CA VAL F 161 59.58 -5.02 -23.93
C VAL F 161 59.37 -5.26 -25.42
N TYR F 162 58.14 -5.12 -25.89
CA TYR F 162 57.79 -5.35 -27.29
C TYR F 162 57.53 -4.07 -28.06
N ARG F 163 57.63 -2.92 -27.40
CA ARG F 163 57.20 -1.65 -28.00
C ARG F 163 57.91 -1.38 -29.33
N ASP F 164 59.22 -1.61 -29.40
CA ASP F 164 59.96 -1.30 -30.62
C ASP F 164 59.49 -2.16 -31.78
N GLU F 165 59.38 -3.48 -31.57
CA GLU F 165 58.89 -4.36 -32.62
CA GLU F 165 58.88 -4.37 -32.61
C GLU F 165 57.47 -3.98 -33.03
N ALA F 166 56.62 -3.65 -32.05
CA ALA F 166 55.23 -3.31 -32.36
C ALA F 166 55.15 -2.04 -33.20
N LEU F 167 55.92 -1.01 -32.82
CA LEU F 167 55.94 0.22 -33.60
C LEU F 167 56.48 -0.03 -35.01
N ASN F 168 57.50 -0.90 -35.12
CA ASN F 168 58.05 -1.21 -36.44
C ASN F 168 57.01 -1.88 -37.33
N ASN F 169 56.19 -2.77 -36.75
CA ASN F 169 55.17 -3.45 -37.53
C ASN F 169 53.94 -2.58 -37.78
N ARG F 170 53.69 -1.59 -36.93
CA ARG F 170 52.47 -0.79 -37.07
C ARG F 170 52.61 0.25 -38.17
N PHE F 171 53.51 1.21 -37.99
CA PHE F 171 53.65 2.34 -38.89
C PHE F 171 54.67 2.02 -39.99
N SER G 21 39.61 32.79 -8.50
CA SER G 21 38.28 33.09 -9.02
C SER G 21 37.47 31.80 -9.20
N GLN G 22 38.17 30.69 -9.42
CA GLN G 22 37.48 29.41 -9.60
C GLN G 22 36.97 28.88 -8.27
N HIS G 23 37.85 28.80 -7.27
CA HIS G 23 37.44 28.38 -5.93
C HIS G 23 36.37 29.31 -5.37
N GLU G 24 36.56 30.62 -5.54
CA GLU G 24 35.57 31.59 -5.08
C GLU G 24 34.22 31.38 -5.75
N LYS G 25 34.21 31.13 -7.06
CA LYS G 25 32.96 30.93 -7.77
C LYS G 25 32.27 29.65 -7.30
N PHE G 26 33.05 28.59 -7.08
CA PHE G 26 32.48 27.35 -6.56
C PHE G 26 31.82 27.58 -5.21
N LEU G 27 32.53 28.23 -4.28
CA LEU G 27 31.98 28.43 -2.95
C LEU G 27 30.79 29.39 -2.96
N GLU G 28 30.78 30.37 -3.87
CA GLU G 28 29.66 31.31 -3.92
C GLU G 28 28.41 30.63 -4.47
N TRP G 29 28.58 29.82 -5.52
CA TRP G 29 27.48 29.00 -6.01
C TRP G 29 26.97 28.06 -4.92
N MET G 30 27.89 27.53 -4.10
CA MET G 30 27.48 26.71 -2.96
C MET G 30 26.58 27.49 -2.02
N LEU G 31 26.97 28.73 -1.70
CA LEU G 31 26.16 29.55 -0.82
C LEU G 31 24.80 29.85 -1.42
N ARG G 32 24.75 30.05 -2.75
CA ARG G 32 23.46 30.29 -3.41
C ARG G 32 22.53 29.09 -3.27
N LYS G 33 23.09 27.88 -3.43
CA LYS G 33 22.26 26.69 -3.29
C LYS G 33 21.82 26.49 -1.84
N ILE G 34 22.68 26.84 -0.88
CA ILE G 34 22.29 26.78 0.53
C ILE G 34 21.14 27.75 0.80
N GLU G 35 21.21 28.96 0.24
CA GLU G 35 20.13 29.94 0.43
C GLU G 35 18.82 29.41 -0.13
N GLU G 36 18.87 28.77 -1.31
CA GLU G 36 17.65 28.18 -1.85
C GLU G 36 17.11 27.07 -0.95
N ALA G 37 17.99 26.24 -0.41
CA ALA G 37 17.56 25.18 0.50
C ALA G 37 16.88 25.76 1.73
N ILE G 38 17.42 26.87 2.26
CA ILE G 38 16.78 27.52 3.41
C ILE G 38 15.43 28.09 3.01
N LYS G 39 15.34 28.70 1.83
CA LYS G 39 14.11 29.31 1.37
C LYS G 39 13.10 28.31 0.82
N ARG G 40 13.39 27.02 0.89
CA ARG G 40 12.43 25.99 0.49
C ARG G 40 12.00 25.09 1.64
N GLY G 41 12.57 25.26 2.83
CA GLY G 41 12.19 24.46 3.98
C GLY G 41 12.88 23.13 4.09
N ASN G 42 13.79 22.80 3.17
CA ASN G 42 14.51 21.52 3.19
C ASN G 42 15.77 21.69 4.03
N LYS G 43 15.76 21.12 5.24
CA LYS G 43 16.85 21.31 6.18
C LYS G 43 17.96 20.28 6.02
N ILE G 44 17.63 19.05 5.63
CA ILE G 44 18.66 18.02 5.48
C ILE G 44 19.64 18.41 4.37
N SER G 45 19.11 18.95 3.27
CA SER G 45 19.96 19.39 2.17
C SER G 45 20.77 20.62 2.56
N ALA G 46 20.17 21.52 3.35
CA ALA G 46 20.92 22.67 3.84
C ALA G 46 22.10 22.22 4.71
N GLU G 47 21.88 21.27 5.61
CA GLU G 47 22.97 20.76 6.45
C GLU G 47 24.04 20.07 5.60
N PHE G 48 23.61 19.28 4.62
CA PHE G 48 24.55 18.64 3.69
C PHE G 48 25.46 19.66 3.03
N LEU G 49 24.86 20.69 2.41
CA LEU G 49 25.64 21.67 1.69
C LEU G 49 26.50 22.51 2.64
N ILE G 50 25.99 22.81 3.83
CA ILE G 50 26.76 23.60 4.80
C ILE G 50 27.98 22.83 5.26
N ASN G 51 27.83 21.53 5.55
CA ASN G 51 28.98 20.72 5.95
C ASN G 51 30.01 20.65 4.83
N LEU G 52 29.55 20.44 3.59
CA LEU G 52 30.51 20.36 2.48
C LEU G 52 31.24 21.68 2.27
N ALA G 53 30.53 22.81 2.38
CA ALA G 53 31.19 24.10 2.22
C ALA G 53 32.18 24.36 3.35
N LYS G 54 31.82 24.00 4.59
CA LYS G 54 32.75 24.12 5.71
C LYS G 54 33.90 23.13 5.60
N ASN G 55 33.82 22.15 4.70
CA ASN G 55 34.95 21.27 4.43
C ASN G 55 35.79 21.73 3.24
N PHE G 56 35.23 22.57 2.37
CA PHE G 56 35.98 23.09 1.23
C PHE G 56 36.64 24.44 1.49
N ILE G 57 36.37 25.07 2.64
CA ILE G 57 36.91 26.40 2.93
C ILE G 57 38.40 26.29 3.16
N HIS G 58 39.18 26.99 2.33
CA HIS G 58 40.63 27.04 2.49
C HIS G 58 41.01 27.70 3.80
N VAL G 59 41.27 26.89 4.84
CA VAL G 59 41.67 27.44 6.12
C VAL G 59 42.92 28.30 5.95
N LEU G 60 42.93 29.45 6.63
CA LEU G 60 43.95 30.47 6.43
C LEU G 60 43.96 30.92 4.97
N GLY G 61 43.01 31.75 4.57
CA GLY G 61 42.94 32.22 3.21
C GLY G 61 41.65 32.94 2.85
N ASP G 62 40.56 32.61 3.53
CA ASP G 62 39.27 33.22 3.24
C ASP G 62 38.49 33.40 4.53
N ASP G 63 37.80 34.53 4.64
CA ASP G 63 37.01 34.83 5.85
C ASP G 63 35.62 35.33 5.50
N GLU G 64 35.47 35.99 4.34
CA GLU G 64 34.15 36.49 3.95
C GLU G 64 33.19 35.34 3.66
N ILE G 65 33.67 34.31 2.97
CA ILE G 65 32.85 33.14 2.70
C ILE G 65 32.43 32.49 4.01
N ARG G 66 33.35 32.41 4.97
CA ARG G 66 33.02 31.85 6.28
C ARG G 66 31.91 32.66 6.95
N ARG G 67 31.97 33.99 6.86
CA ARG G 67 30.97 34.82 7.51
C ARG G 67 29.60 34.66 6.84
N ARG G 68 29.56 34.63 5.51
CA ARG G 68 28.28 34.42 4.83
C ARG G 68 27.70 33.05 5.16
N LEU G 69 28.58 32.04 5.27
CA LEU G 69 28.11 30.71 5.64
C LEU G 69 27.56 30.68 7.06
N GLU G 70 28.22 31.37 8.00
CA GLU G 70 27.71 31.44 9.35
C GLU G 70 26.37 32.16 9.41
N ARG G 71 26.22 33.24 8.63
CA ARG G 71 24.95 33.95 8.58
C ARG G 71 23.83 33.05 8.07
N LEU G 72 24.10 32.29 7.00
CA LEU G 72 23.09 31.35 6.51
C LEU G 72 22.85 30.20 7.48
N GLU G 73 23.86 29.83 8.27
CA GLU G 73 23.68 28.77 9.26
C GLU G 73 22.77 29.23 10.38
N ARG G 74 22.86 30.49 10.78
CA ARG G 74 21.96 31.02 11.80
C ARG G 74 20.52 30.99 11.32
N GLN G 75 20.28 31.37 10.07
CA GLN G 75 18.94 31.33 9.48
C GLN G 75 18.69 29.89 9.03
N LEU G 76 18.29 29.05 9.98
CA LEU G 76 18.09 27.63 9.70
C LEU G 76 17.20 27.06 10.79
N HIS G 77 15.97 26.72 10.42
CA HIS G 77 14.99 26.19 11.37
C HIS G 77 15.42 24.83 11.91
N SER H 21 45.34 -22.09 -7.88
CA SER H 21 45.75 -20.69 -7.86
C SER H 21 44.56 -19.76 -8.08
N GLN H 22 44.40 -19.31 -9.33
CA GLN H 22 43.28 -18.40 -9.65
C GLN H 22 41.96 -19.15 -9.69
N HIS H 23 41.93 -20.28 -10.41
CA HIS H 23 40.73 -21.12 -10.45
C HIS H 23 40.33 -21.56 -9.04
N GLU H 24 41.31 -22.00 -8.24
CA GLU H 24 41.05 -22.38 -6.86
C GLU H 24 40.46 -21.21 -6.08
N LYS H 25 41.00 -20.00 -6.28
CA LYS H 25 40.50 -18.84 -5.54
C LYS H 25 39.06 -18.51 -5.93
N PHE H 26 38.74 -18.62 -7.22
CA PHE H 26 37.38 -18.38 -7.66
C PHE H 26 36.42 -19.36 -7.00
N LEU H 27 36.76 -20.65 -7.06
CA LEU H 27 35.86 -21.65 -6.48
C LEU H 27 35.80 -21.55 -4.96
N GLU H 28 36.88 -21.09 -4.32
CA GLU H 28 36.88 -20.99 -2.86
C GLU H 28 36.03 -19.81 -2.38
N TRP H 29 36.16 -18.66 -3.03
CA TRP H 29 35.25 -17.55 -2.73
C TRP H 29 33.80 -17.95 -3.02
N MET H 30 33.58 -18.72 -4.08
CA MET H 30 32.25 -19.21 -4.35
C MET H 30 31.74 -20.10 -3.22
N LEU H 31 32.60 -20.99 -2.71
CA LEU H 31 32.19 -21.88 -1.61
C LEU H 31 31.89 -21.08 -0.35
N ARG H 32 32.66 -20.03 -0.10
CA ARG H 32 32.40 -19.15 1.04
C ARG H 32 31.02 -18.50 0.91
N LYS H 33 30.69 -18.05 -0.30
CA LYS H 33 29.40 -17.42 -0.51
C LYS H 33 28.25 -18.43 -0.40
N ILE H 34 28.47 -19.66 -0.87
CA ILE H 34 27.46 -20.71 -0.70
C ILE H 34 27.24 -21.00 0.78
N GLU H 35 28.32 -21.06 1.55
CA GLU H 35 28.20 -21.29 2.99
C GLU H 35 27.40 -20.17 3.66
N GLU H 36 27.65 -18.92 3.25
CA GLU H 36 26.88 -17.80 3.81
C GLU H 36 25.40 -17.91 3.44
N ALA H 37 25.11 -18.25 2.17
CA ALA H 37 23.72 -18.39 1.75
C ALA H 37 23.02 -19.49 2.54
N ILE H 38 23.71 -20.61 2.78
CA ILE H 38 23.12 -21.68 3.58
C ILE H 38 22.91 -21.22 5.01
N LYS H 39 23.87 -20.47 5.56
CA LYS H 39 23.78 -19.99 6.94
C LYS H 39 22.89 -18.78 7.09
N ARG H 40 22.22 -18.33 6.02
CA ARG H 40 21.23 -17.25 6.13
C ARG H 40 19.82 -17.69 5.76
N GLY H 41 19.63 -18.93 5.33
CA GLY H 41 18.30 -19.41 4.98
C GLY H 41 17.84 -19.11 3.58
N ASN H 42 18.67 -18.48 2.75
CA ASN H 42 18.30 -18.14 1.38
C ASN H 42 18.66 -19.31 0.48
N LYS H 43 17.65 -20.05 0.04
CA LYS H 43 17.88 -21.28 -0.71
C LYS H 43 18.01 -21.04 -2.21
N ILE H 44 17.31 -20.04 -2.76
CA ILE H 44 17.40 -19.78 -4.19
C ILE H 44 18.80 -19.31 -4.57
N SER H 45 19.40 -18.45 -3.75
CA SER H 45 20.75 -17.98 -4.05
C SER H 45 21.78 -19.08 -3.83
N ALA H 46 21.57 -19.93 -2.82
CA ALA H 46 22.44 -21.08 -2.63
C ALA H 46 22.39 -21.99 -3.84
N GLU H 47 21.19 -22.25 -4.38
CA GLU H 47 21.07 -23.08 -5.57
C GLU H 47 21.74 -22.42 -6.78
N PHE H 48 21.58 -21.10 -6.92
CA PHE H 48 22.24 -20.37 -8.00
C PHE H 48 23.75 -20.58 -7.96
N LEU H 49 24.36 -20.32 -6.80
CA LEU H 49 25.81 -20.44 -6.69
C LEU H 49 26.27 -21.87 -6.82
N ILE H 50 25.48 -22.83 -6.30
CA ILE H 50 25.84 -24.24 -6.39
C ILE H 50 25.83 -24.71 -7.84
N ASN H 51 24.81 -24.32 -8.62
CA ASN H 51 24.78 -24.70 -10.03
C ASN H 51 25.96 -24.11 -10.78
N LEU H 52 26.28 -22.83 -10.52
CA LEU H 52 27.41 -22.23 -11.21
C LEU H 52 28.72 -22.95 -10.85
N ALA H 53 28.89 -23.31 -9.57
CA ALA H 53 30.10 -24.03 -9.17
C ALA H 53 30.14 -25.44 -9.77
N LYS H 54 28.98 -26.11 -9.82
CA LYS H 54 28.91 -27.43 -10.42
C LYS H 54 29.17 -27.41 -11.91
N ASN H 55 29.13 -26.23 -12.52
CA ASN H 55 29.61 -26.13 -13.90
C ASN H 55 31.04 -25.59 -14.01
N PHE H 56 31.57 -24.93 -12.99
CA PHE H 56 32.94 -24.42 -13.09
C PHE H 56 34.00 -25.35 -12.51
N ILE H 57 33.63 -26.41 -11.81
CA ILE H 57 34.62 -27.28 -11.18
C ILE H 57 35.30 -28.11 -12.26
N HIS H 58 36.61 -27.89 -12.43
CA HIS H 58 37.41 -28.68 -13.37
C HIS H 58 37.51 -30.10 -12.85
N VAL H 59 36.67 -31.00 -13.39
CA VAL H 59 36.69 -32.40 -12.98
C VAL H 59 38.08 -32.98 -13.14
N LEU H 60 38.49 -33.79 -12.16
CA LEU H 60 39.86 -34.26 -12.03
C LEU H 60 40.80 -33.06 -11.89
N GLY H 61 40.81 -32.46 -10.70
CA GLY H 61 41.66 -31.31 -10.44
C GLY H 61 41.32 -30.58 -9.16
N ASP H 62 40.05 -30.63 -8.74
CA ASP H 62 39.58 -29.95 -7.52
C ASP H 62 38.52 -30.81 -6.86
N ASP H 63 38.93 -31.97 -6.34
CA ASP H 63 38.00 -32.88 -5.67
C ASP H 63 37.61 -32.35 -4.30
N GLU H 64 38.48 -31.57 -3.65
CA GLU H 64 38.16 -31.01 -2.35
C GLU H 64 37.01 -30.01 -2.46
N ILE H 65 37.05 -29.14 -3.48
CA ILE H 65 35.95 -28.21 -3.70
C ILE H 65 34.67 -28.97 -4.01
N ARG H 66 34.76 -30.04 -4.79
CA ARG H 66 33.58 -30.85 -5.10
C ARG H 66 32.97 -31.45 -3.82
N ARG H 67 33.82 -31.97 -2.93
CA ARG H 67 33.31 -32.60 -1.71
C ARG H 67 32.70 -31.56 -0.78
N ARG H 68 33.37 -30.42 -0.60
CA ARG H 68 32.81 -29.37 0.25
C ARG H 68 31.52 -28.81 -0.35
N LEU H 69 31.43 -28.72 -1.68
CA LEU H 69 30.21 -28.26 -2.32
C LEU H 69 29.08 -29.25 -2.10
N GLU H 70 29.36 -30.55 -2.16
CA GLU H 70 28.33 -31.54 -1.86
C GLU H 70 27.88 -31.42 -0.40
N ARG H 71 28.83 -31.19 0.51
CA ARG H 71 28.49 -31.02 1.91
C ARG H 71 27.58 -29.82 2.13
N LEU H 72 27.90 -28.68 1.49
CA LEU H 72 27.05 -27.51 1.60
C LEU H 72 25.71 -27.71 0.90
N GLU H 73 25.68 -28.55 -0.14
CA GLU H 73 24.42 -28.87 -0.81
C GLU H 73 23.51 -29.68 0.09
N ARG H 74 24.08 -30.55 0.92
CA ARG H 74 23.27 -31.33 1.85
C ARG H 74 22.55 -30.42 2.84
N GLN H 75 23.24 -29.40 3.37
CA GLN H 75 22.64 -28.44 4.28
C GLN H 75 21.88 -27.38 3.48
N LEU H 76 20.66 -27.74 3.07
CA LEU H 76 19.87 -26.85 2.23
C LEU H 76 18.38 -27.17 2.27
N HIS H 77 18.00 -28.37 1.83
CA HIS H 77 16.59 -28.74 1.74
C HIS H 77 15.92 -28.82 3.11
C1 NAG I . 28.87 13.67 7.38
C2 NAG I . 30.27 14.11 7.78
C3 NAG I . 30.27 14.69 9.19
C4 NAG I . 29.20 15.77 9.33
C5 NAG I . 27.85 15.27 8.82
C6 NAG I . 26.79 16.35 8.79
C7 NAG I . 32.23 12.99 6.82
C8 NAG I . 33.10 11.76 6.86
N2 NAG I . 31.21 13.01 7.68
O3 NAG I . 31.55 15.23 9.48
O4 NAG I . 29.09 16.17 10.70
O5 NAG I . 27.98 14.77 7.49
O6 NAG I . 26.20 16.53 10.07
O7 NAG I . 32.45 13.91 6.04
C1 NAG I . 29.39 17.58 10.81
C2 NAG I . 29.08 18.00 12.23
C3 NAG I . 29.37 19.49 12.42
C4 NAG I . 30.78 19.84 11.95
C5 NAG I . 31.06 19.27 10.55
C6 NAG I . 32.51 19.41 10.14
C7 NAG I . 27.34 16.69 13.39
C8 NAG I . 28.47 15.87 13.94
N2 NAG I . 27.70 17.70 12.57
O3 NAG I . 29.22 19.84 13.79
O4 NAG I . 30.94 21.25 11.91
O5 NAG I . 30.75 17.87 10.52
O6 NAG I . 33.38 18.78 11.06
O7 NAG I . 26.17 16.45 13.65
C1 NAG J . 6.10 4.78 21.90
C2 NAG J . 7.33 3.89 21.88
C3 NAG J . 6.93 2.42 21.73
C4 NAG J . 5.91 2.03 22.80
C5 NAG J . 4.74 3.01 22.79
C6 NAG J . 3.76 2.77 23.90
C7 NAG J . 9.25 5.12 20.96
C8 NAG J . 10.08 5.40 19.75
N2 NAG J . 8.23 4.26 20.80
O3 NAG J . 8.08 1.60 21.84
O4 NAG J . 5.41 0.73 22.54
O5 NAG J . 5.23 4.36 22.95
O6 NAG J . 2.56 3.51 23.71
O7 NAG J . 9.50 5.62 22.05
C1 NAG J . 5.98 -0.23 23.44
C2 NAG J . 5.08 -1.46 23.47
C3 NAG J . 5.68 -2.53 24.39
C4 NAG J . 7.10 -2.85 23.97
C5 NAG J . 7.93 -1.56 23.90
C6 NAG J . 9.32 -1.79 23.35
C7 NAG J . 2.73 -0.90 23.03
C8 NAG J . 1.40 -0.56 23.65
N2 NAG J . 3.73 -1.12 23.90
O3 NAG J . 4.88 -3.71 24.32
O4 NAG J . 7.69 -3.74 24.90
O5 NAG J . 7.30 -0.61 23.03
O6 NAG J . 9.28 -2.31 22.04
O7 NAG J . 2.89 -0.99 21.82
C1 NAG K . 44.66 28.95 -17.30
C2 NAG K . 44.57 30.36 -16.72
C3 NAG K . 45.55 31.29 -17.43
C4 NAG K . 46.96 30.71 -17.38
C5 NAG K . 46.97 29.29 -17.93
C6 NAG K . 48.32 28.61 -17.81
C7 NAG K . 42.51 31.05 -17.91
C8 NAG K . 41.12 31.60 -17.73
N2 NAG K . 43.22 30.88 -16.77
O3 NAG K . 45.52 32.57 -16.81
O4 NAG K . 47.86 31.52 -18.12
O5 NAG K . 46.02 28.48 -17.22
O6 NAG K . 49.03 28.64 -19.03
O7 NAG K . 42.97 30.80 -19.01
C1 NAG K . 48.81 32.14 -17.22
C2 NAG K . 49.97 32.72 -18.03
C3 NAG K . 50.97 33.41 -17.10
C4 NAG K . 50.25 34.44 -16.23
C5 NAG K . 49.08 33.80 -15.50
C6 NAG K . 48.26 34.78 -14.70
C7 NAG K . 50.47 31.52 -20.12
C8 NAG K . 51.24 30.40 -20.75
N2 NAG K . 50.63 31.68 -18.80
O3 NAG K . 51.98 34.05 -17.88
O4 NAG K . 51.15 34.99 -15.28
O5 NAG K . 48.19 33.18 -16.45
O6 NAG K . 47.57 35.69 -15.56
O7 NAG K . 49.73 32.25 -20.77
C1 NAG L . 5.56 14.20 -29.19
C2 NAG L . 5.15 13.64 -30.54
C3 NAG L . 3.81 14.21 -30.96
C4 NAG L . 2.77 14.04 -29.85
C5 NAG L . 3.31 14.49 -28.49
C6 NAG L . 2.39 14.12 -27.35
C7 NAG L . 7.02 13.00 -32.01
C8 NAG L . 8.00 13.47 -33.04
N2 NAG L . 6.17 13.92 -31.55
O3 NAG L . 3.36 13.58 -32.15
O4 NAG L . 1.66 14.88 -30.16
O5 NAG L . 4.58 13.86 -28.22
O6 NAG L . 2.80 14.75 -26.14
O7 NAG L . 7.00 11.84 -31.62
C1 NAG L . 0.45 14.13 -30.39
C2 NAG L . -0.54 15.06 -31.08
C3 NAG L . -1.85 14.33 -31.35
C4 NAG L . -1.60 13.02 -32.09
C5 NAG L . -0.47 12.20 -31.43
C6 NAG L . -0.06 11.02 -32.26
C7 NAG L . -1.34 16.30 -29.08
C8 NAG L . -1.49 17.65 -28.46
N2 NAG L . -0.77 16.27 -30.29
O3 NAG L . -2.70 15.17 -32.13
O4 NAG L . -2.78 12.22 -31.99
O5 NAG L . 0.70 13.01 -31.24
O6 NAG L . 0.32 9.92 -31.44
O7 NAG L . -1.71 15.27 -28.50
C1 BMA L . -3.61 12.27 -33.15
C2 BMA L . -4.35 10.92 -33.17
C3 BMA L . -5.44 10.91 -34.22
C4 BMA L . -6.35 12.14 -34.07
C5 BMA L . -5.50 13.42 -34.13
C6 BMA L . -6.33 14.68 -33.95
O2 BMA L . -4.98 10.68 -31.92
O3 BMA L . -6.22 9.72 -34.15
O4 BMA L . -7.32 12.15 -35.11
O5 BMA L . -4.52 13.37 -33.07
O6 BMA L . -7.05 14.58 -32.72
C1 NAG M . -15.35 16.15 -10.63
C2 NAG M . -14.48 17.40 -10.55
C3 NAG M . -14.04 17.65 -9.11
C4 NAG M . -15.25 17.67 -8.17
C5 NAG M . -16.08 16.41 -8.37
C6 NAG M . -17.37 16.42 -7.57
C7 NAG M . -13.28 17.77 -12.67
C8 NAG M . -12.00 17.56 -13.43
N2 NAG M . -13.32 17.28 -11.43
O3 NAG M . -13.33 18.88 -9.04
O4 NAG M . -14.79 17.71 -6.83
O5 NAG M . -16.46 16.28 -9.75
O6 NAG M . -17.92 15.11 -7.45
O7 NAG M . -14.24 18.36 -13.16
C1 NAG M . -15.16 18.98 -6.23
C2 NAG M . -14.89 18.88 -4.72
C3 NAG M . -15.20 20.21 -4.05
C4 NAG M . -14.46 21.36 -4.73
C5 NAG M . -14.73 21.35 -6.23
C6 NAG M . -13.91 22.37 -6.98
C7 NAG M . -15.12 16.61 -3.85
C8 NAG M . -16.05 15.61 -3.23
N2 NAG M . -15.65 17.80 -4.13
O3 NAG M . -14.84 20.14 -2.68
O4 NAG M . -14.88 22.60 -4.18
O5 NAG M . -14.40 20.06 -6.79
O6 NAG M . -12.52 22.21 -6.72
O7 NAG M . -13.95 16.34 -4.09
C1 NAG N . -6.66 -22.89 -4.70
C2 NAG N . -6.61 -22.82 -6.22
C3 NAG N . -7.53 -21.72 -6.73
C4 NAG N . -8.93 -21.86 -6.15
C5 NAG N . -8.88 -22.01 -4.63
C6 NAG N . -10.22 -22.32 -4.01
C7 NAG N . -4.36 -23.58 -6.87
C8 NAG N . -3.00 -23.16 -7.35
N2 NAG N . -5.24 -22.59 -6.68
O3 NAG N . -7.59 -21.78 -8.16
O4 NAG N . -9.68 -20.69 -6.47
O5 NAG N . -8.01 -23.10 -4.27
O6 NAG N . -10.75 -23.55 -4.49
O7 NAG N . -4.64 -24.75 -6.67
C1 NAG N . -10.92 -21.01 -7.15
C2 NAG N . -11.44 -19.74 -7.82
C3 NAG N . -12.75 -20.03 -8.55
C4 NAG N . -12.57 -21.21 -9.51
C5 NAG N . -11.96 -22.41 -8.79
C6 NAG N . -11.62 -23.55 -9.73
C7 NAG N . -10.82 -17.61 -6.75
C8 NAG N . -11.18 -16.61 -5.68
N2 NAG N . -11.63 -18.68 -6.84
O3 NAG N . -13.15 -18.87 -9.28
O4 NAG N . -13.85 -21.58 -10.03
O5 NAG N . -10.73 -22.03 -8.15
O6 NAG N . -11.25 -24.72 -9.01
O7 NAG N . -9.86 -17.46 -7.49
C1 BMA N . -13.91 -21.33 -11.45
C2 BMA N . -15.03 -22.21 -12.04
C3 BMA N . -15.25 -21.88 -13.51
C4 BMA N . -15.39 -20.37 -13.75
C5 BMA N . -14.20 -19.62 -13.11
C6 BMA N . -14.30 -18.11 -13.25
O2 BMA N . -16.26 -21.99 -11.38
O3 BMA N . -16.40 -22.56 -14.03
O4 BMA N . -15.45 -20.09 -15.13
O5 BMA N . -14.16 -19.95 -11.71
O6 BMA N . -14.10 -17.76 -14.61
C1 NAG O . 19.76 -21.89 -14.32
C2 NAG O . 20.20 -23.15 -15.06
C3 NAG O . 19.55 -24.38 -14.43
C4 NAG O . 19.79 -24.42 -12.93
C5 NAG O . 19.43 -23.07 -12.28
C6 NAG O . 19.82 -23.00 -10.82
C7 NAG O . 20.79 -22.92 -17.43
C8 NAG O . 20.26 -22.86 -18.83
N2 NAG O . 19.86 -23.07 -16.47
O3 NAG O . 20.07 -25.55 -15.04
O4 NAG O . 18.99 -25.43 -12.35
O5 NAG O . 20.10 -22.00 -12.95
O6 NAG O . 18.94 -23.77 -10.01
O7 NAG O . 21.99 -22.85 -17.18
C1 NAG O . 19.79 -26.46 -11.72
C2 NAG O . 18.84 -27.54 -11.22
C3 NAG O . 19.64 -28.67 -10.56
C4 NAG O . 20.70 -29.19 -11.51
C5 NAG O . 21.57 -28.04 -12.01
C6 NAG O . 22.57 -28.48 -13.07
C7 NAG O . 16.58 -26.79 -10.64
C8 NAG O . 15.70 -26.24 -9.57
N2 NAG O . 17.85 -27.00 -10.30
O3 NAG O . 18.75 -29.72 -10.19
O4 NAG O . 21.52 -30.15 -10.85
O5 NAG O . 20.76 -27.03 -12.62
O6 NAG O . 23.78 -28.93 -12.48
O7 NAG O . 16.15 -27.06 -11.76
C1 NAG P . -46.89 16.05 18.91
C2 NAG P . -48.32 15.70 18.49
C3 NAG P . -48.47 15.87 16.99
C4 NAG P . -48.05 17.27 16.57
C5 NAG P . -46.65 17.59 17.09
C6 NAG P . -46.23 19.02 16.83
C7 NAG P . -49.48 14.10 19.94
C8 NAG P . -49.75 12.65 20.23
N2 NAG P . -48.67 14.36 18.91
O3 NAG P . -49.82 15.64 16.62
O4 NAG P . -48.05 17.38 15.14
O5 NAG P . -46.58 17.40 18.51
O6 NAG P . -46.08 19.27 15.43
O7 NAG P . -49.98 15.00 20.61
C1 NAG Q . -47.13 -22.46 10.67
C2 NAG Q . -47.35 -23.31 11.92
C3 NAG Q . -46.26 -24.37 12.03
C4 NAG Q . -46.21 -25.20 10.76
C5 NAG Q . -46.06 -24.29 9.53
C6 NAG Q . -46.10 -25.03 8.23
C7 NAG Q . -48.51 -22.23 13.79
C8 NAG Q . -48.37 -21.36 15.00
N2 NAG Q . -47.38 -22.49 13.11
O3 NAG Q . -46.53 -25.21 13.14
O4 NAG Q . -45.11 -26.11 10.80
O5 NAG Q . -47.11 -23.31 9.50
O6 NAG Q . -45.21 -26.13 8.23
O7 NAG Q . -49.59 -22.68 13.44
C1 NAG R . -40.94 -9.94 -14.84
C2 NAG R . -42.47 -9.93 -15.03
C3 NAG R . -43.05 -11.31 -14.76
C4 NAG R . -42.34 -12.36 -15.60
C5 NAG R . -40.85 -12.30 -15.35
C6 NAG R . -40.06 -13.26 -16.22
C7 NAG R . -43.66 -7.81 -14.62
C8 NAG R . -44.24 -6.91 -13.58
N2 NAG R . -43.09 -8.94 -14.17
O3 NAG R . -44.45 -11.30 -15.05
O4 NAG R . -42.84 -13.66 -15.28
O5 NAG R . -40.37 -10.98 -15.65
O6 NAG R . -40.15 -14.59 -15.73
O7 NAG R . -43.69 -7.55 -15.81
C1 NAG S . -10.52 -28.69 31.67
C2 NAG S . -11.13 -29.86 32.45
C3 NAG S . -11.54 -29.43 33.85
C4 NAG S . -10.37 -28.77 34.57
C5 NAG S . -9.80 -27.64 33.73
C6 NAG S . -8.55 -27.03 34.33
C7 NAG S . -13.40 -29.83 31.47
C8 NAG S . -14.43 -30.64 30.73
N2 NAG S . -12.25 -30.46 31.73
O3 NAG S . -12.00 -30.56 34.58
O4 NAG S . -10.79 -28.27 35.83
O5 NAG S . -9.44 -28.12 32.43
O6 NAG S . -7.43 -27.90 34.16
O7 NAG S . -13.62 -28.67 31.82
C1 NAG T . -28.19 -9.51 43.16
C2 NAG T . -28.86 -8.31 43.83
C3 NAG T . -27.83 -7.23 44.13
C4 NAG T . -26.71 -7.81 44.97
C5 NAG T . -26.11 -9.04 44.30
C6 NAG T . -25.09 -9.74 45.16
C7 NAG T . -31.24 -7.95 43.30
C8 NAG T . -31.54 -8.72 44.56
N2 NAG T . -29.94 -7.78 43.01
O3 NAG T . -28.46 -6.15 44.81
O4 NAG T . -25.68 -6.83 45.15
O5 NAG T . -27.14 -10.01 44.02
O6 NAG T . -25.53 -9.86 46.51
O7 NAG T . -32.12 -7.49 42.59
#